data_7WJM
#
_entry.id   7WJM
#
_cell.length_a   1.00
_cell.length_b   1.00
_cell.length_c   1.00
_cell.angle_alpha   90.00
_cell.angle_beta   90.00
_cell.angle_gamma   90.00
#
_symmetry.space_group_name_H-M   'P 1'
#
_entity_poly.entity_id   1
_entity_poly.type   'polypeptide(L)'
_entity_poly.pdbx_seq_one_letter_code
;MSGAPPPSSGFAPRSYGQQPLSHAPRSSMMSVEYDGIPLPPPSIRSCGSQQYVTSYIPTGAAFPPSSVQDMISSMKSYAS
ATDLVRTYSEIPSVEEALSTLDRAAAALNARRYRDALKLYLEGGYAMANVAERQANPKICNLLTSKGFETLNWCARLCDW
IEGRIKEKHPRPGVHKVGIPVSNWDEDWVGPFMDEEEARRMWYTPVYCPHPIDFSNLGYRLRCVETGRRPRLMICITMYN
EGPQQLKATLKKLANNLAYLKEQMPGDEKSLTGAFAGDDVWQNVLVCIVADGREQVHPKTLDYLEAIGLYDEDLLTINSA
GIGAQCHLFEHTLQLSVNGKCLLPIQTVFALKENKASKLDSHHWYFNAFAEQIQPEYTAVMDVGTMLTKSALYHLLFAFE
RNHQIGGACGQLTVDNPFENLSNWVISAQHFEYKISNILDKSLESCFGFISVLPGAFSAYRYEAIRGAPLDAYFQTLNIE
LDVLGPFIGNMYLAEDRILSFEVVARKNCNWTMHYVKDAVARTDVPHDLVGLISQRKRWLNGAFFATLFSIWNWGRIYSE
SKHTFVRKMAFLVFYVYHLLYTAFGFFLPANLYLALFFIVFQGFQQNRLEFIDTSEYSQTVLDCAVYIYNFSYLFGLLML
IIIGLGNNPKHMKLTYYFVGAVFGLMMMLSSLVGAGIFFSTPATVHSIVVSILTVGVYFIASALHGEVHHIFMTFTHYTA
LIPSFVNIFTIYSFCNLQDLSWGTKGLHDDPLLAASLDETEKGDFKDVIAKRRALEELRREEKERVENRKKNFEAFRTNV
LLTWAFSNLIFALFVVYFASSSTYMPVLYIFVASLNTCRLLGSIGHWVYIHTEGLRGRVIDKSECGNGTGRYPQNSYVQL
EEHYAALAEDQRTYASGRTNASVRTVNDVSSAA
;
_entity_poly.pdbx_strand_id   A,B
#
# COMPACT_ATOMS: atom_id res chain seq x y z
N PRO A 38 -29.81 -35.16 -34.08
CA PRO A 38 -28.70 -35.59 -34.93
C PRO A 38 -28.62 -34.81 -36.24
N LEU A 39 -27.65 -33.91 -36.34
CA LEU A 39 -27.45 -33.10 -37.52
C LEU A 39 -25.96 -32.96 -37.80
N PRO A 40 -25.58 -32.84 -39.06
CA PRO A 40 -24.15 -32.71 -39.40
C PRO A 40 -23.58 -31.40 -38.89
N PRO A 41 -22.25 -31.35 -38.67
CA PRO A 41 -21.65 -30.11 -38.21
C PRO A 41 -21.75 -29.02 -39.28
N PRO A 42 -21.76 -27.75 -38.86
CA PRO A 42 -21.78 -26.67 -39.86
C PRO A 42 -20.55 -26.70 -40.74
N SER A 43 -20.73 -26.35 -42.01
CA SER A 43 -19.67 -26.44 -43.01
C SER A 43 -18.72 -25.26 -42.86
N ILE A 44 -17.92 -25.31 -41.80
CA ILE A 44 -16.91 -24.31 -41.51
C ILE A 44 -15.60 -25.03 -41.20
N ARG A 45 -14.66 -25.00 -42.14
CA ARG A 45 -13.35 -25.60 -41.96
C ARG A 45 -12.25 -24.57 -41.72
N SER A 46 -12.61 -23.28 -41.68
CA SER A 46 -11.65 -22.19 -41.50
C SER A 46 -12.11 -21.35 -40.32
N CYS A 47 -11.70 -21.72 -39.11
CA CYS A 47 -12.05 -20.98 -37.91
C CYS A 47 -10.97 -19.99 -37.50
N GLY A 48 -9.70 -20.42 -37.47
CA GLY A 48 -8.61 -19.53 -37.15
C GLY A 48 -7.84 -19.08 -38.37
N SER A 49 -8.13 -19.68 -39.53
CA SER A 49 -7.45 -19.30 -40.75
C SER A 49 -7.91 -17.92 -41.23
N GLN A 50 -9.22 -17.69 -41.25
CA GLN A 50 -9.75 -16.43 -41.72
C GLN A 50 -9.76 -15.40 -40.59
N GLN A 51 -10.06 -14.15 -40.96
CA GLN A 51 -10.05 -13.06 -40.00
C GLN A 51 -11.25 -13.13 -39.07
N TYR A 52 -12.43 -13.44 -39.60
CA TYR A 52 -13.66 -13.39 -38.82
C TYR A 52 -14.66 -14.38 -39.40
N VAL A 53 -15.14 -15.30 -38.57
CA VAL A 53 -16.09 -16.33 -38.99
C VAL A 53 -17.17 -16.47 -37.91
N THR A 54 -18.42 -16.54 -38.35
CA THR A 54 -19.57 -16.71 -37.46
C THR A 54 -20.10 -18.13 -37.60
N SER A 55 -20.39 -18.78 -36.47
CA SER A 55 -20.83 -20.16 -36.46
C SER A 55 -21.92 -20.36 -35.42
N TYR A 56 -22.69 -21.43 -35.60
CA TYR A 56 -23.73 -21.84 -34.67
C TYR A 56 -23.48 -23.29 -34.26
N ILE A 57 -23.42 -23.52 -32.95
CA ILE A 57 -23.12 -24.84 -32.40
C ILE A 57 -24.35 -25.33 -31.65
N PRO A 58 -25.12 -26.26 -32.19
CA PRO A 58 -26.33 -26.74 -31.51
C PRO A 58 -25.98 -27.73 -30.41
N THR A 59 -26.31 -27.39 -29.18
CA THR A 59 -26.08 -28.26 -28.04
C THR A 59 -27.24 -29.22 -27.85
N GLY A 60 -26.92 -30.43 -27.39
CA GLY A 60 -27.90 -31.47 -27.20
C GLY A 60 -27.97 -32.50 -28.32
N ALA A 61 -27.36 -32.20 -29.48
CA ALA A 61 -27.37 -33.13 -30.59
C ALA A 61 -26.37 -34.26 -30.39
N ALA A 62 -25.22 -33.96 -29.77
CA ALA A 62 -24.14 -34.89 -29.45
C ALA A 62 -23.37 -35.36 -30.68
N PHE A 63 -23.79 -34.96 -31.89
CA PHE A 63 -23.09 -35.17 -33.15
C PHE A 63 -23.06 -36.65 -33.56
N PRO A 64 -22.80 -36.94 -34.83
CA PRO A 64 -22.46 -38.31 -35.21
C PRO A 64 -20.95 -38.49 -35.24
N PRO A 65 -20.45 -39.62 -34.71
CA PRO A 65 -19.00 -39.86 -34.77
C PRO A 65 -18.47 -39.99 -36.19
N SER A 66 -19.25 -40.55 -37.11
CA SER A 66 -18.76 -40.77 -38.46
C SER A 66 -18.49 -39.46 -39.19
N SER A 67 -19.38 -38.47 -39.03
CA SER A 67 -19.17 -37.18 -39.68
C SER A 67 -17.92 -36.48 -39.15
N VAL A 68 -17.71 -36.52 -37.83
CA VAL A 68 -16.53 -35.91 -37.25
C VAL A 68 -15.27 -36.61 -37.73
N GLN A 69 -15.31 -37.95 -37.80
CA GLN A 69 -14.16 -38.70 -38.29
C GLN A 69 -13.86 -38.35 -39.74
N ASP A 70 -14.90 -38.22 -40.56
CA ASP A 70 -14.69 -37.83 -41.96
C ASP A 70 -14.11 -36.42 -42.06
N MET A 71 -14.58 -35.50 -41.22
CA MET A 71 -14.02 -34.15 -41.22
C MET A 71 -12.55 -34.16 -40.82
N ILE A 72 -12.20 -34.97 -39.82
CA ILE A 72 -10.81 -35.05 -39.38
C ILE A 72 -9.94 -35.63 -40.49
N SER A 73 -10.40 -36.72 -41.13
CA SER A 73 -9.61 -37.39 -42.15
C SER A 73 -9.41 -36.55 -43.40
N SER A 74 -10.20 -35.48 -43.58
CA SER A 74 -10.12 -34.64 -44.76
C SER A 74 -9.15 -33.48 -44.60
N MET A 75 -8.22 -33.57 -43.66
CA MET A 75 -7.25 -32.50 -43.40
C MET A 75 -5.84 -33.07 -43.51
N LYS A 76 -4.99 -32.38 -44.27
CA LYS A 76 -3.62 -32.83 -44.48
C LYS A 76 -2.55 -31.79 -44.18
N SER A 77 -2.91 -30.52 -43.99
CA SER A 77 -1.88 -29.50 -43.75
C SER A 77 -1.17 -29.71 -42.41
N TYR A 78 -1.87 -30.26 -41.41
CA TYR A 78 -1.30 -30.37 -40.08
C TYR A 78 0.04 -31.11 -40.10
N ALA A 79 0.16 -32.11 -40.97
CA ALA A 79 1.38 -32.90 -41.03
C ALA A 79 2.60 -32.00 -41.19
N SER A 80 2.53 -31.03 -42.10
CA SER A 80 3.67 -30.13 -42.29
C SER A 80 4.05 -29.48 -40.96
N ALA A 81 3.07 -28.88 -40.29
CA ALA A 81 3.37 -28.25 -39.01
C ALA A 81 4.00 -29.26 -38.05
N THR A 82 3.41 -30.46 -37.97
CA THR A 82 3.95 -31.47 -37.07
C THR A 82 5.42 -31.70 -37.38
N ASP A 83 5.74 -31.89 -38.66
CA ASP A 83 7.14 -32.15 -39.03
C ASP A 83 8.02 -31.02 -38.53
N LEU A 84 7.62 -29.78 -38.80
CA LEU A 84 8.43 -28.65 -38.36
C LEU A 84 8.63 -28.70 -36.85
N VAL A 85 7.54 -28.94 -36.11
CA VAL A 85 7.66 -28.97 -34.66
C VAL A 85 8.66 -30.04 -34.24
N ARG A 86 8.58 -31.21 -34.86
CA ARG A 86 9.51 -32.28 -34.52
C ARG A 86 10.94 -31.82 -34.73
N THR A 87 11.20 -31.18 -35.88
CA THR A 87 12.55 -30.69 -36.13
C THR A 87 12.97 -29.71 -35.04
N TYR A 88 12.07 -28.79 -34.68
CA TYR A 88 12.40 -27.83 -33.64
C TYR A 88 12.61 -28.53 -32.31
N SER A 89 11.89 -29.63 -32.08
CA SER A 89 12.04 -30.36 -30.84
C SER A 89 13.29 -31.24 -30.81
N GLU A 90 14.03 -31.32 -31.92
CA GLU A 90 15.16 -32.23 -31.97
C GLU A 90 16.25 -31.84 -30.97
N ILE A 91 16.53 -30.55 -30.87
CA ILE A 91 17.66 -30.04 -30.08
C ILE A 91 17.15 -29.46 -28.78
N PRO A 92 17.70 -29.84 -27.62
CA PRO A 92 17.31 -29.22 -26.36
C PRO A 92 18.15 -28.00 -26.03
N SER A 93 17.86 -27.34 -24.91
CA SER A 93 18.61 -26.17 -24.49
C SER A 93 18.62 -26.10 -22.97
N VAL A 94 19.56 -25.32 -22.44
CA VAL A 94 19.71 -25.18 -20.99
C VAL A 94 18.47 -24.52 -20.39
N GLU A 95 17.97 -23.46 -21.03
CA GLU A 95 16.83 -22.72 -20.49
C GLU A 95 15.61 -23.60 -20.36
N GLU A 96 15.35 -24.43 -21.37
CA GLU A 96 14.20 -25.34 -21.31
C GLU A 96 14.34 -26.32 -20.15
N ALA A 97 15.54 -26.87 -19.95
CA ALA A 97 15.75 -27.81 -18.86
C ALA A 97 15.53 -27.15 -17.51
N LEU A 98 16.07 -25.95 -17.32
CA LEU A 98 15.91 -25.25 -16.05
C LEU A 98 14.45 -24.91 -15.80
N SER A 99 13.74 -24.45 -16.84
CA SER A 99 12.32 -24.13 -16.68
C SER A 99 11.51 -25.38 -16.33
N THR A 100 11.79 -26.50 -16.97
CA THR A 100 11.07 -27.73 -16.67
C THR A 100 11.35 -28.19 -15.24
N LEU A 101 12.60 -28.05 -14.78
CA LEU A 101 12.91 -28.41 -13.40
C LEU A 101 12.19 -27.50 -12.41
N ASP A 102 12.11 -26.21 -12.72
CA ASP A 102 11.38 -25.30 -11.84
C ASP A 102 9.90 -25.66 -11.78
N ARG A 103 9.31 -25.99 -12.93
CA ARG A 103 7.91 -26.41 -12.96
C ARG A 103 7.72 -27.70 -12.17
N ALA A 104 8.68 -28.63 -12.26
CA ALA A 104 8.62 -29.86 -11.50
C ALA A 104 8.64 -29.58 -10.00
N ALA A 105 9.51 -28.66 -9.57
CA ALA A 105 9.56 -28.29 -8.16
C ALA A 105 8.24 -27.67 -7.71
N ALA A 106 7.66 -26.81 -8.55
CA ALA A 106 6.37 -26.21 -8.21
C ALA A 106 5.29 -27.27 -8.09
N ALA A 107 5.28 -28.26 -8.98
CA ALA A 107 4.31 -29.34 -8.88
C ALA A 107 4.53 -30.15 -7.62
N LEU A 108 5.79 -30.43 -7.27
CA LEU A 108 6.07 -31.22 -6.07
C LEU A 108 5.61 -30.49 -4.82
N ASN A 109 5.78 -29.16 -4.78
CA ASN A 109 5.27 -28.39 -3.66
C ASN A 109 3.74 -28.44 -3.60
N ALA A 110 3.08 -28.75 -4.71
CA ALA A 110 1.63 -28.80 -4.79
C ALA A 110 1.06 -30.18 -4.48
N ARG A 111 1.91 -31.14 -4.10
CA ARG A 111 1.54 -32.49 -3.68
C ARG A 111 1.08 -33.38 -4.83
N ARG A 112 1.23 -32.95 -6.07
CA ARG A 112 0.95 -33.79 -7.22
C ARG A 112 2.24 -34.48 -7.67
N TYR A 113 2.24 -35.81 -7.66
CA TYR A 113 3.47 -36.58 -7.79
C TYR A 113 3.73 -37.11 -9.20
N ARG A 114 2.69 -37.51 -9.93
CA ARG A 114 2.91 -38.05 -11.27
C ARG A 114 3.46 -36.99 -12.22
N ASP A 115 2.86 -35.79 -12.20
CA ASP A 115 3.34 -34.71 -13.04
C ASP A 115 4.76 -34.30 -12.65
N ALA A 116 5.03 -34.27 -11.34
CA ALA A 116 6.38 -33.97 -10.88
C ALA A 116 7.37 -34.99 -11.38
N LEU A 117 7.01 -36.28 -11.34
CA LEU A 117 7.90 -37.32 -11.83
C LEU A 117 8.17 -37.17 -13.32
N LYS A 118 7.13 -36.90 -14.10
CA LYS A 118 7.32 -36.74 -15.54
C LYS A 118 8.22 -35.55 -15.84
N LEU A 119 7.97 -34.42 -15.20
CA LEU A 119 8.78 -33.24 -15.45
C LEU A 119 10.22 -33.43 -14.99
N TYR A 120 10.42 -34.11 -13.85
CA TYR A 120 11.77 -34.38 -13.39
C TYR A 120 12.53 -35.27 -14.35
N LEU A 121 11.87 -36.32 -14.87
CA LEU A 121 12.52 -37.19 -15.85
C LEU A 121 12.89 -36.41 -17.11
N GLU A 122 11.96 -35.59 -17.61
CA GLU A 122 12.23 -34.81 -18.81
C GLU A 122 13.42 -33.88 -18.59
N GLY A 123 13.43 -33.17 -17.46
CA GLY A 123 14.53 -32.26 -17.18
C GLY A 123 15.86 -32.96 -17.02
N GLY A 124 15.87 -34.11 -16.35
CA GLY A 124 17.11 -34.85 -16.19
C GLY A 124 17.67 -35.31 -17.52
N TYR A 125 16.82 -35.87 -18.38
CA TYR A 125 17.29 -36.29 -19.69
C TYR A 125 17.78 -35.11 -20.51
N ALA A 126 17.06 -33.98 -20.43
CA ALA A 126 17.47 -32.79 -21.18
C ALA A 126 18.85 -32.30 -20.73
N MET A 127 19.08 -32.24 -19.41
CA MET A 127 20.38 -31.79 -18.92
C MET A 127 21.48 -32.76 -19.30
N ALA A 128 21.20 -34.07 -19.22
CA ALA A 128 22.20 -35.06 -19.59
C ALA A 128 22.60 -34.91 -21.06
N ASN A 129 21.61 -34.67 -21.94
CA ASN A 129 21.93 -34.47 -23.34
C ASN A 129 22.70 -33.16 -23.56
N VAL A 130 22.30 -32.09 -22.87
CA VAL A 130 22.88 -30.78 -23.12
C VAL A 130 24.32 -30.70 -22.62
N ALA A 131 24.65 -31.43 -21.56
CA ALA A 131 25.95 -31.27 -20.90
C ALA A 131 27.12 -31.46 -21.87
N GLU A 132 26.94 -32.27 -22.92
CA GLU A 132 28.06 -32.55 -23.82
C GLU A 132 28.35 -31.38 -24.75
N ARG A 133 27.36 -30.54 -25.04
CA ARG A 133 27.57 -29.45 -26.00
C ARG A 133 28.53 -28.40 -25.44
N GLN A 134 28.46 -28.14 -24.14
CA GLN A 134 29.19 -27.02 -23.55
C GLN A 134 30.70 -27.20 -23.69
N ALA A 135 31.39 -26.08 -23.90
CA ALA A 135 32.85 -26.08 -24.01
C ALA A 135 33.55 -25.68 -22.74
N ASN A 136 32.87 -25.04 -21.81
CA ASN A 136 33.47 -24.66 -20.52
C ASN A 136 33.49 -25.88 -19.61
N PRO A 137 34.66 -26.32 -19.14
CA PRO A 137 34.72 -27.55 -18.33
C PRO A 137 33.87 -27.50 -17.06
N LYS A 138 33.84 -26.36 -16.37
CA LYS A 138 33.06 -26.26 -15.14
C LYS A 138 31.58 -26.51 -15.41
N ILE A 139 31.06 -25.89 -16.46
CA ILE A 139 29.65 -26.06 -16.81
C ILE A 139 29.36 -27.50 -17.16
N CYS A 140 30.25 -28.14 -17.93
CA CYS A 140 30.04 -29.53 -18.30
C CYS A 140 29.98 -30.43 -17.06
N ASN A 141 30.92 -30.26 -16.15
CA ASN A 141 30.95 -31.11 -14.95
C ASN A 141 29.71 -30.88 -14.10
N LEU A 142 29.35 -29.61 -13.88
CA LEU A 142 28.18 -29.33 -13.06
C LEU A 142 26.90 -29.88 -13.67
N LEU A 143 26.74 -29.72 -14.99
CA LEU A 143 25.54 -30.24 -15.65
C LEU A 143 25.48 -31.76 -15.56
N THR A 144 26.62 -32.44 -15.75
CA THR A 144 26.64 -33.90 -15.65
C THR A 144 26.22 -34.34 -14.24
N SER A 145 26.79 -33.71 -13.22
CA SER A 145 26.45 -34.07 -11.85
C SER A 145 24.97 -33.83 -11.57
N LYS A 146 24.45 -32.69 -12.02
CA LYS A 146 23.03 -32.39 -11.79
C LYS A 146 22.13 -33.40 -12.49
N GLY A 147 22.48 -33.80 -13.72
CA GLY A 147 21.69 -34.79 -14.41
C GLY A 147 21.66 -36.12 -13.68
N PHE A 148 22.83 -36.58 -13.21
CA PHE A 148 22.86 -37.84 -12.47
C PHE A 148 22.03 -37.76 -11.20
N GLU A 149 22.14 -36.65 -10.46
CA GLU A 149 21.36 -36.49 -9.24
C GLU A 149 19.86 -36.50 -9.55
N THR A 150 19.45 -35.80 -10.61
CA THR A 150 18.04 -35.76 -10.96
C THR A 150 17.52 -37.14 -11.32
N LEU A 151 18.30 -37.90 -12.09
CA LEU A 151 17.84 -39.24 -12.46
C LEU A 151 17.71 -40.15 -11.23
N ASN A 152 18.68 -40.08 -10.31
CA ASN A 152 18.58 -40.87 -9.09
C ASN A 152 17.36 -40.49 -8.27
N TRP A 153 17.08 -39.20 -8.16
CA TRP A 153 15.89 -38.76 -7.43
C TRP A 153 14.63 -39.25 -8.12
N CYS A 154 14.61 -39.23 -9.46
CA CYS A 154 13.44 -39.75 -10.17
C CYS A 154 13.21 -41.22 -9.86
N ALA A 155 14.28 -42.01 -9.86
CA ALA A 155 14.14 -43.43 -9.54
C ALA A 155 13.61 -43.63 -8.12
N ARG A 156 14.13 -42.87 -7.16
CA ARG A 156 13.68 -43.01 -5.79
C ARG A 156 12.21 -42.61 -5.65
N LEU A 157 11.80 -41.54 -6.32
CA LEU A 157 10.41 -41.11 -6.26
C LEU A 157 9.48 -42.14 -6.88
N CYS A 158 9.90 -42.75 -8.00
CA CYS A 158 9.10 -43.81 -8.59
C CYS A 158 8.95 -44.98 -7.63
N ASP A 159 10.03 -45.37 -6.97
CA ASP A 159 9.96 -46.45 -5.99
C ASP A 159 9.00 -46.10 -4.86
N TRP A 160 9.03 -44.85 -4.39
CA TRP A 160 8.11 -44.43 -3.34
C TRP A 160 6.67 -44.47 -3.81
N ILE A 161 6.41 -44.00 -5.03
CA ILE A 161 5.04 -43.99 -5.55
C ILE A 161 4.51 -45.41 -5.68
N GLU A 162 5.37 -46.36 -6.06
CA GLU A 162 4.94 -47.74 -6.14
C GLU A 162 4.54 -48.31 -4.77
N GLY A 163 4.96 -47.67 -3.68
CA GLY A 163 4.68 -48.14 -2.34
C GLY A 163 5.77 -48.96 -1.72
N ARG A 164 6.91 -49.12 -2.39
CA ARG A 164 8.01 -49.92 -1.84
C ARG A 164 8.58 -49.27 -0.58
N ILE A 165 8.73 -47.94 -0.60
CA ILE A 165 9.34 -47.19 0.49
C ILE A 165 8.27 -46.35 1.17
N LYS A 166 8.28 -46.35 2.50
CA LYS A 166 7.34 -45.55 3.29
C LYS A 166 8.06 -44.32 3.82
N GLU A 167 7.59 -43.14 3.41
CA GLU A 167 8.15 -41.88 3.86
C GLU A 167 7.05 -40.84 3.90
N LYS A 168 7.33 -39.72 4.54
CA LYS A 168 6.42 -38.58 4.60
C LYS A 168 7.11 -37.36 4.01
N HIS A 169 6.42 -36.69 3.09
CA HIS A 169 6.96 -35.52 2.39
C HIS A 169 8.30 -35.83 1.71
N PRO A 170 8.33 -36.73 0.74
CA PRO A 170 9.60 -37.05 0.08
C PRO A 170 10.15 -35.84 -0.65
N ARG A 171 11.46 -35.65 -0.55
CA ARG A 171 12.16 -34.53 -1.15
C ARG A 171 13.46 -35.03 -1.75
N PRO A 172 14.03 -34.30 -2.70
CA PRO A 172 15.34 -34.70 -3.25
C PRO A 172 16.39 -34.74 -2.16
N GLY A 173 17.32 -35.68 -2.29
CA GLY A 173 18.36 -35.85 -1.30
C GLY A 173 19.31 -34.66 -1.25
N VAL A 174 19.90 -34.45 -0.08
CA VAL A 174 20.84 -33.36 0.12
C VAL A 174 22.17 -33.72 -0.52
N HIS A 175 22.81 -32.73 -1.15
CA HIS A 175 24.06 -32.99 -1.86
C HIS A 175 24.84 -31.67 -1.89
N LYS A 176 25.84 -31.54 -1.02
CA LYS A 176 26.68 -30.35 -0.99
C LYS A 176 27.87 -30.55 -1.90
N VAL A 177 28.27 -29.48 -2.59
CA VAL A 177 29.30 -29.53 -3.61
C VAL A 177 30.45 -28.63 -3.19
N GLY A 178 31.66 -29.15 -3.24
CA GLY A 178 32.87 -28.39 -2.97
C GLY A 178 33.65 -28.16 -4.26
N ILE A 179 34.03 -26.91 -4.49
CA ILE A 179 34.77 -26.57 -5.70
C ILE A 179 35.99 -25.73 -5.36
N PRO A 180 37.03 -25.75 -6.20
CA PRO A 180 38.19 -24.89 -5.94
C PRO A 180 37.81 -23.42 -6.03
N VAL A 181 38.48 -22.61 -5.24
CA VAL A 181 38.29 -21.17 -5.26
C VAL A 181 38.97 -20.59 -6.50
N SER A 182 38.31 -19.61 -7.13
CA SER A 182 38.80 -19.08 -8.39
C SER A 182 40.15 -18.38 -8.22
N ASN A 183 40.25 -17.50 -7.22
CA ASN A 183 41.46 -16.72 -6.99
C ASN A 183 42.06 -17.11 -5.65
N TRP A 184 43.34 -17.49 -5.67
CA TRP A 184 44.04 -17.92 -4.46
C TRP A 184 45.35 -17.16 -4.36
N ASP A 185 45.62 -16.59 -3.19
CA ASP A 185 46.82 -15.79 -2.96
C ASP A 185 47.97 -16.72 -2.57
N GLU A 186 48.91 -16.91 -3.50
CA GLU A 186 50.07 -17.75 -3.21
C GLU A 186 50.95 -17.12 -2.13
N ASP A 187 51.12 -15.81 -2.16
CA ASP A 187 52.00 -15.12 -1.22
C ASP A 187 51.22 -14.75 0.05
N TRP A 188 50.84 -15.78 0.79
CA TRP A 188 50.13 -15.62 2.05
C TRP A 188 50.68 -16.61 3.06
N VAL A 189 50.93 -16.14 4.28
CA VAL A 189 51.54 -16.95 5.33
C VAL A 189 50.57 -17.04 6.50
N GLY A 190 50.27 -18.26 6.92
CA GLY A 190 49.39 -18.48 8.04
C GLY A 190 49.95 -19.55 8.97
N PRO A 191 49.24 -19.82 10.06
CA PRO A 191 49.73 -20.83 11.02
C PRO A 191 49.92 -22.19 10.39
N PHE A 192 48.83 -22.77 9.89
CA PHE A 192 48.85 -24.01 9.15
C PHE A 192 47.46 -24.24 8.58
N MET A 193 47.39 -24.71 7.34
CA MET A 193 46.12 -24.90 6.66
C MET A 193 46.17 -26.16 5.81
N ASP A 194 45.21 -27.05 6.02
CA ASP A 194 45.07 -28.21 5.15
C ASP A 194 44.62 -27.75 3.76
N GLU A 195 45.17 -28.40 2.73
CA GLU A 195 44.89 -27.98 1.36
C GLU A 195 43.40 -28.08 1.04
N GLU A 196 42.75 -29.14 1.52
CA GLU A 196 41.31 -29.29 1.32
C GLU A 196 40.55 -28.12 1.94
N GLU A 197 40.95 -27.71 3.15
CA GLU A 197 40.31 -26.57 3.79
C GLU A 197 40.73 -25.25 3.15
N ALA A 198 41.98 -25.17 2.69
CA ALA A 198 42.51 -23.88 2.23
C ALA A 198 42.01 -23.52 0.84
N ARG A 199 41.82 -24.50 -0.05
CA ARG A 199 41.60 -24.22 -1.46
C ARG A 199 40.25 -24.68 -1.98
N ARG A 200 39.33 -25.10 -1.11
CA ARG A 200 38.02 -25.58 -1.54
C ARG A 200 36.93 -24.84 -0.77
N MET A 201 35.95 -24.32 -1.49
CA MET A 201 34.77 -23.70 -0.90
C MET A 201 33.57 -24.62 -1.10
N TRP A 202 32.71 -24.70 -0.09
CA TRP A 202 31.60 -25.64 -0.13
C TRP A 202 30.27 -24.90 -0.22
N TYR A 203 29.30 -25.52 -0.89
CA TYR A 203 28.01 -24.89 -1.11
C TYR A 203 26.89 -25.92 -0.96
N THR A 204 25.77 -25.50 -0.37
CA THR A 204 24.58 -26.34 -0.41
C THR A 204 23.33 -25.51 -0.26
N PRO A 205 22.27 -25.81 -0.99
CA PRO A 205 20.97 -25.16 -0.76
C PRO A 205 20.10 -25.98 0.17
N VAL A 206 19.38 -25.30 1.06
CA VAL A 206 18.54 -25.99 2.03
C VAL A 206 17.08 -25.68 1.74
N TYR A 207 16.21 -26.61 2.16
CA TYR A 207 14.78 -26.49 1.98
C TYR A 207 14.00 -26.31 3.27
N CYS A 208 14.60 -26.58 4.43
CA CYS A 208 13.95 -26.62 5.72
C CYS A 208 13.00 -25.44 5.92
N PRO A 209 11.69 -25.68 5.97
CA PRO A 209 10.74 -24.56 6.10
C PRO A 209 10.67 -24.01 7.52
N HIS A 210 10.76 -24.89 8.52
CA HIS A 210 10.82 -24.49 9.91
C HIS A 210 12.23 -24.71 10.43
N PRO A 211 12.96 -23.65 10.80
CA PRO A 211 14.40 -23.81 11.06
C PRO A 211 14.74 -24.78 12.17
N ILE A 212 13.77 -25.13 13.03
CA ILE A 212 14.05 -26.06 14.12
C ILE A 212 14.38 -27.45 13.60
N ASP A 213 13.96 -27.77 12.37
CA ASP A 213 14.19 -29.09 11.78
C ASP A 213 15.46 -29.15 10.93
N PHE A 214 16.36 -28.19 11.10
CA PHE A 214 17.57 -28.16 10.27
C PHE A 214 18.42 -29.40 10.49
N SER A 215 18.57 -29.84 11.74
CA SER A 215 19.42 -30.99 12.03
C SER A 215 18.73 -32.30 11.69
N ASN A 216 17.40 -32.38 11.83
CA ASN A 216 16.70 -33.64 11.57
C ASN A 216 16.75 -34.02 10.10
N LEU A 217 16.64 -33.04 9.20
CA LEU A 217 16.58 -33.35 7.78
C LEU A 217 17.91 -33.84 7.22
N GLY A 218 19.00 -33.75 7.98
CA GLY A 218 20.27 -34.31 7.56
C GLY A 218 21.31 -33.33 7.09
N TYR A 219 21.11 -32.03 7.31
CA TYR A 219 22.11 -31.05 6.93
C TYR A 219 23.27 -31.05 7.91
N ARG A 220 24.41 -30.53 7.45
CA ARG A 220 25.62 -30.55 8.25
C ARG A 220 26.49 -29.36 7.87
N LEU A 221 27.42 -29.01 8.76
CA LEU A 221 28.35 -27.91 8.55
C LEU A 221 29.77 -28.45 8.47
N ARG A 222 30.65 -27.69 7.81
CA ARG A 222 32.03 -28.11 7.65
C ARG A 222 32.75 -28.22 8.99
N CYS A 223 32.50 -27.28 9.90
CA CYS A 223 33.16 -27.31 11.20
C CYS A 223 32.78 -28.57 11.98
N VAL A 224 31.49 -28.92 11.96
CA VAL A 224 31.04 -30.12 12.66
C VAL A 224 31.57 -31.38 11.96
N GLU A 225 31.57 -31.37 10.63
CA GLU A 225 32.04 -32.53 9.88
C GLU A 225 33.52 -32.80 10.15
N THR A 226 34.34 -31.75 10.20
CA THR A 226 35.77 -31.92 10.37
C THR A 226 36.16 -32.27 11.80
N GLY A 227 35.25 -32.15 12.75
CA GLY A 227 35.52 -32.48 14.14
C GLY A 227 35.77 -31.30 15.04
N ARG A 228 35.92 -30.10 14.49
CA ARG A 228 36.11 -28.92 15.31
C ARG A 228 34.84 -28.58 16.07
N ARG A 229 35.02 -28.05 17.28
CA ARG A 229 33.91 -27.70 18.16
C ARG A 229 34.11 -26.27 18.64
N PRO A 230 33.74 -25.28 17.83
CA PRO A 230 33.92 -23.88 18.24
C PRO A 230 33.08 -23.55 19.47
N ARG A 231 33.61 -22.66 20.30
CA ARG A 231 32.95 -22.27 21.54
C ARG A 231 32.30 -20.89 21.49
N LEU A 232 32.67 -20.04 20.53
CA LEU A 232 32.12 -18.71 20.41
C LEU A 232 31.58 -18.50 19.00
N MET A 233 30.43 -17.86 18.90
CA MET A 233 29.81 -17.58 17.61
C MET A 233 29.45 -16.11 17.52
N ILE A 234 29.52 -15.58 16.30
CA ILE A 234 29.20 -14.18 16.03
C ILE A 234 28.28 -14.13 14.82
N CYS A 235 27.22 -13.33 14.91
CA CYS A 235 26.27 -13.15 13.83
C CYS A 235 26.37 -11.73 13.29
N ILE A 236 26.48 -11.60 11.97
CA ILE A 236 26.65 -10.30 11.31
C ILE A 236 25.52 -10.17 10.30
N THR A 237 24.42 -9.54 10.71
CA THR A 237 23.29 -9.34 9.82
C THR A 237 23.62 -8.27 8.78
N MET A 238 23.17 -8.50 7.55
CA MET A 238 23.46 -7.61 6.44
C MET A 238 22.20 -7.40 5.60
N TYR A 239 21.99 -6.16 5.15
CA TYR A 239 20.89 -5.85 4.26
C TYR A 239 21.19 -4.52 3.57
N ASN A 240 21.45 -4.59 2.26
CA ASN A 240 21.63 -3.40 1.43
C ASN A 240 22.77 -2.52 1.96
N GLU A 241 23.98 -3.07 1.93
CA GLU A 241 25.16 -2.39 2.43
C GLU A 241 26.27 -2.43 1.38
N GLY A 242 27.12 -1.42 1.40
CA GLY A 242 28.26 -1.36 0.52
C GLY A 242 29.39 -2.27 1.01
N PRO A 243 30.31 -2.60 0.10
CA PRO A 243 31.41 -3.50 0.49
C PRO A 243 32.33 -2.93 1.55
N GLN A 244 32.43 -1.61 1.66
CA GLN A 244 33.41 -1.01 2.57
C GLN A 244 33.11 -1.35 4.02
N GLN A 245 31.83 -1.30 4.41
CA GLN A 245 31.47 -1.61 5.79
C GLN A 245 31.82 -3.05 6.14
N LEU A 246 31.50 -3.99 5.26
CA LEU A 246 31.83 -5.39 5.51
C LEU A 246 33.33 -5.59 5.58
N LYS A 247 34.09 -4.94 4.69
CA LYS A 247 35.54 -5.06 4.73
C LYS A 247 36.11 -4.56 6.04
N ALA A 248 35.62 -3.40 6.51
CA ALA A 248 36.10 -2.85 7.77
C ALA A 248 35.76 -3.77 8.94
N THR A 249 34.54 -4.32 8.95
CA THR A 249 34.14 -5.21 10.03
C THR A 249 35.02 -6.45 10.07
N LEU A 250 35.29 -7.05 8.91
CA LEU A 250 36.12 -8.24 8.88
C LEU A 250 37.55 -7.93 9.32
N LYS A 251 38.10 -6.79 8.88
CA LYS A 251 39.44 -6.42 9.30
C LYS A 251 39.51 -6.24 10.81
N LYS A 252 38.50 -5.59 11.40
CA LYS A 252 38.49 -5.39 12.84
C LYS A 252 38.39 -6.72 13.59
N LEU A 253 37.56 -7.64 13.10
CA LEU A 253 37.48 -8.95 13.75
C LEU A 253 38.80 -9.70 13.67
N ALA A 254 39.49 -9.61 12.52
CA ALA A 254 40.81 -10.24 12.42
C ALA A 254 41.79 -9.63 13.40
N ASN A 255 41.75 -8.30 13.57
CA ASN A 255 42.62 -7.65 14.54
C ASN A 255 42.32 -8.14 15.96
N ASN A 256 41.03 -8.30 16.28
CA ASN A 256 40.67 -8.80 17.61
C ASN A 256 41.21 -10.20 17.83
N LEU A 257 41.11 -11.07 16.81
CA LEU A 257 41.66 -12.41 16.94
C LEU A 257 43.17 -12.37 17.14
N ALA A 258 43.85 -11.50 16.40
CA ALA A 258 45.30 -11.37 16.57
C ALA A 258 45.66 -10.93 17.99
N TYR A 259 44.94 -9.94 18.52
CA TYR A 259 45.21 -9.49 19.88
C TYR A 259 44.96 -10.61 20.89
N LEU A 260 43.89 -11.37 20.70
CA LEU A 260 43.60 -12.48 21.61
C LEU A 260 44.72 -13.52 21.56
N LYS A 261 45.26 -13.78 20.38
CA LYS A 261 46.34 -14.75 20.27
C LYS A 261 47.61 -14.24 20.93
N GLU A 262 47.90 -12.95 20.80
CA GLU A 262 49.19 -12.41 21.23
C GLU A 262 49.39 -12.43 22.75
N GLN A 263 48.32 -12.54 23.53
CA GLN A 263 48.45 -12.41 24.97
C GLN A 263 49.27 -13.57 25.54
N MET A 264 50.10 -13.26 26.54
CA MET A 264 51.02 -14.21 27.14
C MET A 264 50.34 -14.99 28.27
N PRO A 265 50.80 -16.20 28.55
CA PRO A 265 50.27 -16.97 29.67
C PRO A 265 51.02 -16.67 30.97
N GLY A 266 50.52 -17.26 32.05
CA GLY A 266 51.14 -17.11 33.36
C GLY A 266 50.75 -15.88 34.14
N ASP A 267 49.88 -15.03 33.59
CA ASP A 267 49.45 -13.81 34.26
C ASP A 267 48.04 -13.98 34.81
N GLU A 268 47.74 -13.17 35.83
CA GLU A 268 46.39 -13.19 36.40
C GLU A 268 45.36 -12.68 35.41
N LYS A 269 45.73 -11.67 34.61
CA LYS A 269 44.78 -11.09 33.66
C LYS A 269 44.51 -12.03 32.49
N SER A 270 45.47 -12.86 32.12
CA SER A 270 45.35 -13.69 30.93
C SER A 270 44.23 -14.72 31.11
N LEU A 271 43.49 -14.96 30.02
CA LEU A 271 42.46 -15.97 30.00
C LEU A 271 43.09 -17.36 29.91
N THR A 272 42.37 -18.35 30.44
CA THR A 272 42.83 -19.73 30.44
C THR A 272 41.79 -20.62 29.79
N GLY A 273 42.26 -21.58 28.99
CA GLY A 273 41.36 -22.54 28.38
C GLY A 273 41.33 -22.50 26.86
N ALA A 274 40.13 -22.51 26.29
CA ALA A 274 39.95 -22.59 24.85
C ALA A 274 40.34 -21.31 24.13
N PHE A 275 40.60 -20.22 24.85
CA PHE A 275 40.93 -18.94 24.25
C PHE A 275 42.40 -18.57 24.46
N ALA A 276 43.27 -19.57 24.48
CA ALA A 276 44.71 -19.34 24.62
C ALA A 276 45.30 -18.95 23.26
N GLY A 277 46.63 -18.94 23.17
CA GLY A 277 47.28 -18.54 21.95
C GLY A 277 47.55 -19.68 20.98
N ASP A 278 47.81 -19.31 19.73
CA ASP A 278 48.18 -20.18 18.62
C ASP A 278 47.06 -21.08 18.15
N ASP A 279 45.92 -21.14 18.85
CA ASP A 279 44.79 -21.93 18.37
C ASP A 279 43.46 -21.19 18.56
N VAL A 280 43.49 -19.88 18.78
CA VAL A 280 42.25 -19.14 19.02
C VAL A 280 41.37 -19.13 17.79
N TRP A 281 41.98 -19.08 16.60
CA TRP A 281 41.20 -18.96 15.37
C TRP A 281 40.36 -20.19 15.06
N GLN A 282 40.60 -21.31 15.75
CA GLN A 282 39.82 -22.52 15.53
C GLN A 282 38.59 -22.61 16.43
N ASN A 283 38.44 -21.70 17.39
CA ASN A 283 37.32 -21.75 18.33
C ASN A 283 36.29 -20.66 18.07
N VAL A 284 36.41 -19.93 16.96
CA VAL A 284 35.49 -18.83 16.64
C VAL A 284 34.94 -19.07 15.23
N LEU A 285 33.63 -18.93 15.08
CA LEU A 285 32.94 -19.07 13.81
C LEU A 285 32.14 -17.81 13.54
N VAL A 286 32.13 -17.36 12.29
CA VAL A 286 31.44 -16.13 11.91
C VAL A 286 30.36 -16.46 10.90
N CYS A 287 29.12 -16.07 11.20
CA CYS A 287 27.97 -16.29 10.34
C CYS A 287 27.53 -14.95 9.74
N ILE A 288 27.46 -14.89 8.42
CA ILE A 288 27.00 -13.69 7.72
C ILE A 288 25.66 -14.04 7.08
N VAL A 289 24.59 -13.41 7.56
CA VAL A 289 23.24 -13.71 7.10
C VAL A 289 22.73 -12.51 6.32
N ALA A 290 22.52 -12.71 5.02
CA ALA A 290 21.92 -11.69 4.17
C ALA A 290 20.39 -11.81 4.22
N ASP A 291 19.72 -10.79 3.72
CA ASP A 291 18.28 -10.70 3.88
C ASP A 291 17.48 -11.04 2.62
N GLY A 292 18.08 -10.92 1.44
CA GLY A 292 17.37 -11.25 0.22
C GLY A 292 18.17 -10.96 -1.03
N ARG A 293 18.11 -11.88 -2.01
CA ARG A 293 18.93 -11.73 -3.21
C ARG A 293 18.57 -10.47 -3.98
N GLU A 294 17.30 -10.08 -3.95
CA GLU A 294 16.88 -8.89 -4.71
C GLU A 294 17.50 -7.62 -4.17
N GLN A 295 17.61 -7.49 -2.85
CA GLN A 295 18.03 -6.25 -2.23
C GLN A 295 19.54 -6.15 -2.00
N VAL A 296 20.30 -7.22 -2.26
CA VAL A 296 21.72 -7.18 -1.99
C VAL A 296 22.43 -6.31 -3.03
N HIS A 297 23.30 -5.43 -2.56
CA HIS A 297 24.04 -4.56 -3.46
C HIS A 297 24.97 -5.40 -4.34
N PRO A 298 24.97 -5.18 -5.66
CA PRO A 298 25.81 -6.02 -6.54
C PRO A 298 27.29 -5.97 -6.21
N LYS A 299 27.81 -4.80 -5.82
CA LYS A 299 29.22 -4.71 -5.48
C LYS A 299 29.56 -5.54 -4.26
N THR A 300 28.61 -5.68 -3.33
CA THR A 300 28.82 -6.58 -2.20
C THR A 300 28.99 -8.02 -2.67
N LEU A 301 28.17 -8.44 -3.63
CA LEU A 301 28.30 -9.79 -4.18
C LEU A 301 29.64 -9.96 -4.90
N ASP A 302 30.07 -8.93 -5.63
CA ASP A 302 31.36 -9.00 -6.30
C ASP A 302 32.49 -9.15 -5.30
N TYR A 303 32.45 -8.37 -4.21
CA TYR A 303 33.49 -8.47 -3.19
C TYR A 303 33.47 -9.83 -2.51
N LEU A 304 32.27 -10.35 -2.22
CA LEU A 304 32.17 -11.67 -1.60
C LEU A 304 32.74 -12.75 -2.51
N GLU A 305 32.46 -12.66 -3.81
CA GLU A 305 33.03 -13.60 -4.76
C GLU A 305 34.55 -13.46 -4.84
N ALA A 306 35.07 -12.24 -4.65
CA ALA A 306 36.50 -12.03 -4.72
C ALA A 306 37.24 -12.79 -3.63
N ILE A 307 36.68 -12.78 -2.41
CA ILE A 307 37.36 -13.40 -1.27
C ILE A 307 37.02 -14.89 -1.20
N GLY A 308 36.33 -15.39 -2.22
CA GLY A 308 36.01 -16.80 -2.30
C GLY A 308 34.87 -17.22 -1.38
N LEU A 309 33.73 -16.57 -1.51
CA LEU A 309 32.57 -16.91 -0.69
C LEU A 309 31.27 -16.86 -1.48
N TYR A 310 31.32 -16.81 -2.81
CA TYR A 310 30.12 -16.71 -3.62
C TYR A 310 30.45 -17.11 -5.05
N ASP A 311 29.48 -17.74 -5.72
CA ASP A 311 29.65 -18.12 -7.12
C ASP A 311 28.27 -18.23 -7.75
N GLU A 312 28.04 -17.49 -8.82
CA GLU A 312 26.70 -17.41 -9.40
C GLU A 312 26.35 -18.65 -10.21
N ASP A 313 27.33 -19.23 -10.91
CA ASP A 313 27.05 -20.41 -11.74
C ASP A 313 26.61 -21.60 -10.90
N LEU A 314 27.29 -21.83 -9.78
CA LEU A 314 26.94 -22.95 -8.91
C LEU A 314 25.54 -22.77 -8.34
N LEU A 315 25.20 -21.56 -7.90
CA LEU A 315 23.86 -21.29 -7.39
C LEU A 315 22.81 -21.49 -8.47
N THR A 316 23.11 -21.04 -9.69
CA THR A 316 22.14 -21.18 -10.77
C THR A 316 21.89 -22.64 -11.12
N ILE A 317 22.96 -23.45 -11.15
CA ILE A 317 22.81 -24.82 -11.63
C ILE A 317 22.28 -25.74 -10.54
N ASN A 318 22.91 -25.75 -9.37
CA ASN A 318 22.61 -26.76 -8.36
C ASN A 318 21.30 -26.52 -7.63
N SER A 319 20.70 -25.35 -7.74
CA SER A 319 19.48 -25.03 -7.01
C SER A 319 18.23 -25.14 -7.87
N ALA A 320 18.32 -25.78 -9.03
CA ALA A 320 17.21 -25.77 -9.97
C ALA A 320 15.99 -26.51 -9.42
N GLY A 321 16.18 -27.75 -8.97
CA GLY A 321 15.06 -28.58 -8.60
C GLY A 321 14.58 -28.49 -7.17
N ILE A 322 15.43 -28.00 -6.27
CA ILE A 322 15.13 -28.07 -4.84
C ILE A 322 14.01 -27.10 -4.49
N GLY A 323 14.05 -25.88 -5.00
CA GLY A 323 13.18 -24.83 -4.51
C GLY A 323 13.62 -24.40 -3.12
N ALA A 324 14.90 -24.06 -3.01
CA ALA A 324 15.53 -23.83 -1.72
C ALA A 324 14.98 -22.59 -1.04
N GLN A 325 14.90 -22.65 0.29
CA GLN A 325 14.58 -21.47 1.08
C GLN A 325 15.78 -20.53 1.19
N CYS A 326 16.98 -21.08 1.30
CA CYS A 326 18.19 -20.28 1.34
C CYS A 326 19.36 -21.16 0.90
N HIS A 327 20.48 -20.51 0.60
CA HIS A 327 21.68 -21.17 0.12
C HIS A 327 22.85 -20.77 1.01
N LEU A 328 23.65 -21.75 1.43
CA LEU A 328 24.75 -21.47 2.35
C LEU A 328 26.08 -21.90 1.73
N PHE A 329 27.05 -21.00 1.80
CA PHE A 329 28.43 -21.22 1.41
C PHE A 329 29.31 -21.27 2.65
N GLU A 330 30.33 -22.12 2.61
CA GLU A 330 31.23 -22.30 3.74
C GLU A 330 32.67 -22.22 3.27
N HIS A 331 33.49 -21.47 4.02
CA HIS A 331 34.89 -21.32 3.69
C HIS A 331 35.66 -20.94 4.95
N THR A 332 36.98 -20.94 4.83
CA THR A 332 37.89 -20.44 5.86
C THR A 332 38.75 -19.37 5.19
N LEU A 333 38.26 -18.15 5.19
CA LEU A 333 38.84 -17.12 4.35
C LEU A 333 40.11 -16.53 4.96
N GLN A 334 41.02 -16.13 4.08
CA GLN A 334 42.29 -15.52 4.45
C GLN A 334 42.35 -14.12 3.83
N LEU A 335 42.61 -13.12 4.65
CA LEU A 335 42.58 -11.73 4.22
C LEU A 335 43.97 -11.11 4.34
N SER A 336 44.28 -10.23 3.39
CA SER A 336 45.53 -9.49 3.40
C SER A 336 45.23 -8.01 3.21
N VAL A 337 45.76 -7.19 4.11
CA VAL A 337 45.59 -5.73 4.06
C VAL A 337 46.97 -5.10 4.01
N ASN A 338 47.22 -4.32 2.97
CA ASN A 338 48.54 -3.69 2.71
C ASN A 338 49.56 -4.81 2.66
N GLY A 339 50.70 -4.69 3.35
CA GLY A 339 51.69 -5.74 3.37
C GLY A 339 51.58 -6.73 4.51
N LYS A 340 50.54 -6.61 5.33
CA LYS A 340 50.36 -7.47 6.49
C LYS A 340 49.21 -8.45 6.23
N CYS A 341 49.44 -9.72 6.53
CA CYS A 341 48.45 -10.76 6.35
C CYS A 341 47.77 -11.06 7.68
N LEU A 342 46.45 -10.99 7.70
CA LEU A 342 45.67 -11.20 8.91
C LEU A 342 45.56 -12.70 9.18
N LEU A 343 44.77 -13.06 10.20
CA LEU A 343 44.57 -14.46 10.54
C LEU A 343 43.36 -15.03 9.80
N PRO A 344 43.35 -16.33 9.53
CA PRO A 344 42.19 -16.93 8.86
C PRO A 344 40.95 -16.87 9.72
N ILE A 345 39.79 -16.76 9.06
CA ILE A 345 38.50 -16.68 9.73
C ILE A 345 37.58 -17.73 9.15
N GLN A 346 36.99 -18.56 10.01
CA GLN A 346 36.02 -19.55 9.58
C GLN A 346 34.68 -18.88 9.38
N THR A 347 34.16 -18.91 8.15
CA THR A 347 33.00 -18.13 7.77
C THR A 347 31.95 -18.99 7.09
N VAL A 348 30.70 -18.74 7.46
CA VAL A 348 29.53 -19.35 6.83
C VAL A 348 28.61 -18.21 6.37
N PHE A 349 28.37 -18.15 5.06
CA PHE A 349 27.54 -17.10 4.47
C PHE A 349 26.22 -17.72 4.03
N ALA A 350 25.13 -17.31 4.67
CA ALA A 350 23.79 -17.80 4.36
C ALA A 350 23.02 -16.70 3.67
N LEU A 351 22.52 -16.97 2.46
CA LEU A 351 21.76 -16.01 1.67
C LEU A 351 20.35 -16.52 1.51
N LYS A 352 19.38 -15.74 1.97
CA LYS A 352 17.97 -16.14 1.92
C LYS A 352 17.37 -15.78 0.56
N GLU A 353 16.41 -16.60 0.14
CA GLU A 353 15.82 -16.41 -1.18
C GLU A 353 14.91 -15.19 -1.22
N ASN A 354 14.08 -15.01 -0.20
CA ASN A 354 13.10 -13.93 -0.17
C ASN A 354 13.36 -13.02 1.01
N LYS A 355 12.98 -11.75 0.86
CA LYS A 355 13.19 -10.77 1.90
C LYS A 355 12.32 -11.07 3.11
N ALA A 356 12.90 -10.94 4.30
CA ALA A 356 12.19 -11.11 5.55
C ALA A 356 12.74 -10.12 6.57
N SER A 357 12.22 -10.17 7.78
CA SER A 357 12.66 -9.27 8.83
C SER A 357 14.00 -9.72 9.39
N LYS A 358 14.65 -8.81 10.13
CA LYS A 358 15.89 -9.15 10.82
C LYS A 358 15.65 -10.22 11.87
N LEU A 359 14.48 -10.21 12.51
CA LEU A 359 14.12 -11.25 13.45
C LEU A 359 14.13 -12.62 12.79
N ASP A 360 13.76 -12.70 11.50
CA ASP A 360 13.84 -13.97 10.79
C ASP A 360 15.29 -14.44 10.66
N SER A 361 16.20 -13.51 10.37
CA SER A 361 17.62 -13.86 10.30
C SER A 361 18.12 -14.38 11.63
N HIS A 362 17.74 -13.71 12.73
CA HIS A 362 18.13 -14.19 14.05
C HIS A 362 17.52 -15.55 14.34
N HIS A 363 16.28 -15.78 13.89
CA HIS A 363 15.64 -17.08 14.06
C HIS A 363 16.45 -18.17 13.40
N TRP A 364 16.78 -17.98 12.12
CA TRP A 364 17.60 -18.96 11.41
C TRP A 364 18.91 -19.19 12.14
N TYR A 365 19.64 -18.12 12.42
CA TYR A 365 20.95 -18.23 13.06
C TYR A 365 20.86 -19.00 14.36
N PHE A 366 20.13 -18.46 15.33
CA PHE A 366 20.02 -19.07 16.64
C PHE A 366 19.58 -20.51 16.50
N ASN A 367 18.35 -20.75 16.03
CA ASN A 367 17.84 -22.12 16.04
C ASN A 367 18.78 -23.07 15.30
N ALA A 368 18.93 -22.91 13.99
CA ALA A 368 19.70 -23.89 13.23
C ALA A 368 21.13 -24.01 13.75
N PHE A 369 21.91 -22.94 13.65
CA PHE A 369 23.34 -23.07 13.88
C PHE A 369 23.66 -23.30 15.35
N ALA A 370 23.01 -22.57 16.26
CA ALA A 370 23.28 -22.78 17.67
C ALA A 370 22.88 -24.17 18.13
N GLU A 371 21.69 -24.65 17.71
CA GLU A 371 21.28 -25.98 18.13
C GLU A 371 22.19 -27.06 17.56
N GLN A 372 22.75 -26.84 16.38
CA GLN A 372 23.66 -27.86 15.84
C GLN A 372 25.03 -27.81 16.51
N ILE A 373 25.68 -26.65 16.49
CA ILE A 373 27.03 -26.55 17.01
C ILE A 373 27.06 -26.68 18.52
N GLN A 374 26.05 -26.12 19.20
CA GLN A 374 25.96 -26.07 20.66
C GLN A 374 27.14 -25.29 21.24
N PRO A 375 27.22 -23.98 21.00
CA PRO A 375 28.36 -23.21 21.50
C PRO A 375 28.21 -22.89 22.98
N GLU A 376 29.12 -22.07 23.51
CA GLU A 376 29.03 -21.60 24.88
C GLU A 376 28.54 -20.15 24.95
N TYR A 377 29.08 -19.27 24.11
CA TYR A 377 28.66 -17.88 24.04
C TYR A 377 28.01 -17.60 22.70
N THR A 378 27.46 -16.40 22.56
CA THR A 378 26.76 -16.01 21.35
C THR A 378 26.75 -14.49 21.30
N ALA A 379 27.45 -13.92 20.33
CA ALA A 379 27.55 -12.47 20.18
C ALA A 379 26.72 -12.01 18.99
N VAL A 380 26.09 -10.86 19.12
CA VAL A 380 25.25 -10.28 18.07
C VAL A 380 25.74 -8.86 17.81
N MET A 381 25.93 -8.55 16.53
CA MET A 381 26.31 -7.22 16.08
C MET A 381 25.71 -7.00 14.70
N ASP A 382 25.85 -5.78 14.20
CA ASP A 382 25.41 -5.43 12.86
C ASP A 382 26.62 -5.25 11.95
N VAL A 383 26.37 -4.89 10.71
CA VAL A 383 27.43 -4.63 9.74
C VAL A 383 27.83 -3.16 9.85
N GLY A 384 29.13 -2.91 9.91
CA GLY A 384 29.65 -1.56 10.09
C GLY A 384 30.15 -1.27 11.48
N THR A 385 29.81 -2.10 12.46
CA THR A 385 30.30 -1.92 13.82
C THR A 385 31.77 -2.29 13.88
N MET A 386 32.63 -1.29 14.07
CA MET A 386 34.08 -1.48 14.06
C MET A 386 34.58 -1.57 15.49
N LEU A 387 34.93 -2.77 15.92
CA LEU A 387 35.37 -3.00 17.28
C LEU A 387 36.81 -2.55 17.48
N THR A 388 37.16 -2.28 18.74
CA THR A 388 38.55 -2.01 19.08
C THR A 388 39.29 -3.33 19.27
N LYS A 389 40.57 -3.23 19.60
CA LYS A 389 41.41 -4.41 19.71
C LYS A 389 41.15 -5.23 20.97
N SER A 390 40.36 -4.73 21.91
CA SER A 390 40.22 -5.37 23.21
C SER A 390 38.80 -5.73 23.59
N ALA A 391 37.82 -5.55 22.70
CA ALA A 391 36.42 -5.76 23.08
C ALA A 391 36.16 -7.22 23.46
N LEU A 392 36.61 -8.15 22.62
CA LEU A 392 36.36 -9.56 22.88
C LEU A 392 37.06 -10.00 24.16
N TYR A 393 38.28 -9.52 24.38
CA TYR A 393 39.02 -9.89 25.59
C TYR A 393 38.27 -9.46 26.84
N HIS A 394 37.77 -8.22 26.85
CA HIS A 394 37.06 -7.73 28.03
C HIS A 394 35.75 -8.46 28.23
N LEU A 395 35.00 -8.72 27.16
CA LEU A 395 33.74 -9.45 27.30
C LEU A 395 33.97 -10.85 27.86
N LEU A 396 34.92 -11.58 27.28
CA LEU A 396 35.19 -12.93 27.76
C LEU A 396 35.72 -12.89 29.19
N PHE A 397 36.53 -11.89 29.52
CA PHE A 397 37.06 -11.77 30.88
C PHE A 397 35.95 -11.58 31.89
N ALA A 398 34.98 -10.71 31.57
CA ALA A 398 33.86 -10.50 32.48
C ALA A 398 33.03 -11.77 32.63
N PHE A 399 32.73 -12.42 31.50
CA PHE A 399 31.91 -13.63 31.54
C PHE A 399 32.57 -14.72 32.37
N GLU A 400 33.89 -14.88 32.23
CA GLU A 400 34.58 -15.95 32.97
C GLU A 400 34.74 -15.60 34.44
N ARG A 401 35.03 -14.33 34.75
CA ARG A 401 35.23 -13.96 36.15
C ARG A 401 33.95 -14.03 36.96
N ASN A 402 32.84 -13.55 36.40
CA ASN A 402 31.67 -13.33 37.26
C ASN A 402 30.87 -14.60 37.54
N HIS A 403 30.58 -15.38 36.51
CA HIS A 403 29.82 -16.64 36.56
C HIS A 403 28.35 -16.44 36.91
N GLN A 404 27.88 -15.20 37.10
CA GLN A 404 26.46 -14.93 37.26
C GLN A 404 25.89 -14.12 36.12
N ILE A 405 26.73 -13.61 35.22
CA ILE A 405 26.29 -12.75 34.14
C ILE A 405 25.58 -13.59 33.09
N GLY A 406 24.35 -13.21 32.75
CA GLY A 406 23.61 -13.87 31.70
C GLY A 406 23.68 -13.14 30.39
N GLY A 407 24.19 -11.91 30.41
CA GLY A 407 24.31 -11.13 29.20
C GLY A 407 25.10 -9.86 29.48
N ALA A 408 25.71 -9.34 28.42
CA ALA A 408 26.54 -8.15 28.55
C ALA A 408 26.45 -7.33 27.28
N CYS A 409 26.66 -6.02 27.43
CA CYS A 409 26.67 -5.09 26.30
C CYS A 409 27.85 -4.15 26.44
N GLY A 410 28.42 -3.77 25.30
CA GLY A 410 29.56 -2.87 25.27
C GLY A 410 29.15 -1.43 25.03
N GLN A 411 30.14 -0.54 25.15
CA GLN A 411 29.93 0.88 24.94
C GLN A 411 29.83 1.19 23.46
N LEU A 412 28.95 2.12 23.11
CA LEU A 412 28.74 2.53 21.72
C LEU A 412 29.28 3.94 21.52
N THR A 413 29.96 4.15 20.39
CA THR A 413 30.64 5.41 20.15
C THR A 413 30.48 5.82 18.69
N VAL A 414 30.66 7.11 18.43
CA VAL A 414 30.60 7.66 17.08
C VAL A 414 32.03 7.73 16.54
N ASP A 415 32.21 7.25 15.31
CA ASP A 415 33.52 7.24 14.69
C ASP A 415 33.90 8.63 14.22
N ASN A 416 35.13 9.05 14.53
CA ASN A 416 35.68 10.36 14.20
C ASN A 416 34.77 11.48 14.68
N PRO A 417 34.62 11.66 16.00
CA PRO A 417 33.74 12.74 16.47
C PRO A 417 34.37 14.12 16.30
N PHE A 418 35.66 14.27 16.61
CA PHE A 418 36.29 15.58 16.55
C PHE A 418 36.46 16.05 15.11
N GLU A 419 36.74 15.13 14.20
CA GLU A 419 36.83 15.50 12.79
C GLU A 419 35.49 16.00 12.30
N ASN A 420 35.52 17.08 11.51
CA ASN A 420 34.31 17.74 11.01
C ASN A 420 33.40 18.14 12.18
N LEU A 421 33.96 18.93 13.10
CA LEU A 421 33.20 19.42 14.23
C LEU A 421 32.19 20.50 13.84
N SER A 422 32.27 21.02 12.62
CA SER A 422 31.33 22.04 12.17
C SER A 422 29.91 21.50 12.03
N ASN A 423 29.73 20.19 12.01
CA ASN A 423 28.40 19.59 11.88
C ASN A 423 27.77 19.47 13.25
N TRP A 424 26.54 19.96 13.39
CA TRP A 424 25.88 20.02 14.69
C TRP A 424 25.18 18.72 15.05
N VAL A 425 24.60 18.02 14.07
CA VAL A 425 23.89 16.79 14.35
C VAL A 425 24.83 15.72 14.89
N ILE A 426 26.02 15.60 14.29
CA ILE A 426 26.98 14.60 14.73
C ILE A 426 27.43 14.88 16.16
N SER A 427 27.72 16.16 16.46
CA SER A 427 28.15 16.51 17.81
C SER A 427 27.04 16.25 18.83
N ALA A 428 25.80 16.59 18.47
CA ALA A 428 24.68 16.33 19.37
C ALA A 428 24.54 14.83 19.64
N GLN A 429 24.66 14.01 18.60
CA GLN A 429 24.57 12.57 18.80
C GLN A 429 25.72 12.04 19.64
N HIS A 430 26.92 12.59 19.45
CA HIS A 430 28.07 12.19 20.26
C HIS A 430 27.83 12.48 21.74
N PHE A 431 27.36 13.70 22.04
CA PHE A 431 27.07 14.06 23.42
C PHE A 431 25.98 13.16 24.00
N GLU A 432 24.93 12.91 23.22
CA GLU A 432 23.85 12.06 23.70
C GLU A 432 24.34 10.66 24.02
N TYR A 433 25.15 10.08 23.13
CA TYR A 433 25.69 8.75 23.37
C TYR A 433 26.53 8.71 24.63
N LYS A 434 27.44 9.68 24.80
CA LYS A 434 28.30 9.67 25.98
C LYS A 434 27.49 9.77 27.25
N ILE A 435 26.59 10.75 27.34
CA ILE A 435 25.84 10.97 28.57
C ILE A 435 24.93 9.78 28.85
N SER A 436 24.22 9.29 27.83
CA SER A 436 23.34 8.15 28.01
C SER A 436 24.11 6.96 28.54
N ASN A 437 25.20 6.59 27.86
CA ASN A 437 26.04 5.49 28.33
C ASN A 437 26.39 5.67 29.79
N ILE A 438 27.13 6.74 30.11
CA ILE A 438 27.64 6.91 31.46
C ILE A 438 26.51 6.82 32.47
N LEU A 439 25.59 7.79 32.43
CA LEU A 439 24.62 7.90 33.51
C LEU A 439 23.66 6.71 33.51
N ASP A 440 22.91 6.52 32.42
CA ASP A 440 21.85 5.53 32.44
C ASP A 440 22.41 4.12 32.55
N LYS A 441 23.44 3.78 31.77
CA LYS A 441 23.97 2.44 31.81
C LYS A 441 24.59 2.13 33.18
N SER A 442 25.32 3.08 33.78
CA SER A 442 25.89 2.81 35.09
C SER A 442 24.78 2.60 36.12
N LEU A 443 23.77 3.47 36.11
CA LEU A 443 22.69 3.35 37.09
C LEU A 443 21.96 2.01 36.94
N GLU A 444 21.68 1.60 35.71
CA GLU A 444 20.94 0.36 35.51
C GLU A 444 21.80 -0.87 35.77
N SER A 445 23.11 -0.80 35.48
CA SER A 445 23.98 -1.93 35.70
C SER A 445 24.36 -2.10 37.17
N CYS A 446 24.19 -1.06 37.99
CA CYS A 446 24.40 -1.25 39.42
C CYS A 446 23.43 -2.27 40.00
N PHE A 447 22.16 -2.21 39.59
CA PHE A 447 21.17 -3.14 40.11
C PHE A 447 21.16 -4.47 39.39
N GLY A 448 21.79 -4.57 38.22
CA GLY A 448 21.81 -5.82 37.48
C GLY A 448 20.62 -5.98 36.55
N PHE A 449 20.30 -4.93 35.81
CA PHE A 449 19.20 -4.99 34.83
C PHE A 449 19.43 -3.88 33.82
N ILE A 450 19.62 -4.25 32.55
CA ILE A 450 19.98 -3.31 31.50
C ILE A 450 18.95 -3.40 30.39
N SER A 451 18.49 -2.23 29.91
CA SER A 451 17.65 -2.14 28.72
C SER A 451 18.56 -1.70 27.59
N VAL A 452 19.09 -2.68 26.85
CA VAL A 452 20.08 -2.39 25.81
C VAL A 452 19.47 -1.57 24.70
N LEU A 453 20.20 -0.55 24.25
CA LEU A 453 19.73 0.30 23.17
C LEU A 453 20.30 -0.16 21.84
N PRO A 454 19.51 -0.12 20.76
CA PRO A 454 20.00 -0.59 19.46
C PRO A 454 20.93 0.44 18.82
N GLY A 455 21.87 -0.07 18.04
CA GLY A 455 22.13 -1.49 17.95
C GLY A 455 23.51 -1.81 18.52
N ALA A 456 23.53 -2.40 19.70
CA ALA A 456 24.77 -2.62 20.42
C ALA A 456 25.38 -3.97 20.06
N PHE A 457 26.65 -4.15 20.44
CA PHE A 457 27.35 -5.41 20.28
C PHE A 457 27.17 -6.19 21.57
N SER A 458 26.18 -7.09 21.57
CA SER A 458 25.71 -7.71 22.80
C SER A 458 26.02 -9.20 22.80
N ALA A 459 26.49 -9.70 23.94
CA ALA A 459 26.86 -11.10 24.08
C ALA A 459 26.03 -11.77 25.15
N TYR A 460 25.47 -12.93 24.82
CA TYR A 460 24.74 -13.77 25.77
C TYR A 460 25.41 -15.13 25.85
N ARG A 461 25.45 -15.72 27.04
CA ARG A 461 25.93 -17.09 27.15
C ARG A 461 24.81 -18.05 26.78
N TYR A 462 25.13 -19.06 25.97
CA TYR A 462 24.10 -19.93 25.43
C TYR A 462 23.70 -21.00 26.44
N GLU A 463 23.33 -20.56 27.64
CA GLU A 463 22.74 -21.44 28.63
C GLU A 463 21.54 -20.82 29.33
N ALA A 464 21.45 -19.50 29.39
CA ALA A 464 20.33 -18.82 30.03
C ALA A 464 19.25 -18.41 29.04
N ILE A 465 19.46 -18.60 27.75
CA ILE A 465 18.50 -18.19 26.73
C ILE A 465 17.97 -19.34 25.90
N ARG A 466 18.36 -20.59 26.21
CA ARG A 466 18.05 -21.69 25.32
C ARG A 466 16.55 -22.01 25.30
N GLY A 467 15.89 -21.92 26.44
CA GLY A 467 14.52 -22.39 26.53
C GLY A 467 13.45 -21.33 26.38
N ALA A 468 12.82 -20.97 27.49
CA ALA A 468 11.70 -20.02 27.44
C ALA A 468 12.07 -18.65 26.87
N PRO A 469 13.21 -18.04 27.19
CA PRO A 469 13.48 -16.69 26.65
C PRO A 469 13.46 -16.63 25.12
N LEU A 470 14.00 -17.64 24.44
CA LEU A 470 13.96 -17.62 22.98
C LEU A 470 12.56 -17.91 22.46
N ASP A 471 11.78 -18.73 23.18
CA ASP A 471 10.40 -18.95 22.78
C ASP A 471 9.60 -17.65 22.84
N ALA A 472 9.80 -16.85 23.89
CA ALA A 472 9.16 -15.54 23.95
C ALA A 472 9.78 -14.54 22.99
N TYR A 473 11.02 -14.79 22.56
CA TYR A 473 11.68 -13.89 21.61
C TYR A 473 11.03 -13.99 20.23
N PHE A 474 10.80 -15.21 19.76
CA PHE A 474 10.28 -15.46 18.42
C PHE A 474 8.78 -15.69 18.40
N GLN A 475 8.06 -15.19 19.40
CA GLN A 475 6.63 -15.44 19.48
C GLN A 475 5.88 -14.82 18.29
N THR A 476 6.40 -13.71 17.76
CA THR A 476 5.74 -13.08 16.62
C THR A 476 5.82 -13.94 15.37
N LEU A 477 6.95 -14.63 15.17
CA LEU A 477 7.14 -15.43 13.97
C LEU A 477 6.32 -16.72 13.98
N ASN A 478 5.91 -17.19 15.15
CA ASN A 478 5.19 -18.46 15.25
C ASN A 478 3.68 -18.29 15.34
N ILE A 479 3.19 -17.11 15.71
CA ILE A 479 1.76 -16.85 15.85
C ILE A 479 1.42 -15.61 15.02
N GLU A 480 0.34 -15.71 14.24
CA GLU A 480 -0.09 -14.59 13.43
C GLU A 480 -0.58 -13.44 14.30
N LEU A 481 -0.45 -12.22 13.77
CA LEU A 481 -0.73 -11.02 14.56
C LEU A 481 -2.18 -10.93 15.00
N ASP A 482 -3.10 -11.63 14.33
CA ASP A 482 -4.51 -11.52 14.68
C ASP A 482 -4.77 -12.06 16.09
N VAL A 483 -4.13 -13.18 16.45
CA VAL A 483 -4.34 -13.75 17.76
C VAL A 483 -3.72 -12.89 18.85
N LEU A 484 -2.49 -12.40 18.61
CA LEU A 484 -1.78 -11.64 19.62
C LEU A 484 -2.49 -10.32 19.93
N GLY A 485 -2.85 -9.57 18.90
CA GLY A 485 -3.43 -8.26 19.07
C GLY A 485 -2.45 -7.18 18.66
N PRO A 486 -2.89 -5.91 18.70
CA PRO A 486 -2.00 -4.82 18.29
C PRO A 486 -0.93 -4.50 19.31
N PHE A 487 -1.28 -4.52 20.60
CA PHE A 487 -0.31 -4.13 21.63
C PHE A 487 0.88 -5.08 21.66
N ILE A 488 0.62 -6.39 21.58
CA ILE A 488 1.72 -7.35 21.57
C ILE A 488 2.57 -7.17 20.32
N GLY A 489 1.93 -6.99 19.16
CA GLY A 489 2.68 -6.86 17.93
C GLY A 489 3.54 -5.62 17.86
N ASN A 490 3.10 -4.53 18.49
CA ASN A 490 3.84 -3.27 18.37
C ASN A 490 5.19 -3.33 19.09
N MET A 491 5.27 -4.07 20.19
CA MET A 491 6.47 -4.02 21.02
C MET A 491 7.66 -4.76 20.40
N TYR A 492 7.42 -5.67 19.47
CA TYR A 492 8.49 -6.48 18.91
C TYR A 492 9.24 -5.78 17.77
N LEU A 493 8.95 -4.51 17.50
CA LEU A 493 9.72 -3.77 16.51
C LEU A 493 11.17 -3.62 16.94
N ALA A 494 11.40 -3.33 18.22
CA ALA A 494 12.72 -3.40 18.85
C ALA A 494 12.65 -4.52 19.88
N GLU A 495 13.33 -5.63 19.59
CA GLU A 495 13.07 -6.90 20.25
C GLU A 495 14.14 -7.32 21.25
N ASP A 496 15.19 -6.53 21.47
CA ASP A 496 16.25 -6.94 22.38
C ASP A 496 15.79 -6.91 23.84
N ARG A 497 15.01 -5.89 24.20
CA ARG A 497 14.61 -5.73 25.59
C ARG A 497 13.77 -6.89 26.08
N ILE A 498 13.03 -7.54 25.18
CA ILE A 498 12.29 -8.74 25.55
C ILE A 498 13.24 -9.83 26.01
N LEU A 499 14.32 -10.04 25.26
CA LEU A 499 15.32 -11.03 25.66
C LEU A 499 15.96 -10.66 26.99
N SER A 500 16.29 -9.38 27.17
CA SER A 500 16.92 -8.96 28.42
C SER A 500 16.01 -9.25 29.60
N PHE A 501 14.75 -8.83 29.51
CA PHE A 501 13.82 -9.03 30.62
C PHE A 501 13.57 -10.51 30.88
N GLU A 502 13.44 -11.32 29.82
CA GLU A 502 13.22 -12.74 30.00
C GLU A 502 14.41 -13.40 30.69
N VAL A 503 15.64 -12.99 30.33
CA VAL A 503 16.82 -13.54 31.00
C VAL A 503 16.83 -13.15 32.47
N VAL A 504 16.50 -11.90 32.77
CA VAL A 504 16.56 -11.45 34.17
C VAL A 504 15.54 -12.19 35.02
N ALA A 505 14.35 -12.45 34.47
CA ALA A 505 13.24 -13.01 35.24
C ALA A 505 12.96 -14.47 34.88
N ARG A 506 13.99 -15.23 34.51
CA ARG A 506 13.79 -16.63 34.15
C ARG A 506 13.42 -17.45 35.38
N LYS A 507 12.55 -18.42 35.19
CA LYS A 507 12.08 -19.24 36.30
C LYS A 507 13.16 -20.19 36.79
N ASN A 508 13.24 -20.34 38.12
CA ASN A 508 14.15 -21.26 38.79
C ASN A 508 15.62 -20.97 38.51
N CYS A 509 15.94 -19.74 38.10
CA CYS A 509 17.31 -19.35 37.86
C CYS A 509 17.49 -17.89 38.27
N ASN A 510 18.73 -17.53 38.59
CA ASN A 510 19.08 -16.17 38.99
C ASN A 510 20.16 -15.65 38.04
N TRP A 511 19.72 -15.07 36.93
CA TRP A 511 20.62 -14.49 35.93
C TRP A 511 20.52 -12.98 35.98
N THR A 512 21.68 -12.31 35.96
CA THR A 512 21.75 -10.86 35.96
C THR A 512 22.62 -10.40 34.81
N MET A 513 22.37 -9.18 34.34
CA MET A 513 23.12 -8.61 33.25
C MET A 513 24.18 -7.66 33.77
N HIS A 514 25.09 -7.25 32.88
CA HIS A 514 26.22 -6.43 33.28
C HIS A 514 26.62 -5.55 32.10
N TYR A 515 27.30 -4.45 32.43
CA TYR A 515 27.75 -3.46 31.45
C TYR A 515 29.26 -3.34 31.52
N VAL A 516 29.93 -3.48 30.39
CA VAL A 516 31.38 -3.40 30.31
C VAL A 516 31.74 -2.08 29.63
N LYS A 517 32.55 -1.28 30.31
CA LYS A 517 32.91 0.04 29.81
C LYS A 517 33.95 -0.03 28.70
N ASP A 518 34.84 -1.01 28.74
CA ASP A 518 35.99 -1.05 27.85
C ASP A 518 35.70 -1.71 26.52
N ALA A 519 34.53 -2.31 26.34
CA ALA A 519 34.16 -2.93 25.05
C ALA A 519 33.58 -1.84 24.15
N VAL A 520 34.48 -1.10 23.51
CA VAL A 520 34.12 0.06 22.71
C VAL A 520 33.82 -0.39 21.28
N ALA A 521 32.68 0.02 20.76
CA ALA A 521 32.28 -0.27 19.39
C ALA A 521 31.93 1.03 18.70
N ARG A 522 32.63 1.35 17.62
CA ARG A 522 32.46 2.62 16.91
C ARG A 522 31.59 2.40 15.67
N THR A 523 30.52 3.18 15.56
CA THR A 523 29.60 3.08 14.44
C THR A 523 29.64 4.36 13.63
N ASP A 524 28.76 4.44 12.64
CA ASP A 524 28.62 5.60 11.78
C ASP A 524 27.19 6.13 11.90
N VAL A 525 27.05 7.45 12.01
CA VAL A 525 25.75 8.06 12.30
C VAL A 525 25.32 8.91 11.10
N PRO A 526 24.03 9.11 10.90
CA PRO A 526 23.58 9.95 9.77
C PRO A 526 24.04 11.40 9.93
N HIS A 527 24.29 12.05 8.80
CA HIS A 527 24.79 13.42 8.78
C HIS A 527 23.69 14.46 8.64
N ASP A 528 22.45 14.05 8.41
CA ASP A 528 21.35 14.98 8.17
C ASP A 528 20.21 14.69 9.15
N LEU A 529 19.16 15.49 9.06
CA LEU A 529 18.04 15.37 9.99
C LEU A 529 17.13 14.19 9.66
N VAL A 530 16.93 13.89 8.39
CA VAL A 530 15.85 12.97 8.00
C VAL A 530 16.18 11.53 8.40
N GLY A 531 17.41 11.09 8.17
CA GLY A 531 17.79 9.75 8.59
C GLY A 531 17.74 9.61 10.10
N LEU A 532 18.17 10.65 10.82
CA LEU A 532 18.05 10.67 12.26
C LEU A 532 16.59 10.56 12.69
N ILE A 533 15.70 11.23 11.97
CA ILE A 533 14.28 11.20 12.31
C ILE A 533 13.74 9.79 12.17
N SER A 534 14.05 9.12 11.06
CA SER A 534 13.55 7.76 10.85
C SER A 534 14.11 6.79 11.90
N GLN A 535 15.43 6.88 12.13
CA GLN A 535 16.08 6.01 13.11
C GLN A 535 15.46 6.20 14.49
N ARG A 536 15.28 7.46 14.89
CA ARG A 536 14.66 7.74 16.18
C ARG A 536 13.21 7.29 16.22
N LYS A 537 12.50 7.33 15.09
CA LYS A 537 11.14 6.82 15.05
C LYS A 537 11.09 5.36 15.47
N ARG A 538 11.89 4.53 14.79
CA ARG A 538 11.83 3.10 15.14
C ARG A 538 12.33 2.86 16.56
N TRP A 539 13.40 3.56 16.96
CA TRP A 539 13.92 3.40 18.32
C TRP A 539 12.86 3.73 19.36
N LEU A 540 12.17 4.86 19.17
CA LEU A 540 11.21 5.32 20.16
C LEU A 540 10.00 4.39 20.24
N ASN A 541 9.48 3.94 19.09
CA ASN A 541 8.38 2.98 19.13
C ASN A 541 8.77 1.76 19.94
N GLY A 542 9.90 1.14 19.60
CA GLY A 542 10.32 -0.05 20.31
C GLY A 542 10.51 0.19 21.79
N ALA A 543 11.20 1.28 22.14
CA ALA A 543 11.50 1.56 23.54
C ALA A 543 10.22 1.77 24.34
N PHE A 544 9.28 2.56 23.80
CA PHE A 544 8.06 2.85 24.53
C PHE A 544 7.27 1.58 24.81
N PHE A 545 7.07 0.75 23.78
CA PHE A 545 6.22 -0.41 24.03
C PHE A 545 6.95 -1.48 24.85
N ALA A 546 8.26 -1.60 24.70
CA ALA A 546 9.00 -2.52 25.58
C ALA A 546 8.93 -2.06 27.04
N THR A 547 9.03 -0.76 27.28
CA THR A 547 8.91 -0.25 28.64
C THR A 547 7.54 -0.53 29.22
N LEU A 548 6.49 -0.33 28.41
CA LEU A 548 5.15 -0.65 28.89
C LEU A 548 5.02 -2.12 29.25
N PHE A 549 5.56 -3.00 28.40
CA PHE A 549 5.50 -4.43 28.68
C PHE A 549 6.24 -4.78 29.97
N SER A 550 7.42 -4.19 30.18
CA SER A 550 8.19 -4.48 31.37
C SER A 550 7.45 -4.01 32.62
N ILE A 551 6.86 -2.81 32.58
CA ILE A 551 6.11 -2.32 33.73
C ILE A 551 4.91 -3.22 34.00
N TRP A 552 4.26 -3.70 32.93
CA TRP A 552 3.12 -4.59 33.11
C TRP A 552 3.52 -5.91 33.77
N ASN A 553 4.65 -6.48 33.37
CA ASN A 553 5.01 -7.84 33.77
C ASN A 553 6.12 -7.90 34.82
N TRP A 554 6.42 -6.77 35.48
CA TRP A 554 7.48 -6.79 36.50
C TRP A 554 7.22 -7.80 37.61
N GLY A 555 5.96 -8.16 37.86
CA GLY A 555 5.65 -9.04 38.98
C GLY A 555 6.21 -10.45 38.86
N ARG A 556 6.57 -10.86 37.65
CA ARG A 556 7.08 -12.21 37.44
C ARG A 556 8.39 -12.45 38.15
N ILE A 557 9.14 -11.40 38.47
CA ILE A 557 10.40 -11.56 39.19
C ILE A 557 10.13 -12.11 40.59
N TYR A 558 9.14 -11.56 41.28
CA TYR A 558 8.82 -12.04 42.61
C TYR A 558 8.00 -13.32 42.56
N SER A 559 7.09 -13.44 41.60
CA SER A 559 6.19 -14.58 41.59
C SER A 559 6.90 -15.87 41.18
N GLU A 560 7.80 -15.80 40.21
CA GLU A 560 8.35 -17.01 39.61
C GLU A 560 9.85 -17.18 39.80
N SER A 561 10.63 -16.11 39.68
CA SER A 561 12.08 -16.25 39.72
C SER A 561 12.56 -16.68 41.11
N LYS A 562 13.86 -16.93 41.20
CA LYS A 562 14.51 -17.34 42.45
C LYS A 562 15.78 -16.52 42.63
N HIS A 563 15.64 -15.35 43.24
CA HIS A 563 16.75 -14.46 43.55
C HIS A 563 16.94 -14.39 45.05
N THR A 564 17.97 -13.65 45.46
CA THR A 564 18.16 -13.33 46.86
C THR A 564 17.17 -12.26 47.29
N PHE A 565 16.89 -12.22 48.59
CA PHE A 565 15.95 -11.24 49.12
C PHE A 565 16.44 -9.82 48.88
N VAL A 566 17.75 -9.59 49.08
CA VAL A 566 18.32 -8.27 48.85
C VAL A 566 18.15 -7.86 47.38
N ARG A 567 18.32 -8.81 46.47
CA ARG A 567 18.11 -8.50 45.05
C ARG A 567 16.67 -8.09 44.79
N LYS A 568 15.70 -8.76 45.43
CA LYS A 568 14.30 -8.40 45.24
C LYS A 568 14.02 -7.00 45.77
N MET A 569 14.58 -6.65 46.93
CA MET A 569 14.39 -5.30 47.45
C MET A 569 15.00 -4.26 46.52
N ALA A 570 16.21 -4.53 46.01
CA ALA A 570 16.85 -3.60 45.09
C ALA A 570 16.02 -3.43 43.82
N PHE A 571 15.46 -4.53 43.31
CA PHE A 571 14.61 -4.45 42.13
C PHE A 571 13.33 -3.66 42.42
N LEU A 572 12.79 -3.76 43.63
CA LEU A 572 11.63 -2.94 43.98
C LEU A 572 11.98 -1.46 43.96
N VAL A 573 13.13 -1.10 44.53
CA VAL A 573 13.55 0.30 44.52
C VAL A 573 13.73 0.79 43.08
N PHE A 574 14.39 -0.02 42.25
CA PHE A 574 14.56 0.35 40.85
C PHE A 574 13.23 0.46 40.13
N TYR A 575 12.25 -0.37 40.50
CA TYR A 575 10.93 -0.28 39.90
C TYR A 575 10.26 1.05 40.21
N VAL A 576 10.38 1.50 41.48
CA VAL A 576 9.82 2.80 41.84
C VAL A 576 10.50 3.91 41.04
N TYR A 577 11.83 3.87 40.96
CA TYR A 577 12.55 4.88 40.19
C TYR A 577 12.13 4.85 38.72
N HIS A 578 11.97 3.66 38.16
CA HIS A 578 11.59 3.52 36.76
C HIS A 578 10.22 4.12 36.49
N LEU A 579 9.27 3.86 37.40
CA LEU A 579 7.94 4.45 37.25
C LEU A 579 8.00 5.97 37.28
N LEU A 580 8.75 6.52 38.24
CA LEU A 580 8.84 7.98 38.32
C LEU A 580 9.48 8.57 37.08
N TYR A 581 10.55 7.95 36.58
CA TYR A 581 11.24 8.46 35.40
C TYR A 581 10.34 8.40 34.17
N THR A 582 9.62 7.30 33.98
CA THR A 582 8.72 7.20 32.84
C THR A 582 7.60 8.23 32.93
N ALA A 583 7.03 8.41 34.12
CA ALA A 583 5.96 9.39 34.28
C ALA A 583 6.45 10.80 33.98
N PHE A 584 7.65 11.14 34.44
CA PHE A 584 8.20 12.46 34.14
C PHE A 584 8.46 12.61 32.64
N GLY A 585 8.99 11.57 32.00
CA GLY A 585 9.27 11.66 30.58
C GLY A 585 8.05 11.73 29.70
N PHE A 586 6.91 11.23 30.18
CA PHE A 586 5.69 11.29 29.39
C PHE A 586 5.20 12.72 29.20
N PHE A 587 5.40 13.59 30.19
CA PHE A 587 4.89 14.97 30.17
C PHE A 587 5.98 15.98 29.86
N LEU A 588 6.91 15.66 28.98
CA LEU A 588 8.07 16.51 28.78
C LEU A 588 7.79 17.76 27.93
N PRO A 589 7.07 17.66 26.80
CA PRO A 589 6.82 18.88 26.02
C PRO A 589 6.10 19.98 26.78
N ALA A 590 5.10 19.61 27.59
CA ALA A 590 4.39 20.60 28.38
C ALA A 590 5.32 21.27 29.38
N ASN A 591 6.17 20.49 30.04
CA ASN A 591 7.10 21.06 31.01
C ASN A 591 8.10 21.99 30.34
N LEU A 592 8.61 21.60 29.17
CA LEU A 592 9.53 22.47 28.45
C LEU A 592 8.87 23.79 28.08
N TYR A 593 7.64 23.72 27.55
CA TYR A 593 6.94 24.94 27.19
C TYR A 593 6.71 25.81 28.41
N LEU A 594 6.26 25.22 29.52
CA LEU A 594 6.00 25.98 30.72
C LEU A 594 7.26 26.65 31.24
N ALA A 595 8.37 25.92 31.29
CA ALA A 595 9.61 26.48 31.82
C ALA A 595 10.07 27.65 30.97
N LEU A 596 10.17 27.45 29.65
CA LEU A 596 10.60 28.54 28.77
C LEU A 596 9.69 29.74 28.91
N PHE A 597 8.37 29.52 28.78
CA PHE A 597 7.41 30.60 28.84
C PHE A 597 7.56 31.38 30.13
N PHE A 598 7.32 30.72 31.28
CA PHE A 598 7.41 31.38 32.57
C PHE A 598 8.71 32.14 32.67
N ILE A 599 9.85 31.44 32.70
CA ILE A 599 11.10 32.08 33.03
C ILE A 599 11.33 33.25 32.08
N VAL A 600 11.57 32.95 30.81
CA VAL A 600 12.06 34.00 29.91
C VAL A 600 10.98 35.03 29.66
N PHE A 601 9.85 34.60 29.11
CA PHE A 601 8.93 35.59 28.57
C PHE A 601 8.11 36.26 29.67
N GLN A 602 7.71 35.53 30.73
CA GLN A 602 7.04 36.25 31.79
C GLN A 602 8.00 37.05 32.65
N GLY A 603 9.30 36.73 32.68
CA GLY A 603 10.24 37.63 33.29
C GLY A 603 10.37 38.92 32.51
N PHE A 604 10.40 38.82 31.19
CA PHE A 604 10.45 40.04 30.38
C PHE A 604 9.17 40.85 30.53
N GLN A 605 8.01 40.19 30.55
CA GLN A 605 6.74 40.91 30.58
C GLN A 605 6.49 41.54 31.95
N GLN A 606 6.73 40.79 33.03
CA GLN A 606 6.39 41.24 34.37
C GLN A 606 7.61 41.70 35.16
N ASN A 607 8.71 42.01 34.48
CA ASN A 607 9.90 42.61 35.10
C ASN A 607 10.46 41.71 36.21
N ARG A 608 10.92 40.53 35.80
CA ARG A 608 11.63 39.64 36.70
C ARG A 608 13.05 39.32 36.26
N LEU A 609 13.47 39.76 35.07
CA LEU A 609 14.87 39.69 34.69
C LEU A 609 15.67 40.59 35.61
N GLU A 610 16.80 40.09 36.12
CA GLU A 610 17.54 40.82 37.13
C GLU A 610 18.57 41.78 36.55
N PHE A 611 19.06 41.54 35.33
CA PHE A 611 20.07 42.39 34.75
C PHE A 611 19.50 43.57 33.96
N ILE A 612 18.17 43.71 33.93
CA ILE A 612 17.54 44.83 33.25
C ILE A 612 16.15 45.02 33.85
N ASP A 613 15.70 46.26 33.88
CA ASP A 613 14.38 46.61 34.43
C ASP A 613 13.45 47.02 33.31
N THR A 614 12.25 46.43 33.30
CA THR A 614 11.28 46.67 32.23
C THR A 614 10.02 47.36 32.75
N SER A 615 10.13 48.10 33.86
CA SER A 615 9.01 48.89 34.34
C SER A 615 8.64 49.99 33.35
N GLU A 616 9.59 50.36 32.48
CA GLU A 616 9.33 51.31 31.40
C GLU A 616 8.66 50.60 30.23
N TYR A 617 8.68 51.23 29.06
CA TYR A 617 8.16 50.71 27.80
C TYR A 617 6.66 50.92 27.69
N SER A 618 6.10 50.66 26.52
CA SER A 618 4.79 51.16 26.13
C SER A 618 3.64 50.24 26.49
N GLN A 619 3.90 49.16 27.23
CA GLN A 619 2.87 48.19 27.62
C GLN A 619 2.39 47.42 26.39
N THR A 620 2.87 47.79 25.22
CA THR A 620 2.59 47.05 24.00
C THR A 620 3.65 45.99 23.72
N VAL A 621 4.93 46.32 23.96
CA VAL A 621 5.99 45.35 23.77
C VAL A 621 5.86 44.21 24.78
N LEU A 622 5.45 44.55 26.01
CA LEU A 622 5.36 43.55 27.07
C LEU A 622 4.37 42.45 26.72
N ASP A 623 3.21 42.83 26.19
CA ASP A 623 2.25 41.83 25.72
C ASP A 623 2.65 41.23 24.37
N CYS A 624 3.34 42.01 23.55
CA CYS A 624 3.74 41.55 22.23
C CYS A 624 4.68 40.36 22.32
N ALA A 625 5.60 40.38 23.29
CA ALA A 625 6.51 39.26 23.45
C ALA A 625 5.77 37.95 23.70
N VAL A 626 4.84 37.97 24.66
CA VAL A 626 4.08 36.77 24.99
C VAL A 626 3.23 36.32 23.82
N TYR A 627 2.57 37.26 23.14
CA TYR A 627 1.73 36.89 22.01
C TYR A 627 2.54 36.26 20.90
N ILE A 628 3.71 36.83 20.58
CA ILE A 628 4.56 36.27 19.54
C ILE A 628 4.99 34.86 19.92
N TYR A 629 5.42 34.68 21.18
CA TYR A 629 5.86 33.36 21.62
C TYR A 629 4.76 32.33 21.47
N ASN A 630 3.56 32.64 21.97
CA ASN A 630 2.47 31.68 21.93
C ASN A 630 2.07 31.34 20.49
N PHE A 631 1.91 32.36 19.64
CA PHE A 631 1.49 32.11 18.28
C PHE A 631 2.52 31.30 17.51
N SER A 632 3.81 31.64 17.67
CA SER A 632 4.85 30.89 16.97
C SER A 632 4.88 29.44 17.43
N TYR A 633 4.79 29.20 18.74
CA TYR A 633 4.84 27.83 19.25
C TYR A 633 3.66 27.02 18.72
N LEU A 634 2.45 27.58 18.79
CA LEU A 634 1.28 26.83 18.35
C LEU A 634 1.32 26.55 16.85
N PHE A 635 1.70 27.54 16.04
CA PHE A 635 1.78 27.33 14.60
C PHE A 635 2.82 26.29 14.25
N GLY A 636 3.98 26.34 14.91
CA GLY A 636 5.00 25.33 14.67
C GLY A 636 4.54 23.93 15.01
N LEU A 637 3.88 23.77 16.15
CA LEU A 637 3.38 22.45 16.53
C LEU A 637 2.35 21.93 15.54
N LEU A 638 1.44 22.80 15.11
CA LEU A 638 0.41 22.38 14.14
C LEU A 638 1.04 21.95 12.83
N MET A 639 1.98 22.75 12.31
CA MET A 639 2.64 22.39 11.07
C MET A 639 3.40 21.07 11.20
N LEU A 640 4.11 20.89 12.31
CA LEU A 640 4.87 19.66 12.51
C LEU A 640 3.96 18.45 12.56
N ILE A 641 2.85 18.53 13.28
CA ILE A 641 2.00 17.36 13.39
C ILE A 641 1.34 17.04 12.06
N ILE A 642 0.93 18.07 11.31
CA ILE A 642 0.32 17.83 10.00
C ILE A 642 1.32 17.14 9.08
N ILE A 643 2.55 17.67 9.01
CA ILE A 643 3.55 17.07 8.13
C ILE A 643 3.90 15.66 8.57
N GLY A 644 4.09 15.45 9.87
CA GLY A 644 4.49 14.14 10.36
C GLY A 644 3.44 13.08 10.08
N LEU A 645 2.16 13.41 10.30
CA LEU A 645 1.12 12.44 10.00
C LEU A 645 0.83 12.35 8.50
N GLY A 646 1.27 13.33 7.72
CA GLY A 646 0.95 13.38 6.31
C GLY A 646 1.76 12.51 5.38
N ASN A 647 3.07 12.77 5.27
CA ASN A 647 3.88 12.17 4.23
C ASN A 647 5.22 11.70 4.80
N ASN A 648 6.00 11.05 3.94
CA ASN A 648 7.31 10.57 4.33
C ASN A 648 8.27 11.75 4.54
N PRO A 649 9.09 11.72 5.58
CA PRO A 649 9.98 12.86 5.89
C PRO A 649 11.25 12.85 5.07
N LYS A 650 11.10 12.82 3.75
CA LYS A 650 12.25 12.92 2.86
C LYS A 650 12.10 14.03 1.83
N HIS A 651 10.88 14.28 1.36
CA HIS A 651 10.60 15.39 0.45
C HIS A 651 10.09 16.63 1.18
N MET A 652 10.15 16.63 2.50
CA MET A 652 9.79 17.77 3.33
C MET A 652 11.01 18.29 4.09
N LYS A 653 12.17 18.21 3.46
CA LYS A 653 13.43 18.54 4.14
C LYS A 653 13.46 20.01 4.55
N LEU A 654 13.01 20.91 3.66
CA LEU A 654 13.13 22.34 3.94
C LEU A 654 12.29 22.74 5.15
N THR A 655 11.08 22.21 5.26
CA THR A 655 10.22 22.59 6.38
C THR A 655 10.79 22.11 7.71
N TYR A 656 11.28 20.86 7.75
CA TYR A 656 11.90 20.36 8.97
C TYR A 656 13.11 21.19 9.35
N TYR A 657 13.94 21.54 8.36
CA TYR A 657 15.10 22.38 8.65
C TYR A 657 14.68 23.74 9.20
N PHE A 658 13.65 24.33 8.62
CA PHE A 658 13.19 25.65 9.06
C PHE A 658 12.68 25.60 10.50
N VAL A 659 11.84 24.60 10.81
CA VAL A 659 11.31 24.48 12.17
C VAL A 659 12.45 24.23 13.16
N GLY A 660 13.39 23.36 12.80
CA GLY A 660 14.53 23.12 13.67
C GLY A 660 15.34 24.37 13.93
N ALA A 661 15.55 25.18 12.89
CA ALA A 661 16.31 26.41 13.06
C ALA A 661 15.59 27.38 13.99
N VAL A 662 14.27 27.51 13.82
CA VAL A 662 13.50 28.41 14.70
C VAL A 662 13.62 27.95 16.15
N PHE A 663 13.41 26.66 16.39
CA PHE A 663 13.46 26.15 17.76
C PHE A 663 14.87 26.29 18.35
N GLY A 664 15.90 26.07 17.52
CA GLY A 664 17.26 26.22 18.01
C GLY A 664 17.59 27.65 18.40
N LEU A 665 17.16 28.61 17.59
CA LEU A 665 17.38 30.02 17.95
C LEU A 665 16.64 30.36 19.23
N MET A 666 15.41 29.89 19.38
CA MET A 666 14.66 30.12 20.60
C MET A 666 15.40 29.56 21.82
N MET A 667 15.91 28.33 21.69
CA MET A 667 16.60 27.70 22.82
C MET A 667 17.89 28.42 23.17
N MET A 668 18.63 28.88 22.16
CA MET A 668 19.86 29.62 22.44
C MET A 668 19.57 30.95 23.14
N LEU A 669 18.53 31.66 22.69
CA LEU A 669 18.13 32.88 23.37
C LEU A 669 17.76 32.60 24.83
N SER A 670 16.98 31.55 25.05
CA SER A 670 16.59 31.20 26.42
C SER A 670 17.81 30.87 27.27
N SER A 671 18.78 30.14 26.70
CA SER A 671 19.98 29.79 27.45
C SER A 671 20.76 31.03 27.85
N LEU A 672 20.95 31.97 26.91
CA LEU A 672 21.68 33.19 27.24
C LEU A 672 20.96 33.99 28.33
N VAL A 673 19.64 34.13 28.21
CA VAL A 673 18.89 34.87 29.21
C VAL A 673 18.99 34.20 30.58
N GLY A 674 18.89 32.88 30.62
CA GLY A 674 19.00 32.18 31.89
C GLY A 674 20.37 32.31 32.52
N ALA A 675 21.43 32.24 31.70
CA ALA A 675 22.78 32.43 32.23
C ALA A 675 22.94 33.83 32.81
N GLY A 676 22.45 34.85 32.10
CA GLY A 676 22.51 36.20 32.63
C GLY A 676 21.77 36.35 33.94
N ILE A 677 20.56 35.79 34.01
CA ILE A 677 19.76 35.87 35.24
C ILE A 677 20.50 35.20 36.40
N PHE A 678 21.06 34.02 36.16
CA PHE A 678 21.77 33.32 37.22
C PHE A 678 22.98 34.10 37.69
N PHE A 679 23.75 34.66 36.76
CA PHE A 679 24.96 35.37 37.16
C PHE A 679 24.66 36.68 37.88
N SER A 680 23.54 37.34 37.54
CA SER A 680 23.22 38.62 38.17
C SER A 680 22.87 38.44 39.65
N THR A 681 22.26 37.33 40.02
CA THR A 681 21.80 37.13 41.39
C THR A 681 23.00 37.05 42.35
N PRO A 682 22.91 37.70 43.53
CA PRO A 682 24.00 37.58 44.51
C PRO A 682 24.22 36.18 45.05
N ALA A 683 23.25 35.27 44.88
CA ALA A 683 23.37 33.83 45.11
C ALA A 683 23.09 33.45 46.56
N THR A 684 22.72 32.19 46.78
CA THR A 684 22.35 31.69 48.09
C THR A 684 22.69 30.20 48.13
N VAL A 685 22.61 29.61 49.32
CA VAL A 685 22.90 28.18 49.47
C VAL A 685 21.93 27.36 48.62
N HIS A 686 20.64 27.71 48.68
CA HIS A 686 19.65 27.00 47.89
C HIS A 686 19.96 27.14 46.40
N SER A 687 20.32 28.34 45.95
CA SER A 687 20.58 28.56 44.53
C SER A 687 21.75 27.73 44.05
N ILE A 688 22.86 27.74 44.80
CA ILE A 688 24.05 27.03 44.36
C ILE A 688 23.84 25.51 44.41
N VAL A 689 23.14 25.04 45.45
CA VAL A 689 22.87 23.59 45.54
C VAL A 689 22.00 23.14 44.37
N VAL A 690 20.94 23.91 44.07
CA VAL A 690 20.06 23.54 42.97
C VAL A 690 20.83 23.58 41.65
N SER A 691 21.64 24.62 41.43
CA SER A 691 22.39 24.72 40.19
C SER A 691 23.33 23.54 40.02
N ILE A 692 24.05 23.17 41.09
CA ILE A 692 24.94 22.02 41.02
C ILE A 692 24.15 20.77 40.66
N LEU A 693 23.19 20.40 41.51
CA LEU A 693 22.46 19.14 41.34
C LEU A 693 21.63 19.11 40.07
N THR A 694 21.40 20.25 39.42
CA THR A 694 20.66 20.24 38.16
C THR A 694 21.57 20.17 36.94
N VAL A 695 22.55 21.05 36.84
CA VAL A 695 23.35 21.17 35.64
C VAL A 695 24.72 20.51 35.78
N GLY A 696 25.38 20.70 36.91
CA GLY A 696 26.76 20.26 37.00
C GLY A 696 26.97 18.78 37.22
N VAL A 697 25.88 18.02 37.36
CA VAL A 697 26.00 16.57 37.50
C VAL A 697 26.64 15.97 36.25
N TYR A 698 26.31 16.51 35.08
CA TYR A 698 26.92 16.03 33.85
C TYR A 698 28.43 16.17 33.89
N PHE A 699 28.91 17.37 34.23
CA PHE A 699 30.36 17.60 34.25
C PHE A 699 31.04 16.80 35.34
N ILE A 700 30.40 16.69 36.52
CA ILE A 700 31.01 15.92 37.61
C ILE A 700 31.17 14.47 37.22
N ALA A 701 30.10 13.86 36.69
CA ALA A 701 30.17 12.45 36.29
C ALA A 701 31.15 12.26 35.14
N SER A 702 31.19 13.20 34.19
CA SER A 702 32.12 13.09 33.08
C SER A 702 33.57 13.16 33.55
N ALA A 703 33.86 14.05 34.49
CA ALA A 703 35.22 14.16 35.02
C ALA A 703 35.59 12.95 35.85
N LEU A 704 34.62 12.35 36.55
CA LEU A 704 34.91 11.18 37.37
C LEU A 704 35.42 10.02 36.53
N HIS A 705 34.82 9.81 35.36
CA HIS A 705 35.20 8.71 34.48
C HIS A 705 36.29 9.08 33.49
N GLY A 706 36.81 10.31 33.55
CA GLY A 706 37.91 10.71 32.71
C GLY A 706 37.53 11.21 31.33
N GLU A 707 36.26 11.19 30.98
CA GLU A 707 35.77 11.66 29.68
C GLU A 707 35.09 13.00 29.89
N VAL A 708 35.89 14.07 29.92
CA VAL A 708 35.38 15.40 30.17
C VAL A 708 35.47 16.32 28.96
N HIS A 709 36.50 16.17 28.12
CA HIS A 709 36.67 17.08 26.98
C HIS A 709 35.53 16.94 25.97
N HIS A 710 34.98 15.73 25.81
CA HIS A 710 33.86 15.56 24.89
C HIS A 710 32.67 16.40 25.29
N ILE A 711 32.38 16.45 26.60
CA ILE A 711 31.27 17.26 27.08
C ILE A 711 31.53 18.74 26.79
N PHE A 712 32.74 19.20 27.04
CA PHE A 712 33.07 20.60 26.74
C PHE A 712 32.88 20.90 25.26
N MET A 713 33.28 19.97 24.39
CA MET A 713 33.18 20.23 22.96
C MET A 713 31.74 20.22 22.47
N THR A 714 30.90 19.33 22.99
CA THR A 714 29.59 19.09 22.40
C THR A 714 28.42 19.62 23.20
N PHE A 715 28.65 20.25 24.36
CA PHE A 715 27.54 20.74 25.17
C PHE A 715 26.74 21.81 24.44
N THR A 716 27.44 22.77 23.82
CA THR A 716 26.74 23.82 23.09
C THR A 716 25.95 23.27 21.92
N HIS A 717 26.51 22.30 21.20
CA HIS A 717 25.81 21.72 20.06
C HIS A 717 24.58 20.95 20.51
N TYR A 718 24.67 20.25 21.64
CA TYR A 718 23.51 19.50 22.12
C TYR A 718 22.43 20.42 22.70
N THR A 719 22.83 21.56 23.27
CA THR A 719 21.85 22.44 23.89
C THR A 719 20.84 22.99 22.88
N ALA A 720 21.26 23.19 21.63
CA ALA A 720 20.42 23.83 20.63
C ALA A 720 19.48 22.85 19.93
N LEU A 721 19.47 21.58 20.30
CA LEU A 721 18.62 20.59 19.65
C LEU A 721 17.62 19.95 20.61
N ILE A 722 17.52 20.42 21.85
CA ILE A 722 16.59 19.81 22.80
C ILE A 722 15.14 19.94 22.34
N PRO A 723 14.61 21.13 22.01
CA PRO A 723 13.22 21.17 21.53
C PRO A 723 13.01 20.39 20.27
N SER A 724 13.98 20.42 19.35
CA SER A 724 13.87 19.61 18.14
C SER A 724 13.74 18.14 18.48
N PHE A 725 14.66 17.62 19.29
CA PHE A 725 14.60 16.25 19.77
C PHE A 725 13.21 15.94 20.27
N VAL A 726 12.81 16.61 21.35
CA VAL A 726 11.56 16.27 22.04
C VAL A 726 10.41 16.31 21.06
N ASN A 727 10.10 17.51 20.55
CA ASN A 727 8.89 17.69 19.76
C ASN A 727 8.91 16.82 18.50
N ILE A 728 9.90 17.03 17.63
CA ILE A 728 9.86 16.40 16.32
C ILE A 728 9.93 14.88 16.46
N PHE A 729 10.90 14.37 17.24
CA PHE A 729 11.05 12.92 17.30
C PHE A 729 9.84 12.26 17.94
N THR A 730 9.33 12.81 19.04
CA THR A 730 8.18 12.18 19.69
C THR A 730 6.95 12.21 18.78
N ILE A 731 6.70 13.33 18.12
CA ILE A 731 5.51 13.45 17.27
C ILE A 731 5.61 12.48 16.10
N TYR A 732 6.76 12.42 15.44
CA TYR A 732 6.89 11.53 14.29
C TYR A 732 6.83 10.08 14.72
N SER A 733 7.40 9.74 15.88
CA SER A 733 7.31 8.37 16.37
C SER A 733 5.87 7.98 16.65
N PHE A 734 5.09 8.86 17.27
CA PHE A 734 3.71 8.50 17.61
C PHE A 734 2.80 8.50 16.39
N CYS A 735 3.12 9.30 15.36
CA CYS A 735 2.23 9.39 14.21
C CYS A 735 2.34 8.16 13.32
N ASN A 736 3.53 7.62 13.15
CA ASN A 736 3.78 6.51 12.23
C ASN A 736 3.85 5.17 12.95
N LEU A 737 3.05 4.99 13.99
CA LEU A 737 2.95 3.70 14.67
C LEU A 737 2.29 2.63 13.80
N GLN A 738 1.70 3.03 12.67
CA GLN A 738 0.96 2.12 11.80
C GLN A 738 1.87 1.11 11.10
N ASP A 739 3.19 1.26 11.19
CA ASP A 739 4.10 0.47 10.38
C ASP A 739 4.13 -0.98 10.81
N LEU A 740 3.04 -1.69 10.53
CA LEU A 740 3.00 -3.13 10.77
C LEU A 740 3.85 -3.87 9.74
N SER A 741 4.26 -5.08 10.11
CA SER A 741 5.02 -5.96 9.23
C SER A 741 4.17 -7.16 8.83
N TRP A 742 4.25 -7.53 7.56
CA TRP A 742 3.47 -8.64 7.01
C TRP A 742 1.97 -8.39 7.14
N GLU A 759 -4.54 -30.55 -5.60
CA GLU A 759 -3.69 -31.74 -5.60
C GLU A 759 -4.31 -32.91 -6.35
N THR A 760 -4.97 -32.63 -7.46
CA THR A 760 -5.60 -33.65 -8.30
C THR A 760 -4.92 -33.65 -9.67
N GLU A 761 -4.49 -34.83 -10.11
CA GLU A 761 -3.64 -34.91 -11.30
C GLU A 761 -4.46 -34.87 -12.58
N LYS A 762 -5.50 -35.70 -12.70
CA LYS A 762 -6.31 -35.69 -13.90
C LYS A 762 -7.44 -34.71 -13.67
N GLY A 763 -8.68 -35.08 -14.02
CA GLY A 763 -9.81 -34.21 -13.74
C GLY A 763 -10.86 -34.25 -14.84
N ASP A 764 -12.04 -33.77 -14.50
CA ASP A 764 -13.09 -33.48 -15.47
C ASP A 764 -13.48 -32.01 -15.34
N PHE A 765 -14.47 -31.62 -16.13
CA PHE A 765 -14.83 -30.20 -16.27
C PHE A 765 -15.36 -29.64 -14.96
N LYS A 766 -16.28 -30.37 -14.31
CA LYS A 766 -16.90 -29.87 -13.09
C LYS A 766 -15.86 -29.68 -12.00
N ASP A 767 -14.85 -30.54 -11.95
CA ASP A 767 -13.75 -30.36 -11.01
C ASP A 767 -13.02 -29.05 -11.27
N VAL A 768 -12.83 -28.71 -12.56
CA VAL A 768 -12.17 -27.45 -12.90
C VAL A 768 -12.99 -26.26 -12.39
N ILE A 769 -14.30 -26.31 -12.61
CA ILE A 769 -15.16 -25.20 -12.18
C ILE A 769 -15.11 -25.06 -10.66
N ALA A 770 -15.21 -26.19 -9.95
CA ALA A 770 -15.16 -26.15 -8.49
C ALA A 770 -13.82 -25.62 -7.99
N LYS A 771 -12.72 -26.02 -8.64
CA LYS A 771 -11.41 -25.53 -8.24
C LYS A 771 -11.31 -24.02 -8.40
N ARG A 772 -11.78 -23.50 -9.53
CA ARG A 772 -11.73 -22.05 -9.74
C ARG A 772 -12.56 -21.30 -8.69
N ARG A 773 -13.78 -21.80 -8.43
CA ARG A 773 -14.62 -21.14 -7.43
C ARG A 773 -13.98 -21.16 -6.05
N ALA A 774 -13.40 -22.29 -5.66
CA ALA A 774 -12.76 -22.38 -4.35
C ALA A 774 -11.58 -21.42 -4.25
N LEU A 775 -10.77 -21.33 -5.31
CA LEU A 775 -9.63 -20.41 -5.27
C LEU A 775 -10.10 -18.96 -5.13
N GLU A 776 -11.15 -18.59 -5.87
CA GLU A 776 -11.66 -17.22 -5.75
C GLU A 776 -12.16 -16.94 -4.34
N GLU A 777 -12.89 -17.89 -3.75
CA GLU A 777 -13.40 -17.69 -2.39
C GLU A 777 -12.25 -17.51 -1.40
N LEU A 778 -11.22 -18.35 -1.50
CA LEU A 778 -10.09 -18.24 -0.58
C LEU A 778 -9.39 -16.90 -0.72
N ARG A 779 -9.20 -16.44 -1.97
CA ARG A 779 -8.55 -15.15 -2.17
C ARG A 779 -9.35 -14.01 -1.55
N ARG A 780 -10.67 -14.02 -1.74
CA ARG A 780 -11.48 -12.96 -1.16
C ARG A 780 -11.44 -12.97 0.36
N GLU A 781 -11.49 -14.17 0.96
CA GLU A 781 -11.41 -14.25 2.42
C GLU A 781 -10.07 -13.72 2.93
N GLU A 782 -8.97 -14.05 2.24
CA GLU A 782 -7.67 -13.54 2.65
C GLU A 782 -7.62 -12.02 2.59
N LYS A 783 -8.17 -11.44 1.53
CA LYS A 783 -8.18 -9.98 1.41
C LYS A 783 -8.98 -9.35 2.56
N GLU A 784 -10.13 -9.94 2.89
CA GLU A 784 -10.93 -9.42 4.00
C GLU A 784 -10.16 -9.47 5.31
N ARG A 785 -9.45 -10.58 5.57
CA ARG A 785 -8.69 -10.70 6.81
C ARG A 785 -7.60 -9.63 6.90
N VAL A 786 -6.90 -9.40 5.79
CA VAL A 786 -5.86 -8.36 5.78
C VAL A 786 -6.46 -7.00 6.08
N GLU A 787 -7.60 -6.70 5.46
CA GLU A 787 -8.27 -5.41 5.72
C GLU A 787 -8.59 -5.26 7.20
N ASN A 788 -9.14 -6.30 7.82
CA ASN A 788 -9.50 -6.23 9.23
C ASN A 788 -8.29 -5.97 10.11
N ARG A 789 -7.17 -6.66 9.83
CA ARG A 789 -5.97 -6.46 10.65
C ARG A 789 -5.48 -5.01 10.55
N LYS A 790 -5.41 -4.48 9.33
CA LYS A 790 -4.93 -3.11 9.16
C LYS A 790 -5.86 -2.11 9.87
N LYS A 791 -7.17 -2.33 9.79
CA LYS A 791 -8.11 -1.44 10.46
C LYS A 791 -7.85 -1.41 11.97
N ASN A 792 -7.70 -2.60 12.58
CA ASN A 792 -7.48 -2.64 14.02
C ASN A 792 -6.19 -1.90 14.40
N PHE A 793 -5.11 -2.13 13.67
CA PHE A 793 -3.84 -1.49 14.03
C PHE A 793 -3.94 0.03 13.92
N GLU A 794 -4.56 0.53 12.84
CA GLU A 794 -4.70 1.98 12.69
C GLU A 794 -5.53 2.58 13.81
N ALA A 795 -6.63 1.92 14.18
CA ALA A 795 -7.45 2.45 15.26
C ALA A 795 -6.66 2.54 16.56
N PHE A 796 -5.87 1.50 16.87
CA PHE A 796 -5.09 1.52 18.11
C PHE A 796 -4.10 2.69 18.12
N ARG A 797 -3.37 2.87 17.01
CA ARG A 797 -2.38 3.95 17.00
C ARG A 797 -3.05 5.31 17.13
N THR A 798 -4.19 5.50 16.47
CA THR A 798 -4.88 6.78 16.56
C THR A 798 -5.33 7.07 17.98
N ASN A 799 -5.88 6.06 18.66
CA ASN A 799 -6.30 6.28 20.05
C ASN A 799 -5.13 6.68 20.94
N VAL A 800 -3.99 6.00 20.78
CA VAL A 800 -2.83 6.33 21.61
C VAL A 800 -2.37 7.77 21.35
N LEU A 801 -2.28 8.16 20.07
CA LEU A 801 -1.81 9.51 19.75
C LEU A 801 -2.74 10.57 20.32
N LEU A 802 -4.05 10.36 20.17
CA LEU A 802 -5.00 11.34 20.70
C LEU A 802 -4.87 11.47 22.21
N THR A 803 -4.76 10.34 22.91
CA THR A 803 -4.59 10.39 24.36
C THR A 803 -3.37 11.22 24.75
N TRP A 804 -2.23 10.94 24.11
CA TRP A 804 -1.00 11.64 24.47
C TRP A 804 -1.13 13.14 24.24
N ALA A 805 -1.56 13.53 23.03
CA ALA A 805 -1.61 14.96 22.70
C ALA A 805 -2.59 15.71 23.60
N PHE A 806 -3.77 15.15 23.83
CA PHE A 806 -4.75 15.86 24.62
C PHE A 806 -4.36 15.92 26.09
N SER A 807 -3.71 14.87 26.62
CA SER A 807 -3.22 14.94 27.99
C SER A 807 -2.23 16.09 28.14
N ASN A 808 -1.27 16.18 27.22
CA ASN A 808 -0.28 17.26 27.32
C ASN A 808 -0.95 18.63 27.23
N LEU A 809 -1.87 18.81 26.28
CA LEU A 809 -2.50 20.11 26.10
C LEU A 809 -3.32 20.52 27.33
N ILE A 810 -4.10 19.58 27.87
CA ILE A 810 -4.94 19.90 29.02
C ILE A 810 -4.09 20.24 30.24
N PHE A 811 -3.02 19.48 30.47
CA PHE A 811 -2.14 19.78 31.59
C PHE A 811 -1.53 21.17 31.45
N ALA A 812 -1.05 21.50 30.24
CA ALA A 812 -0.45 22.81 30.04
C ALA A 812 -1.45 23.93 30.29
N LEU A 813 -2.66 23.79 29.75
CA LEU A 813 -3.66 24.85 29.91
C LEU A 813 -4.03 25.05 31.38
N PHE A 814 -4.26 23.94 32.10
CA PHE A 814 -4.65 24.08 33.50
C PHE A 814 -3.53 24.71 34.31
N VAL A 815 -2.29 24.32 34.07
CA VAL A 815 -1.19 24.90 34.84
C VAL A 815 -1.00 26.37 34.50
N VAL A 816 -1.19 26.76 33.23
CA VAL A 816 -1.04 28.16 32.88
C VAL A 816 -2.13 29.00 33.54
N TYR A 817 -3.37 28.50 33.55
CA TYR A 817 -4.47 29.34 34.02
C TYR A 817 -4.66 29.35 35.53
N PHE A 818 -4.32 28.26 36.23
CA PHE A 818 -4.61 28.17 37.66
C PHE A 818 -3.36 28.11 38.53
N ALA A 819 -2.23 28.57 38.03
CA ALA A 819 -1.00 28.55 38.82
C ALA A 819 -0.15 29.76 38.48
N SER A 820 0.75 30.10 39.39
CA SER A 820 1.65 31.21 39.23
C SER A 820 3.08 30.72 39.00
N SER A 821 3.92 31.62 38.49
CA SER A 821 5.32 31.30 38.28
C SER A 821 6.10 31.16 39.59
N SER A 822 5.51 31.55 40.72
CA SER A 822 6.17 31.42 42.01
C SER A 822 5.75 30.19 42.78
N THR A 823 4.65 29.54 42.39
CA THR A 823 4.17 28.35 43.07
C THR A 823 4.33 27.09 42.23
N TYR A 824 5.01 27.18 41.08
CA TYR A 824 5.19 26.03 40.20
C TYR A 824 6.66 25.70 39.96
N MET A 825 7.50 26.70 39.72
CA MET A 825 8.91 26.43 39.43
C MET A 825 9.64 25.65 40.52
N PRO A 826 9.46 25.93 41.82
CA PRO A 826 10.16 25.13 42.82
C PRO A 826 9.87 23.64 42.72
N VAL A 827 8.65 23.25 42.38
CA VAL A 827 8.33 21.84 42.24
C VAL A 827 9.13 21.22 41.11
N LEU A 828 9.22 21.92 39.97
CA LEU A 828 10.01 21.43 38.84
C LEU A 828 11.47 21.30 39.22
N TYR A 829 12.01 22.30 39.92
CA TYR A 829 13.40 22.23 40.35
C TYR A 829 13.65 21.05 41.26
N ILE A 830 12.74 20.80 42.20
CA ILE A 830 12.89 19.67 43.12
C ILE A 830 12.88 18.37 42.35
N PHE A 831 11.95 18.23 41.40
CA PHE A 831 11.84 16.98 40.64
C PHE A 831 13.12 16.70 39.85
N VAL A 832 13.59 17.72 39.10
CA VAL A 832 14.78 17.52 38.28
C VAL A 832 15.99 17.24 39.15
N ALA A 833 16.12 17.95 40.27
CA ALA A 833 17.25 17.73 41.16
C ALA A 833 17.23 16.32 41.74
N SER A 834 16.05 15.82 42.11
CA SER A 834 15.95 14.47 42.63
C SER A 834 16.40 13.44 41.60
N LEU A 835 15.90 13.58 40.36
CA LEU A 835 16.27 12.61 39.33
C LEU A 835 17.77 12.64 39.06
N ASN A 836 18.35 13.83 38.94
CA ASN A 836 19.77 13.90 38.64
C ASN A 836 20.62 13.42 39.81
N THR A 837 20.18 13.66 41.05
CA THR A 837 20.91 13.13 42.20
C THR A 837 20.92 11.61 42.19
N CYS A 838 19.77 10.99 41.89
CA CYS A 838 19.73 9.54 41.82
C CYS A 838 20.66 9.01 40.74
N ARG A 839 20.66 9.66 39.56
CA ARG A 839 21.54 9.20 38.48
C ARG A 839 23.01 9.35 38.86
N LEU A 840 23.37 10.47 39.51
CA LEU A 840 24.76 10.67 39.93
C LEU A 840 25.19 9.63 40.95
N LEU A 841 24.31 9.31 41.90
CA LEU A 841 24.64 8.27 42.87
C LEU A 841 24.85 6.92 42.18
N GLY A 842 24.01 6.60 41.20
CA GLY A 842 24.21 5.37 40.46
C GLY A 842 25.55 5.33 39.74
N SER A 843 25.92 6.42 39.08
CA SER A 843 27.20 6.45 38.37
C SER A 843 28.37 6.29 39.33
N ILE A 844 28.32 6.99 40.47
CA ILE A 844 29.41 6.87 41.45
C ILE A 844 29.51 5.45 41.98
N GLY A 845 28.36 4.83 42.26
CA GLY A 845 28.38 3.45 42.72
C GLY A 845 28.99 2.50 41.70
N HIS A 846 28.64 2.68 40.42
CA HIS A 846 29.21 1.82 39.39
C HIS A 846 30.72 1.99 39.31
N TRP A 847 31.20 3.24 39.36
CA TRP A 847 32.65 3.45 39.30
C TRP A 847 33.35 2.82 40.50
N VAL A 848 32.78 2.98 41.69
CA VAL A 848 33.38 2.40 42.89
C VAL A 848 33.44 0.88 42.77
N TYR A 849 32.35 0.28 42.31
CA TYR A 849 32.34 -1.18 42.14
C TYR A 849 33.41 -1.62 41.15
N ILE A 850 33.47 -0.97 39.98
CA ILE A 850 34.38 -1.43 38.94
C ILE A 850 35.83 -1.25 39.36
N HIS A 851 36.13 -0.26 40.20
CA HIS A 851 37.50 -0.06 40.65
C HIS A 851 37.83 -0.78 41.95
N THR A 852 36.84 -1.33 42.65
CA THR A 852 37.08 -2.00 43.93
C THR A 852 36.98 -3.51 43.87
N GLU A 853 35.99 -4.04 43.12
CA GLU A 853 35.72 -5.47 43.17
C GLU A 853 36.93 -6.29 42.75
N GLY A 854 37.72 -5.79 41.80
CA GLY A 854 38.88 -6.54 41.35
C GLY A 854 39.85 -6.86 42.48
N LEU A 855 40.00 -5.94 43.42
CA LEU A 855 40.87 -6.16 44.57
C LEU A 855 40.14 -6.81 45.74
N ARG A 856 38.87 -6.50 45.94
CA ARG A 856 38.14 -6.93 47.13
C ARG A 856 37.36 -8.23 46.93
N GLY A 857 37.47 -8.87 45.76
CA GLY A 857 36.73 -10.09 45.55
C GLY A 857 37.30 -11.33 46.22
N ARG A 858 38.50 -11.23 46.80
CA ARG A 858 39.08 -12.39 47.46
C ARG A 858 38.26 -12.82 48.67
N VAL A 859 37.77 -11.85 49.46
CA VAL A 859 36.96 -12.18 50.62
C VAL A 859 35.62 -12.78 50.18
N ILE A 860 34.95 -12.13 49.24
CA ILE A 860 33.68 -12.62 48.72
C ILE A 860 33.69 -12.57 47.19
N PRO B 38 42.79 -34.58 -16.41
CA PRO B 38 41.98 -35.77 -16.72
C PRO B 38 41.95 -36.77 -15.57
N LEU B 39 40.82 -36.83 -14.87
CA LEU B 39 40.64 -37.76 -13.76
C LEU B 39 39.23 -38.33 -13.80
N PRO B 40 39.06 -39.56 -13.33
CA PRO B 40 37.73 -40.18 -13.35
C PRO B 40 36.77 -39.47 -12.40
N PRO B 41 35.47 -39.56 -12.65
CA PRO B 41 34.51 -38.93 -11.74
C PRO B 41 34.53 -39.58 -10.38
N PRO B 42 34.18 -38.84 -9.32
CA PRO B 42 34.11 -39.45 -7.99
C PRO B 42 33.09 -40.57 -7.95
N SER B 43 33.40 -41.61 -7.18
CA SER B 43 32.57 -42.81 -7.11
C SER B 43 31.36 -42.56 -6.22
N ILE B 44 30.43 -41.78 -6.76
CA ILE B 44 29.17 -41.48 -6.09
C ILE B 44 28.04 -41.70 -7.09
N ARG B 45 27.30 -42.80 -6.92
CA ARG B 45 26.15 -43.11 -7.75
C ARG B 45 24.82 -42.85 -7.06
N SER B 46 24.85 -42.37 -5.82
CA SER B 46 23.63 -42.13 -5.03
C SER B 46 23.67 -40.68 -4.56
N CYS B 47 23.16 -39.76 -5.37
CA CYS B 47 23.11 -38.35 -5.02
C CYS B 47 21.78 -37.95 -4.43
N GLY B 48 20.67 -38.35 -5.04
CA GLY B 48 19.35 -38.05 -4.51
C GLY B 48 18.71 -39.23 -3.82
N SER B 49 19.34 -40.41 -3.96
CA SER B 49 18.80 -41.61 -3.31
C SER B 49 19.01 -41.55 -1.80
N GLN B 50 20.20 -41.19 -1.35
CA GLN B 50 20.49 -41.13 0.07
C GLN B 50 20.06 -39.80 0.66
N GLN B 51 20.12 -39.73 1.99
CA GLN B 51 19.67 -38.51 2.68
C GLN B 51 20.68 -37.38 2.51
N TYR B 52 21.97 -37.68 2.61
CA TYR B 52 23.00 -36.65 2.60
C TYR B 52 24.30 -37.23 2.05
N VAL B 53 24.83 -36.60 0.99
CA VAL B 53 26.06 -37.06 0.35
C VAL B 53 26.92 -35.84 0.05
N THR B 54 28.22 -35.97 0.34
CA THR B 54 29.20 -34.91 0.08
C THR B 54 30.08 -35.32 -1.09
N SER B 55 30.30 -34.39 -2.02
CA SER B 55 31.06 -34.67 -3.23
C SER B 55 31.96 -33.50 -3.57
N TYR B 56 32.99 -33.79 -4.38
CA TYR B 56 33.91 -32.79 -4.89
C TYR B 56 33.96 -32.88 -6.40
N ILE B 57 33.72 -31.75 -7.07
CA ILE B 57 33.65 -31.69 -8.52
C ILE B 57 34.81 -30.83 -9.01
N PRO B 58 35.87 -31.42 -9.57
CA PRO B 58 37.02 -30.64 -10.03
C PRO B 58 36.73 -29.98 -11.37
N THR B 59 36.75 -28.65 -11.39
CA THR B 59 36.54 -27.90 -12.62
C THR B 59 37.84 -27.73 -13.38
N GLY B 60 37.74 -27.71 -14.70
CA GLY B 60 38.90 -27.61 -15.58
C GLY B 60 39.39 -28.92 -16.14
N ALA B 61 38.95 -30.05 -15.59
CA ALA B 61 39.37 -31.36 -16.09
C ALA B 61 38.64 -31.72 -17.38
N ALA B 62 37.37 -31.34 -17.49
CA ALA B 62 36.51 -31.57 -18.65
C ALA B 62 36.10 -33.02 -18.81
N PHE B 63 36.61 -33.92 -17.97
CA PHE B 63 36.20 -35.33 -17.87
C PHE B 63 36.60 -36.13 -19.11
N PRO B 64 36.64 -37.46 -19.01
CA PRO B 64 36.71 -38.29 -20.21
C PRO B 64 35.32 -38.72 -20.64
N PRO B 65 35.02 -38.67 -21.94
CA PRO B 65 33.71 -39.15 -22.40
C PRO B 65 33.46 -40.63 -22.13
N SER B 66 34.50 -41.45 -22.22
CA SER B 66 34.33 -42.90 -22.06
C SER B 66 33.87 -43.25 -20.65
N SER B 67 34.46 -42.62 -19.64
CA SER B 67 34.07 -42.91 -18.26
C SER B 67 32.62 -42.52 -18.00
N VAL B 68 32.21 -41.35 -18.50
CA VAL B 68 30.82 -40.92 -18.33
C VAL B 68 29.87 -41.87 -19.05
N GLN B 69 30.25 -42.30 -20.25
CA GLN B 69 29.41 -43.24 -20.99
C GLN B 69 29.28 -44.57 -20.24
N ASP B 70 30.38 -45.05 -19.66
CA ASP B 70 30.35 -46.27 -18.87
C ASP B 70 29.47 -46.11 -17.64
N MET B 71 29.55 -44.95 -16.98
CA MET B 71 28.70 -44.70 -15.82
C MET B 71 27.22 -44.68 -16.21
N ILE B 72 26.91 -44.07 -17.35
CA ILE B 72 25.52 -44.02 -17.81
C ILE B 72 25.02 -45.43 -18.14
N SER B 73 25.84 -46.22 -18.85
CA SER B 73 25.41 -47.54 -19.28
C SER B 73 25.23 -48.51 -18.12
N SER B 74 25.77 -48.19 -16.94
CA SER B 74 25.70 -49.06 -15.78
C SER B 74 24.47 -48.81 -14.91
N MET B 75 23.43 -48.19 -15.47
CA MET B 75 22.21 -47.89 -14.73
C MET B 75 21.02 -48.48 -15.47
N LYS B 76 20.17 -49.19 -14.72
CA LYS B 76 19.00 -49.84 -15.30
C LYS B 76 17.68 -49.51 -14.62
N SER B 77 17.69 -48.89 -13.44
CA SER B 77 16.43 -48.62 -12.75
C SER B 77 15.57 -47.62 -13.51
N TYR B 78 16.19 -46.68 -14.23
CA TYR B 78 15.44 -45.60 -14.86
C TYR B 78 14.35 -46.15 -15.76
N ALA B 79 14.62 -47.28 -16.43
CA ALA B 79 13.65 -47.86 -17.35
C ALA B 79 12.29 -48.03 -16.69
N SER B 80 12.29 -48.59 -15.46
CA SER B 80 11.03 -48.78 -14.77
C SER B 80 10.27 -47.46 -14.67
N ALA B 81 10.95 -46.43 -14.16
CA ALA B 81 10.29 -45.12 -14.06
C ALA B 81 9.77 -44.68 -15.41
N THR B 82 10.60 -44.80 -16.45
CA THR B 82 10.16 -44.39 -17.77
C THR B 82 8.87 -45.09 -18.15
N ASP B 83 8.83 -46.41 -17.96
CA ASP B 83 7.62 -47.16 -18.31
C ASP B 83 6.42 -46.59 -17.58
N LEU B 84 6.56 -46.39 -16.26
CA LEU B 84 5.44 -45.85 -15.50
C LEU B 84 5.00 -44.51 -16.08
N VAL B 85 5.96 -43.63 -16.36
CA VAL B 85 5.61 -42.32 -16.89
C VAL B 85 4.84 -42.48 -18.18
N ARG B 86 5.29 -43.37 -19.06
CA ARG B 86 4.61 -43.58 -20.33
C ARG B 86 3.17 -43.99 -20.08
N THR B 87 2.96 -44.93 -19.15
CA THR B 87 1.59 -45.35 -18.83
C THR B 87 0.78 -44.16 -18.36
N TYR B 88 1.35 -43.35 -17.46
CA TYR B 88 0.63 -42.18 -16.97
C TYR B 88 0.36 -41.19 -18.10
N SER B 89 1.27 -41.13 -19.07
CA SER B 89 1.09 -40.22 -20.19
C SER B 89 0.11 -40.74 -21.22
N GLU B 90 -0.40 -41.97 -21.05
CA GLU B 90 -1.26 -42.55 -22.08
C GLU B 90 -2.56 -41.78 -22.22
N ILE B 91 -3.16 -41.38 -21.12
CA ILE B 91 -4.49 -40.78 -21.10
C ILE B 91 -4.36 -39.27 -20.90
N PRO B 92 -5.01 -38.45 -21.73
CA PRO B 92 -4.99 -37.00 -21.50
C PRO B 92 -6.14 -36.54 -20.62
N SER B 93 -6.21 -35.24 -20.33
CA SER B 93 -7.29 -34.70 -19.51
C SER B 93 -7.58 -33.27 -19.94
N VAL B 94 -8.76 -32.79 -19.55
CA VAL B 94 -9.17 -31.44 -19.92
C VAL B 94 -8.26 -30.39 -19.30
N GLU B 95 -7.91 -30.58 -18.02
CA GLU B 95 -7.10 -29.59 -17.31
C GLU B 95 -5.74 -29.42 -17.97
N GLU B 96 -5.12 -30.53 -18.37
CA GLU B 96 -3.82 -30.46 -19.03
C GLU B 96 -3.92 -29.69 -20.34
N ALA B 97 -4.96 -29.95 -21.13
CA ALA B 97 -5.14 -29.26 -22.39
C ALA B 97 -5.32 -27.77 -22.19
N LEU B 98 -6.16 -27.39 -21.22
CA LEU B 98 -6.38 -25.96 -20.97
C LEU B 98 -5.11 -25.29 -20.48
N SER B 99 -4.36 -25.95 -19.60
CA SER B 99 -3.11 -25.37 -19.11
C SER B 99 -2.10 -25.20 -20.23
N THR B 100 -1.99 -26.19 -21.12
CA THR B 100 -1.07 -26.09 -22.24
C THR B 100 -1.48 -24.95 -23.17
N LEU B 101 -2.77 -24.79 -23.42
CA LEU B 101 -3.23 -23.70 -24.26
C LEU B 101 -2.93 -22.34 -23.62
N ASP B 102 -3.10 -22.23 -22.30
CA ASP B 102 -2.78 -20.99 -21.62
C ASP B 102 -1.28 -20.67 -21.72
N ARG B 103 -0.44 -21.69 -21.54
CA ARG B 103 1.00 -21.50 -21.70
C ARG B 103 1.35 -21.10 -23.13
N ALA B 104 0.66 -21.68 -24.11
CA ALA B 104 0.89 -21.30 -25.50
C ALA B 104 0.54 -19.84 -25.74
N ALA B 105 -0.59 -19.39 -25.17
CA ALA B 105 -0.96 -17.98 -25.31
C ALA B 105 0.07 -17.08 -24.65
N ALA B 106 0.57 -17.47 -23.48
CA ALA B 106 1.60 -16.69 -22.80
C ALA B 106 2.87 -16.60 -23.64
N ALA B 107 3.25 -17.71 -24.26
CA ALA B 107 4.42 -17.70 -25.14
C ALA B 107 4.20 -16.80 -26.35
N LEU B 108 3.00 -16.87 -26.93
CA LEU B 108 2.71 -16.05 -28.11
C LEU B 108 2.76 -14.56 -27.77
N ASN B 109 2.27 -14.19 -26.58
CA ASN B 109 2.39 -12.81 -26.14
C ASN B 109 3.85 -12.40 -25.93
N ALA B 110 4.74 -13.37 -25.75
CA ALA B 110 6.16 -13.10 -25.53
C ALA B 110 6.98 -13.07 -26.81
N ARG B 111 6.33 -13.20 -27.97
CA ARG B 111 6.93 -13.10 -29.30
C ARG B 111 7.78 -14.31 -29.67
N ARG B 112 7.74 -15.39 -28.88
CA ARG B 112 8.42 -16.63 -29.24
C ARG B 112 7.42 -17.54 -29.95
N TYR B 113 7.74 -17.91 -31.19
CA TYR B 113 6.77 -18.55 -32.07
C TYR B 113 6.88 -20.06 -32.15
N ARG B 114 8.10 -20.62 -32.10
CA ARG B 114 8.25 -22.06 -32.20
C ARG B 114 7.63 -22.77 -30.99
N ASP B 115 7.93 -22.27 -29.79
CA ASP B 115 7.36 -22.86 -28.59
C ASP B 115 5.84 -22.71 -28.58
N ALA B 116 5.34 -21.55 -29.03
CA ALA B 116 3.90 -21.36 -29.13
C ALA B 116 3.28 -22.36 -30.09
N LEU B 117 3.92 -22.60 -31.23
CA LEU B 117 3.40 -23.57 -32.20
C LEU B 117 3.37 -24.97 -31.60
N LYS B 118 4.45 -25.37 -30.92
CA LYS B 118 4.47 -26.70 -30.33
C LYS B 118 3.38 -26.87 -29.28
N LEU B 119 3.23 -25.87 -28.40
CA LEU B 119 2.22 -25.97 -27.35
C LEU B 119 0.81 -25.94 -27.94
N TYR B 120 0.58 -25.13 -28.97
CA TYR B 120 -0.73 -25.10 -29.61
C TYR B 120 -1.07 -26.43 -30.26
N LEU B 121 -0.10 -27.06 -30.94
CA LEU B 121 -0.35 -28.36 -31.53
C LEU B 121 -0.67 -29.40 -30.47
N GLU B 122 0.12 -29.40 -29.38
CA GLU B 122 -0.12 -30.37 -28.32
C GLU B 122 -1.51 -30.18 -27.71
N GLY B 123 -1.89 -28.94 -27.44
CA GLY B 123 -3.20 -28.67 -26.86
C GLY B 123 -4.34 -29.05 -27.79
N GLY B 124 -4.18 -28.75 -29.09
CA GLY B 124 -5.22 -29.11 -30.05
C GLY B 124 -5.43 -30.61 -30.13
N TYR B 125 -4.33 -31.36 -30.22
CA TYR B 125 -4.45 -32.82 -30.26
C TYR B 125 -5.06 -33.36 -28.96
N ALA B 126 -4.66 -32.79 -27.82
CA ALA B 126 -5.20 -33.24 -26.55
C ALA B 126 -6.70 -33.02 -26.49
N MET B 127 -7.17 -31.83 -26.89
CA MET B 127 -8.60 -31.56 -26.86
C MET B 127 -9.36 -32.45 -27.83
N ALA B 128 -8.80 -32.68 -29.02
CA ALA B 128 -9.45 -33.55 -29.99
C ALA B 128 -9.60 -34.96 -29.44
N ASN B 129 -8.58 -35.47 -28.75
CA ASN B 129 -8.69 -36.80 -28.16
C ASN B 129 -9.69 -36.81 -27.00
N VAL B 130 -9.68 -35.77 -26.17
CA VAL B 130 -10.51 -35.76 -24.97
C VAL B 130 -11.99 -35.63 -25.31
N ALA B 131 -12.31 -34.93 -26.40
CA ALA B 131 -13.71 -34.60 -26.69
C ALA B 131 -14.61 -35.81 -26.74
N GLU B 132 -14.07 -36.98 -27.11
CA GLU B 132 -14.91 -38.16 -27.27
C GLU B 132 -15.32 -38.76 -25.93
N ARG B 133 -14.52 -38.56 -24.88
CA ARG B 133 -14.80 -39.17 -23.59
C ARG B 133 -16.06 -38.59 -22.96
N GLN B 134 -16.29 -37.29 -23.14
CA GLN B 134 -17.36 -36.61 -22.42
C GLN B 134 -18.73 -37.15 -22.80
N ALA B 135 -19.63 -37.19 -21.80
CA ALA B 135 -20.99 -37.65 -22.02
C ALA B 135 -21.99 -36.51 -22.19
N ASN B 136 -21.65 -35.30 -21.77
CA ASN B 136 -22.53 -34.16 -21.96
C ASN B 136 -22.42 -33.66 -23.40
N PRO B 137 -23.53 -33.62 -24.16
CA PRO B 137 -23.42 -33.23 -25.58
C PRO B 137 -22.84 -31.84 -25.80
N LYS B 138 -23.20 -30.86 -24.96
CA LYS B 138 -22.70 -29.51 -25.15
C LYS B 138 -21.18 -29.47 -25.03
N ILE B 139 -20.64 -30.16 -24.02
CA ILE B 139 -19.20 -30.18 -23.82
C ILE B 139 -18.51 -30.86 -25.01
N CYS B 140 -19.07 -31.96 -25.48
CA CYS B 140 -18.49 -32.66 -26.63
C CYS B 140 -18.42 -31.75 -27.85
N ASN B 141 -19.53 -31.08 -28.17
CA ASN B 141 -19.57 -30.22 -29.34
C ASN B 141 -18.59 -29.06 -29.20
N LEU B 142 -18.57 -28.41 -28.04
CA LEU B 142 -17.67 -27.27 -27.85
C LEU B 142 -16.20 -27.70 -27.93
N LEU B 143 -15.85 -28.84 -27.33
CA LEU B 143 -14.48 -29.31 -27.39
C LEU B 143 -14.07 -29.66 -28.81
N THR B 144 -14.97 -30.29 -29.58
CA THR B 144 -14.65 -30.62 -30.97
C THR B 144 -14.39 -29.34 -31.77
N SER B 145 -15.27 -28.34 -31.61
CA SER B 145 -15.10 -27.09 -32.35
C SER B 145 -13.79 -26.41 -31.97
N LYS B 146 -13.47 -26.39 -30.66
CA LYS B 146 -12.23 -25.75 -30.22
C LYS B 146 -11.01 -26.47 -30.78
N GLY B 147 -11.05 -27.81 -30.80
CA GLY B 147 -9.93 -28.54 -31.36
C GLY B 147 -9.71 -28.24 -32.82
N PHE B 148 -10.80 -28.21 -33.61
CA PHE B 148 -10.66 -27.89 -35.03
C PHE B 148 -10.10 -26.49 -35.23
N GLU B 149 -10.60 -25.52 -34.46
CA GLU B 149 -10.10 -24.15 -34.58
C GLU B 149 -8.62 -24.08 -34.23
N THR B 150 -8.21 -24.77 -33.16
CA THR B 150 -6.81 -24.75 -32.76
C THR B 150 -5.92 -25.34 -33.83
N LEU B 151 -6.34 -26.46 -34.44
CA LEU B 151 -5.53 -27.07 -35.48
C LEU B 151 -5.40 -26.17 -36.70
N ASN B 152 -6.50 -25.52 -37.10
CA ASN B 152 -6.43 -24.59 -38.23
C ASN B 152 -5.50 -23.43 -37.93
N TRP B 153 -5.56 -22.89 -36.72
CA TRP B 153 -4.66 -21.81 -36.34
C TRP B 153 -3.20 -22.28 -36.36
N CYS B 154 -2.96 -23.51 -35.90
CA CYS B 154 -1.60 -24.05 -35.94
C CYS B 154 -1.08 -24.12 -37.37
N ALA B 155 -1.92 -24.60 -38.29
CA ALA B 155 -1.51 -24.68 -39.69
C ALA B 155 -1.19 -23.29 -40.25
N ARG B 156 -2.05 -22.31 -39.95
CA ARG B 156 -1.81 -20.95 -40.46
C ARG B 156 -0.52 -20.36 -39.88
N LEU B 157 -0.27 -20.59 -38.59
CA LEU B 157 0.95 -20.07 -37.97
C LEU B 157 2.18 -20.73 -38.57
N CYS B 158 2.12 -22.03 -38.84
CA CYS B 158 3.24 -22.69 -39.50
C CYS B 158 3.50 -22.10 -40.87
N ASP B 159 2.44 -21.86 -41.64
CA ASP B 159 2.60 -21.24 -42.95
C ASP B 159 3.23 -19.86 -42.83
N TRP B 160 2.82 -19.08 -41.83
CA TRP B 160 3.42 -17.76 -41.63
C TRP B 160 4.89 -17.86 -41.26
N ILE B 161 5.24 -18.80 -40.38
CA ILE B 161 6.63 -18.95 -39.97
C ILE B 161 7.50 -19.34 -41.15
N GLU B 162 6.97 -20.18 -42.04
CA GLU B 162 7.72 -20.53 -43.24
C GLU B 162 8.00 -19.34 -44.14
N GLY B 163 7.26 -18.24 -43.98
CA GLY B 163 7.41 -17.08 -44.81
C GLY B 163 6.45 -16.98 -45.97
N ARG B 164 5.53 -17.93 -46.10
CA ARG B 164 4.56 -17.91 -47.20
C ARG B 164 3.64 -16.70 -47.10
N ILE B 165 3.19 -16.37 -45.90
CA ILE B 165 2.24 -15.28 -45.66
C ILE B 165 2.94 -14.16 -44.93
N LYS B 166 2.72 -12.93 -45.36
CA LYS B 166 3.27 -11.74 -44.72
C LYS B 166 2.20 -11.08 -43.87
N GLU B 167 2.44 -11.01 -42.56
CA GLU B 167 1.53 -10.36 -41.63
C GLU B 167 2.34 -9.76 -40.49
N LYS B 168 1.68 -8.91 -39.71
CA LYS B 168 2.27 -8.33 -38.51
C LYS B 168 1.42 -8.69 -37.31
N HIS B 169 2.08 -9.19 -36.26
CA HIS B 169 1.42 -9.63 -35.04
C HIS B 169 0.33 -10.66 -35.33
N PRO B 170 0.68 -11.83 -35.86
CA PRO B 170 -0.34 -12.84 -36.15
C PRO B 170 -1.04 -13.31 -34.87
N ARG B 171 -2.35 -13.47 -34.97
CA ARG B 171 -3.18 -13.88 -33.84
C ARG B 171 -4.19 -14.89 -34.34
N PRO B 172 -4.75 -15.71 -33.45
CA PRO B 172 -5.81 -16.63 -33.85
C PRO B 172 -7.01 -15.89 -34.43
N GLY B 173 -7.64 -16.51 -35.42
CA GLY B 173 -8.76 -15.87 -36.08
C GLY B 173 -9.96 -15.72 -35.16
N VAL B 174 -10.78 -14.71 -35.45
CA VAL B 174 -11.97 -14.44 -34.66
C VAL B 174 -13.05 -15.45 -35.02
N HIS B 175 -13.79 -15.92 -34.01
CA HIS B 175 -14.80 -16.95 -34.21
C HIS B 175 -15.85 -16.79 -33.11
N LYS B 176 -16.99 -16.18 -33.46
CA LYS B 176 -18.08 -16.00 -32.51
C LYS B 176 -19.02 -17.20 -32.59
N VAL B 177 -19.52 -17.62 -31.44
CA VAL B 177 -20.32 -18.84 -31.33
C VAL B 177 -21.71 -18.47 -30.82
N GLY B 178 -22.74 -18.96 -31.50
CA GLY B 178 -24.12 -18.78 -31.08
C GLY B 178 -24.70 -20.09 -30.60
N ILE B 179 -25.32 -20.04 -29.42
CA ILE B 179 -25.89 -21.25 -28.83
C ILE B 179 -27.31 -20.98 -28.38
N PRO B 180 -28.16 -22.01 -28.29
CA PRO B 180 -29.52 -21.81 -27.77
C PRO B 180 -29.49 -21.39 -26.31
N VAL B 181 -30.47 -20.57 -25.94
CA VAL B 181 -30.62 -20.14 -24.56
C VAL B 181 -31.18 -21.29 -23.74
N SER B 182 -30.68 -21.43 -22.51
CA SER B 182 -31.06 -22.57 -21.67
C SER B 182 -32.54 -22.53 -21.32
N ASN B 183 -33.03 -21.39 -20.85
CA ASN B 183 -34.40 -21.24 -20.41
C ASN B 183 -35.12 -20.24 -21.31
N TRP B 184 -36.24 -20.68 -21.88
CA TRP B 184 -37.03 -19.86 -22.79
C TRP B 184 -38.48 -19.86 -22.34
N ASP B 185 -39.06 -18.66 -22.24
CA ASP B 185 -40.44 -18.52 -21.79
C ASP B 185 -41.39 -18.70 -22.97
N GLU B 186 -42.09 -19.84 -23.01
CA GLU B 186 -43.04 -20.08 -24.08
C GLU B 186 -44.22 -19.11 -24.01
N ASP B 187 -44.69 -18.80 -22.81
CA ASP B 187 -45.86 -17.94 -22.63
C ASP B 187 -45.42 -16.48 -22.56
N TRP B 188 -44.94 -15.98 -23.70
CA TRP B 188 -44.52 -14.60 -23.84
C TRP B 188 -44.99 -14.07 -25.19
N VAL B 189 -45.55 -12.87 -25.20
CA VAL B 189 -46.12 -12.27 -26.40
C VAL B 189 -45.38 -10.99 -26.69
N GLY B 190 -44.87 -10.87 -27.91
CA GLY B 190 -44.17 -9.69 -28.35
C GLY B 190 -44.62 -9.25 -29.74
N PRO B 191 -44.06 -8.16 -30.24
CA PRO B 191 -44.47 -7.66 -31.56
C PRO B 191 -44.21 -8.69 -32.66
N PHE B 192 -42.94 -9.05 -32.84
CA PHE B 192 -42.52 -10.10 -33.75
C PHE B 192 -41.05 -10.36 -33.53
N MET B 193 -40.66 -11.63 -33.56
CA MET B 193 -39.28 -12.01 -33.30
C MET B 193 -38.88 -13.17 -34.20
N ASP B 194 -37.79 -13.00 -34.93
CA ASP B 194 -37.23 -14.11 -35.69
C ASP B 194 -36.67 -15.15 -34.73
N GLU B 195 -36.86 -16.43 -35.09
CA GLU B 195 -36.45 -17.50 -34.19
C GLU B 195 -34.96 -17.48 -33.93
N GLU B 196 -34.16 -17.19 -34.97
CA GLU B 196 -32.72 -17.06 -34.78
C GLU B 196 -32.38 -15.98 -33.78
N GLU B 197 -33.07 -14.84 -33.86
CA GLU B 197 -32.84 -13.76 -32.90
C GLU B 197 -33.44 -14.08 -31.54
N ALA B 198 -34.57 -14.77 -31.52
CA ALA B 198 -35.30 -14.97 -30.28
C ALA B 198 -34.66 -16.03 -29.38
N ARG B 199 -34.10 -17.09 -29.98
CA ARG B 199 -33.71 -18.27 -29.22
C ARG B 199 -32.21 -18.56 -29.24
N ARG B 200 -31.39 -17.65 -29.76
CA ARG B 200 -29.96 -17.87 -29.84
C ARG B 200 -29.23 -16.69 -29.21
N MET B 201 -28.28 -16.98 -28.33
CA MET B 201 -27.40 -15.97 -27.75
C MET B 201 -26.00 -16.13 -28.32
N TRP B 202 -25.34 -15.01 -28.59
CA TRP B 202 -24.05 -15.05 -29.26
C TRP B 202 -22.95 -14.60 -28.32
N TYR B 203 -21.75 -15.17 -28.50
CA TYR B 203 -20.62 -14.88 -27.63
C TYR B 203 -19.35 -14.77 -28.45
N THR B 204 -18.47 -13.84 -28.05
CA THR B 204 -17.13 -13.82 -28.62
C THR B 204 -16.15 -13.15 -27.67
N PRO B 205 -14.93 -13.66 -27.53
CA PRO B 205 -13.90 -12.96 -26.79
C PRO B 205 -13.02 -12.12 -27.70
N VAL B 206 -12.65 -10.93 -27.24
CA VAL B 206 -11.86 -10.02 -28.05
C VAL B 206 -10.48 -9.86 -27.43
N TYR B 207 -9.51 -9.50 -28.27
CA TYR B 207 -8.13 -9.31 -27.84
C TYR B 207 -7.66 -7.87 -27.98
N CYS B 208 -8.38 -7.03 -28.71
CA CYS B 208 -7.96 -5.67 -29.07
C CYS B 208 -7.37 -4.92 -27.88
N PRO B 209 -6.07 -4.63 -27.89
CA PRO B 209 -5.44 -3.97 -26.73
C PRO B 209 -5.76 -2.48 -26.68
N HIS B 210 -5.81 -1.82 -27.84
CA HIS B 210 -6.21 -0.43 -27.92
C HIS B 210 -7.59 -0.35 -28.54
N PRO B 211 -8.60 0.12 -27.82
CA PRO B 211 -9.99 -0.02 -28.29
C PRO B 211 -10.26 0.65 -29.62
N ILE B 212 -9.42 1.58 -30.05
CA ILE B 212 -9.65 2.25 -31.33
C ILE B 212 -9.54 1.30 -32.50
N ASP B 213 -8.86 0.16 -32.33
CA ASP B 213 -8.65 -0.81 -33.40
C ASP B 213 -9.70 -1.92 -33.40
N PHE B 214 -10.83 -1.72 -32.71
CA PHE B 214 -11.84 -2.76 -32.61
C PHE B 214 -12.40 -3.12 -33.99
N SER B 215 -12.65 -2.11 -34.83
CA SER B 215 -13.24 -2.37 -36.14
C SER B 215 -12.21 -2.90 -37.13
N ASN B 216 -10.95 -2.48 -37.02
CA ASN B 216 -9.94 -2.90 -37.98
C ASN B 216 -9.64 -4.38 -37.86
N LEU B 217 -9.61 -4.92 -36.64
CA LEU B 217 -9.24 -6.32 -36.44
C LEU B 217 -10.29 -7.29 -36.94
N GLY B 218 -11.48 -6.81 -37.30
CA GLY B 218 -12.49 -7.67 -37.90
C GLY B 218 -13.64 -8.07 -37.01
N TYR B 219 -13.80 -7.45 -35.84
CA TYR B 219 -14.92 -7.78 -34.97
C TYR B 219 -16.19 -7.13 -35.49
N ARG B 220 -17.33 -7.68 -35.06
CA ARG B 220 -18.62 -7.24 -35.55
C ARG B 220 -19.67 -7.46 -34.47
N LEU B 221 -20.79 -6.76 -34.60
CA LEU B 221 -21.91 -6.86 -33.67
C LEU B 221 -23.13 -7.43 -34.39
N ARG B 222 -24.03 -8.03 -33.61
CA ARG B 222 -25.22 -8.64 -34.19
C ARG B 222 -26.11 -7.59 -34.85
N CYS B 223 -26.26 -6.42 -34.23
CA CYS B 223 -27.10 -5.39 -34.81
C CYS B 223 -26.58 -4.92 -36.16
N VAL B 224 -25.26 -4.73 -36.27
CA VAL B 224 -24.67 -4.32 -37.54
C VAL B 224 -24.75 -5.45 -38.55
N GLU B 225 -24.52 -6.69 -38.11
CA GLU B 225 -24.57 -7.83 -39.03
C GLU B 225 -25.96 -8.00 -39.63
N THR B 226 -27.00 -7.86 -38.80
CA THR B 226 -28.36 -8.10 -39.26
C THR B 226 -28.89 -6.96 -40.13
N GLY B 227 -28.22 -5.82 -40.16
CA GLY B 227 -28.64 -4.69 -40.98
C GLY B 227 -29.32 -3.58 -40.22
N ARG B 228 -29.65 -3.78 -38.95
CA ARG B 228 -30.27 -2.73 -38.16
C ARG B 228 -29.26 -1.63 -37.88
N ARG B 229 -29.76 -0.39 -37.81
CA ARG B 229 -28.94 0.79 -37.58
C ARG B 229 -29.56 1.60 -36.44
N PRO B 230 -29.30 1.21 -35.20
CA PRO B 230 -29.87 1.96 -34.06
C PRO B 230 -29.36 3.38 -34.02
N ARG B 231 -30.22 4.28 -33.56
CA ARG B 231 -29.90 5.70 -33.49
C ARG B 231 -29.59 6.20 -32.08
N LEU B 232 -29.98 5.47 -31.04
CA LEU B 232 -29.76 5.86 -29.67
C LEU B 232 -29.05 4.74 -28.92
N MET B 233 -28.08 5.10 -28.10
CA MET B 233 -27.32 4.14 -27.31
C MET B 233 -27.32 4.56 -25.85
N ILE B 234 -27.30 3.57 -24.96
CA ILE B 234 -27.27 3.78 -23.52
C ILE B 234 -26.21 2.90 -22.92
N CYS B 235 -25.40 3.46 -22.02
CA CYS B 235 -24.35 2.73 -21.33
C CYS B 235 -24.69 2.62 -19.86
N ILE B 236 -24.59 1.41 -19.32
CA ILE B 236 -24.94 1.13 -17.93
C ILE B 236 -23.72 0.50 -17.28
N THR B 237 -22.90 1.32 -16.64
CA THR B 237 -21.71 0.81 -15.97
C THR B 237 -22.10 0.08 -14.69
N MET B 238 -21.40 -1.02 -14.42
CA MET B 238 -21.69 -1.87 -13.28
C MET B 238 -20.40 -2.29 -12.59
N TYR B 239 -20.42 -2.29 -11.27
CA TYR B 239 -19.27 -2.77 -10.48
C TYR B 239 -19.76 -3.11 -9.09
N ASN B 240 -19.77 -4.40 -8.75
CA ASN B 240 -20.08 -4.88 -7.41
C ASN B 240 -21.47 -4.41 -6.95
N GLU B 241 -22.49 -4.89 -7.68
CA GLU B 241 -23.86 -4.51 -7.39
C GLU B 241 -24.74 -5.76 -7.29
N GLY B 242 -25.79 -5.66 -6.50
CA GLY B 242 -26.75 -6.72 -6.36
C GLY B 242 -27.69 -6.81 -7.54
N PRO B 243 -28.34 -7.96 -7.72
CA PRO B 243 -29.24 -8.12 -8.87
C PRO B 243 -30.44 -7.19 -8.85
N GLN B 244 -30.87 -6.74 -7.67
CA GLN B 244 -32.11 -5.96 -7.57
C GLN B 244 -31.99 -4.64 -8.33
N GLN B 245 -30.84 -3.96 -8.19
CA GLN B 245 -30.67 -2.68 -8.87
C GLN B 245 -30.72 -2.84 -10.38
N LEU B 246 -30.04 -3.86 -10.91
CA LEU B 246 -30.07 -4.10 -12.34
C LEU B 246 -31.46 -4.45 -12.82
N LYS B 247 -32.19 -5.28 -12.05
CA LYS B 247 -33.55 -5.63 -12.42
C LYS B 247 -34.45 -4.39 -12.48
N ALA B 248 -34.34 -3.52 -11.48
CA ALA B 248 -35.13 -2.30 -11.47
C ALA B 248 -34.80 -1.40 -12.64
N THR B 249 -33.50 -1.26 -12.94
CA THR B 249 -33.10 -0.41 -14.06
C THR B 249 -33.65 -0.94 -15.38
N LEU B 250 -33.56 -2.24 -15.60
CA LEU B 250 -34.08 -2.82 -16.84
C LEU B 250 -35.59 -2.66 -16.94
N LYS B 251 -36.30 -2.88 -15.83
CA LYS B 251 -37.75 -2.69 -15.85
C LYS B 251 -38.12 -1.26 -16.19
N LYS B 252 -37.41 -0.28 -15.61
CA LYS B 252 -37.70 1.11 -15.90
C LYS B 252 -37.41 1.46 -17.36
N LEU B 253 -36.33 0.93 -17.93
CA LEU B 253 -36.04 1.18 -19.33
C LEU B 253 -37.12 0.58 -20.23
N ALA B 254 -37.60 -0.62 -19.89
CA ALA B 254 -38.68 -1.22 -20.66
C ALA B 254 -39.94 -0.37 -20.59
N ASN B 255 -40.25 0.17 -19.40
CA ASN B 255 -41.40 1.07 -19.27
C ASN B 255 -41.25 2.31 -20.12
N ASN B 256 -40.03 2.88 -20.17
CA ASN B 256 -39.80 4.04 -21.01
C ASN B 256 -40.02 3.72 -22.48
N LEU B 257 -39.54 2.56 -22.93
CA LEU B 257 -39.77 2.16 -24.32
C LEU B 257 -41.26 1.99 -24.61
N ALA B 258 -42.00 1.40 -23.67
CA ALA B 258 -43.43 1.23 -23.85
C ALA B 258 -44.13 2.59 -23.97
N TYR B 259 -43.76 3.54 -23.10
CA TYR B 259 -44.36 4.87 -23.17
C TYR B 259 -44.03 5.54 -24.51
N LEU B 260 -42.79 5.41 -24.97
CA LEU B 260 -42.42 6.01 -26.25
C LEU B 260 -43.23 5.40 -27.38
N LYS B 261 -43.47 4.09 -27.34
CA LYS B 261 -44.27 3.45 -28.38
C LYS B 261 -45.71 3.91 -28.34
N GLU B 262 -46.28 4.08 -27.14
CA GLU B 262 -47.71 4.34 -27.02
C GLU B 262 -48.16 5.68 -27.56
N GLN B 263 -47.24 6.64 -27.74
CA GLN B 263 -47.65 7.98 -28.13
C GLN B 263 -48.26 7.99 -29.53
N MET B 264 -49.30 8.81 -29.70
CA MET B 264 -50.05 8.88 -30.95
C MET B 264 -49.42 9.87 -31.92
N PRO B 265 -49.62 9.67 -33.22
CA PRO B 265 -49.12 10.62 -34.21
C PRO B 265 -50.14 11.73 -34.49
N GLY B 266 -49.70 12.69 -35.31
CA GLY B 266 -50.56 13.79 -35.71
C GLY B 266 -50.62 14.96 -34.74
N ASP B 267 -49.89 14.90 -33.64
CA ASP B 267 -49.89 15.97 -32.64
C ASP B 267 -48.60 16.77 -32.74
N GLU B 268 -48.67 18.02 -32.27
CA GLU B 268 -47.48 18.87 -32.25
C GLU B 268 -46.45 18.34 -31.27
N LYS B 269 -46.89 17.81 -30.13
CA LYS B 269 -45.97 17.30 -29.13
C LYS B 269 -45.28 16.02 -29.57
N SER B 270 -45.94 15.21 -30.38
CA SER B 270 -45.41 13.89 -30.74
C SER B 270 -44.13 14.03 -31.56
N LEU B 271 -43.18 13.13 -31.29
CA LEU B 271 -41.95 13.07 -32.06
C LEU B 271 -42.21 12.45 -33.42
N THR B 272 -41.38 12.82 -34.39
CA THR B 272 -41.49 12.33 -35.76
C THR B 272 -40.16 11.71 -36.19
N GLY B 273 -40.25 10.59 -36.88
CA GLY B 273 -39.06 9.96 -37.43
C GLY B 273 -38.78 8.57 -36.89
N ALA B 274 -37.52 8.34 -36.51
CA ALA B 274 -37.09 7.01 -36.08
C ALA B 274 -37.64 6.61 -34.71
N PHE B 275 -38.27 7.53 -33.99
CA PHE B 275 -38.79 7.26 -32.65
C PHE B 275 -40.31 7.20 -32.63
N ALA B 276 -40.92 6.72 -33.71
CA ALA B 276 -42.36 6.58 -33.79
C ALA B 276 -42.78 5.30 -33.08
N GLY B 277 -44.04 4.89 -33.28
CA GLY B 277 -44.55 3.72 -32.61
C GLY B 277 -44.36 2.44 -33.40
N ASP B 278 -44.49 1.32 -32.70
CA ASP B 278 -44.45 -0.06 -33.20
C ASP B 278 -43.08 -0.49 -33.68
N ASP B 279 -42.10 0.42 -33.77
CA ASP B 279 -40.75 0.03 -34.15
C ASP B 279 -39.69 0.73 -33.32
N VAL B 280 -40.06 1.29 -32.17
CA VAL B 280 -39.10 2.03 -31.35
C VAL B 280 -38.04 1.10 -30.79
N TRP B 281 -38.42 -0.13 -30.45
CA TRP B 281 -37.49 -1.05 -29.80
C TRP B 281 -36.36 -1.50 -30.70
N GLN B 282 -36.43 -1.22 -32.00
CA GLN B 282 -35.37 -1.58 -32.93
C GLN B 282 -34.33 -0.48 -33.10
N ASN B 283 -34.56 0.70 -32.54
CA ASN B 283 -33.64 1.82 -32.69
C ASN B 283 -32.87 2.14 -31.42
N VAL B 284 -32.96 1.29 -30.40
CA VAL B 284 -32.29 1.52 -29.13
C VAL B 284 -31.47 0.28 -28.78
N LEU B 285 -30.22 0.49 -28.38
CA LEU B 285 -29.31 -0.57 -27.98
C LEU B 285 -28.81 -0.26 -26.57
N VAL B 286 -28.68 -1.29 -25.74
CA VAL B 286 -28.24 -1.12 -24.36
C VAL B 286 -26.95 -1.90 -24.16
N CYS B 287 -25.93 -1.21 -23.68
CA CYS B 287 -24.62 -1.81 -23.39
C CYS B 287 -24.42 -1.87 -21.89
N ILE B 288 -24.14 -3.06 -21.38
CA ILE B 288 -23.86 -3.26 -19.95
C ILE B 288 -22.38 -3.63 -19.84
N VAL B 289 -21.60 -2.76 -19.23
CA VAL B 289 -20.15 -2.94 -19.13
C VAL B 289 -19.81 -3.21 -17.67
N ALA B 290 -19.34 -4.42 -17.39
CA ALA B 290 -18.86 -4.76 -16.06
C ALA B 290 -17.38 -4.39 -15.92
N ASP B 291 -16.89 -4.41 -14.69
CA ASP B 291 -15.56 -3.89 -14.42
C ASP B 291 -14.51 -4.96 -14.18
N GLY B 292 -14.90 -6.17 -13.79
CA GLY B 292 -13.92 -7.22 -13.57
C GLY B 292 -14.55 -8.49 -13.03
N ARG B 293 -14.11 -9.65 -13.55
CA ARG B 293 -14.71 -10.92 -13.16
C ARG B 293 -14.54 -11.19 -11.67
N GLU B 294 -13.43 -10.75 -11.09
CA GLU B 294 -13.17 -11.02 -9.68
C GLU B 294 -14.16 -10.29 -8.77
N GLN B 295 -14.52 -9.06 -9.12
CA GLN B 295 -15.33 -8.23 -8.24
C GLN B 295 -16.82 -8.36 -8.48
N VAL B 296 -17.26 -9.07 -9.51
CA VAL B 296 -18.68 -9.16 -9.81
C VAL B 296 -19.37 -10.04 -8.78
N HIS B 297 -20.50 -9.57 -8.27
CA HIS B 297 -21.26 -10.33 -7.29
C HIS B 297 -21.80 -11.60 -7.93
N PRO B 298 -21.61 -12.77 -7.30
CA PRO B 298 -22.07 -14.02 -7.93
C PRO B 298 -23.55 -14.06 -8.24
N LYS B 299 -24.39 -13.50 -7.38
CA LYS B 299 -25.83 -13.49 -7.64
C LYS B 299 -26.16 -12.68 -8.89
N THR B 300 -25.38 -11.62 -9.16
CA THR B 300 -25.57 -10.87 -10.40
C THR B 300 -25.30 -11.76 -11.60
N LEU B 301 -24.25 -12.58 -11.54
CA LEU B 301 -23.97 -13.50 -12.65
C LEU B 301 -25.08 -14.54 -12.78
N ASP B 302 -25.60 -15.04 -11.67
CA ASP B 302 -26.70 -15.99 -11.75
C ASP B 302 -27.93 -15.36 -12.39
N TYR B 303 -28.27 -14.12 -12.02
CA TYR B 303 -29.41 -13.46 -12.63
C TYR B 303 -29.18 -13.21 -14.11
N LEU B 304 -27.97 -12.80 -14.48
CA LEU B 304 -27.66 -12.57 -15.89
C LEU B 304 -27.78 -13.86 -16.70
N GLU B 305 -27.31 -14.98 -16.14
CA GLU B 305 -27.48 -16.26 -16.80
C GLU B 305 -28.95 -16.65 -16.90
N ALA B 306 -29.77 -16.27 -15.91
CA ALA B 306 -31.18 -16.61 -15.94
C ALA B 306 -31.89 -15.99 -17.13
N ILE B 307 -31.57 -14.72 -17.44
CA ILE B 307 -32.26 -14.00 -18.51
C ILE B 307 -31.60 -14.28 -19.84
N GLY B 308 -30.64 -15.21 -19.85
CA GLY B 308 -29.99 -15.60 -21.09
C GLY B 308 -28.96 -14.60 -21.59
N LEU B 309 -28.00 -14.25 -20.74
CA LEU B 309 -26.96 -13.32 -21.13
C LEU B 309 -25.59 -13.72 -20.60
N TYR B 310 -25.41 -14.96 -20.12
CA TYR B 310 -24.14 -15.40 -19.57
C TYR B 310 -24.13 -16.92 -19.52
N ASP B 311 -22.94 -17.48 -19.72
CA ASP B 311 -22.76 -18.93 -19.64
C ASP B 311 -21.31 -19.21 -19.30
N GLU B 312 -21.08 -19.94 -18.22
CA GLU B 312 -19.72 -20.14 -17.72
C GLU B 312 -18.95 -21.16 -18.56
N ASP B 313 -19.62 -22.20 -19.03
CA ASP B 313 -18.94 -23.24 -19.80
C ASP B 313 -18.38 -22.70 -21.10
N LEU B 314 -19.17 -21.89 -21.80
CA LEU B 314 -18.71 -21.31 -23.07
C LEU B 314 -17.51 -20.41 -22.85
N LEU B 315 -17.56 -19.57 -21.82
CA LEU B 315 -16.44 -18.69 -21.51
C LEU B 315 -15.19 -19.50 -21.16
N THR B 316 -15.36 -20.58 -20.38
CA THR B 316 -14.22 -21.40 -19.99
C THR B 316 -13.58 -22.08 -21.20
N ILE B 317 -14.40 -22.59 -22.12
CA ILE B 317 -13.86 -23.39 -23.21
C ILE B 317 -13.31 -22.50 -24.32
N ASN B 318 -14.12 -21.58 -24.83
CA ASN B 318 -13.76 -20.87 -26.05
C ASN B 318 -12.70 -19.80 -25.85
N SER B 319 -12.38 -19.42 -24.61
CA SER B 319 -11.42 -18.36 -24.35
C SER B 319 -10.05 -18.89 -23.95
N ALA B 320 -9.78 -20.17 -24.18
CA ALA B 320 -8.55 -20.78 -23.67
C ALA B 320 -7.31 -20.19 -24.34
N GLY B 321 -7.28 -20.17 -25.66
CA GLY B 321 -6.06 -19.79 -26.37
C GLY B 321 -5.88 -18.32 -26.66
N ILE B 322 -6.98 -17.56 -26.66
CA ILE B 322 -6.91 -16.18 -27.13
C ILE B 322 -6.13 -15.30 -26.17
N GLY B 323 -6.37 -15.45 -24.87
CA GLY B 323 -5.87 -14.48 -23.92
C GLY B 323 -6.64 -13.18 -24.04
N ALA B 324 -7.96 -13.28 -23.98
CA ALA B 324 -8.84 -12.18 -24.30
C ALA B 324 -8.74 -11.05 -23.27
N GLN B 325 -8.87 -9.81 -23.76
CA GLN B 325 -8.99 -8.66 -22.86
C GLN B 325 -10.37 -8.59 -22.24
N CYS B 326 -11.42 -8.92 -23.00
CA CYS B 326 -12.77 -8.95 -22.47
C CYS B 326 -13.60 -9.89 -23.34
N HIS B 327 -14.77 -10.25 -22.83
CA HIS B 327 -15.67 -11.18 -23.49
C HIS B 327 -17.04 -10.52 -23.62
N LEU B 328 -17.65 -10.60 -24.79
CA LEU B 328 -18.92 -9.93 -25.03
C LEU B 328 -19.99 -10.93 -25.45
N PHE B 329 -21.14 -10.84 -24.80
CA PHE B 329 -22.34 -11.61 -25.12
C PHE B 329 -23.38 -10.67 -25.72
N GLU B 330 -24.15 -11.20 -26.67
CA GLU B 330 -25.16 -10.42 -27.37
C GLU B 330 -26.48 -11.18 -27.38
N HIS B 331 -27.57 -10.46 -27.08
CA HIS B 331 -28.89 -11.07 -27.06
C HIS B 331 -29.93 -9.97 -27.25
N THR B 332 -31.17 -10.40 -27.44
CA THR B 332 -32.34 -9.51 -27.48
C THR B 332 -33.29 -10.04 -26.41
N LEU B 333 -33.12 -9.57 -25.19
CA LEU B 333 -33.77 -10.19 -24.05
C LEU B 333 -35.23 -9.76 -23.93
N GLN B 334 -36.04 -10.69 -23.43
CA GLN B 334 -37.46 -10.48 -23.19
C GLN B 334 -37.74 -10.67 -21.71
N LEU B 335 -38.38 -9.68 -21.09
CA LEU B 335 -38.61 -9.67 -19.66
C LEU B 335 -40.09 -9.71 -19.35
N SER B 336 -40.44 -10.42 -18.28
CA SER B 336 -41.81 -10.52 -17.80
C SER B 336 -41.85 -10.19 -16.32
N VAL B 337 -42.70 -9.25 -15.94
CA VAL B 337 -42.88 -8.84 -14.54
C VAL B 337 -44.34 -9.03 -14.19
N ASN B 338 -44.59 -9.83 -13.15
CA ASN B 338 -45.95 -10.20 -12.71
C ASN B 338 -46.66 -10.83 -13.91
N GLY B 339 -47.88 -10.42 -14.22
CA GLY B 339 -48.59 -10.95 -15.37
C GLY B 339 -48.45 -10.14 -16.64
N LYS B 340 -47.62 -9.09 -16.63
CA LYS B 340 -47.45 -8.22 -17.78
C LYS B 340 -46.08 -8.46 -18.40
N CYS B 341 -46.04 -8.60 -19.72
CA CYS B 341 -44.81 -8.83 -20.46
C CYS B 341 -44.32 -7.52 -21.06
N LEU B 342 -43.08 -7.17 -20.77
CA LEU B 342 -42.50 -5.91 -21.23
C LEU B 342 -42.08 -6.06 -22.69
N LEU B 343 -41.41 -5.04 -23.23
CA LEU B 343 -40.95 -5.07 -24.60
C LEU B 343 -39.54 -5.63 -24.68
N PRO B 344 -39.17 -6.24 -25.80
CA PRO B 344 -37.80 -6.76 -25.94
C PRO B 344 -36.78 -5.64 -25.96
N ILE B 345 -35.59 -5.94 -25.44
CA ILE B 345 -34.49 -4.98 -25.36
C ILE B 345 -33.25 -5.61 -25.99
N GLN B 346 -32.65 -4.91 -26.94
CA GLN B 346 -31.41 -5.36 -27.56
C GLN B 346 -30.24 -5.04 -26.64
N THR B 347 -29.53 -6.07 -26.17
CA THR B 347 -28.55 -5.91 -25.12
C THR B 347 -27.21 -6.54 -25.52
N VAL B 348 -26.14 -5.83 -25.19
CA VAL B 348 -24.78 -6.30 -25.34
C VAL B 348 -24.09 -6.19 -23.99
N PHE B 349 -23.65 -7.32 -23.45
CA PHE B 349 -23.00 -7.38 -22.15
C PHE B 349 -21.51 -7.64 -22.35
N ALA B 350 -20.68 -6.67 -21.99
CA ALA B 350 -19.23 -6.79 -22.12
C ALA B 350 -18.63 -6.92 -20.72
N LEU B 351 -17.88 -8.00 -20.51
CA LEU B 351 -17.26 -8.28 -19.23
C LEU B 351 -15.75 -8.24 -19.41
N LYS B 352 -15.09 -7.36 -18.67
CA LYS B 352 -13.64 -7.18 -18.77
C LYS B 352 -12.92 -8.20 -17.89
N GLU B 353 -11.73 -8.59 -18.35
CA GLU B 353 -10.98 -9.62 -17.64
C GLU B 353 -10.40 -9.10 -16.34
N ASN B 354 -9.81 -7.90 -16.36
CA ASN B 354 -9.14 -7.33 -15.20
C ASN B 354 -9.81 -6.03 -14.79
N LYS B 355 -9.73 -5.73 -13.49
CA LYS B 355 -10.34 -4.53 -12.96
C LYS B 355 -9.65 -3.27 -13.50
N ALA B 356 -10.45 -2.28 -13.85
CA ALA B 356 -9.93 -0.99 -14.30
C ALA B 356 -10.89 0.10 -13.82
N SER B 357 -10.57 1.33 -14.17
CA SER B 357 -11.40 2.45 -13.76
C SER B 357 -12.67 2.53 -14.59
N LYS B 358 -13.63 3.32 -14.10
CA LYS B 358 -14.86 3.57 -14.85
C LYS B 358 -14.56 4.29 -16.16
N LEU B 359 -13.55 5.17 -16.15
CA LEU B 359 -13.13 5.84 -17.37
C LEU B 359 -12.69 4.83 -18.43
N ASP B 360 -12.10 3.70 -18.02
CA ASP B 360 -11.75 2.66 -18.97
C ASP B 360 -13.00 2.06 -19.61
N SER B 361 -14.04 1.84 -18.81
CA SER B 361 -15.30 1.33 -19.36
C SER B 361 -15.88 2.31 -20.36
N HIS B 362 -15.87 3.60 -20.04
CA HIS B 362 -16.36 4.59 -20.99
C HIS B 362 -15.49 4.62 -22.24
N HIS B 363 -14.18 4.44 -22.08
CA HIS B 363 -13.29 4.38 -23.23
C HIS B 363 -13.69 3.26 -24.18
N TRP B 364 -13.83 2.05 -23.64
CA TRP B 364 -14.25 0.91 -24.45
C TRP B 364 -15.58 1.21 -25.14
N TYR B 365 -16.59 1.60 -24.35
CA TYR B 365 -17.92 1.85 -24.88
C TYR B 365 -17.88 2.86 -26.03
N PHE B 366 -17.47 4.09 -25.72
CA PHE B 366 -17.45 5.16 -26.69
C PHE B 366 -16.66 4.73 -27.91
N ASN B 367 -15.35 4.51 -27.77
CA ASN B 367 -14.54 4.26 -28.95
C ASN B 367 -15.10 3.08 -29.75
N ALA B 368 -15.05 1.87 -29.20
CA ALA B 368 -15.41 0.70 -30.00
C ALA B 368 -16.84 0.81 -30.52
N PHE B 369 -17.82 0.84 -29.62
CA PHE B 369 -19.19 0.66 -30.06
C PHE B 369 -19.70 1.88 -30.81
N ALA B 370 -19.41 3.09 -30.32
CA ALA B 370 -19.87 4.28 -31.03
C ALA B 370 -19.23 4.40 -32.40
N GLU B 371 -17.91 4.17 -32.51
CA GLU B 371 -17.27 4.28 -33.81
C GLU B 371 -17.79 3.23 -34.78
N GLN B 372 -18.18 2.05 -34.29
CA GLN B 372 -18.69 1.04 -35.21
C GLN B 372 -20.13 1.35 -35.63
N ILE B 373 -21.03 1.50 -34.65
CA ILE B 373 -22.45 1.69 -34.95
C ILE B 373 -22.70 3.06 -35.58
N GLN B 374 -21.98 4.08 -35.11
CA GLN B 374 -22.16 5.47 -35.53
C GLN B 374 -23.57 5.95 -35.20
N PRO B 375 -23.92 6.09 -33.92
CA PRO B 375 -25.27 6.50 -33.57
C PRO B 375 -25.47 8.00 -33.72
N GLU B 376 -26.63 8.50 -33.30
CA GLU B 376 -26.89 9.94 -33.28
C GLU B 376 -26.78 10.53 -31.89
N TYR B 377 -27.36 9.88 -30.89
CA TYR B 377 -27.29 10.30 -29.51
C TYR B 377 -26.49 9.29 -28.69
N THR B 378 -26.23 9.64 -27.44
CA THR B 378 -25.44 8.79 -26.56
C THR B 378 -25.77 9.18 -25.12
N ALA B 379 -26.42 8.27 -24.38
CA ALA B 379 -26.83 8.52 -23.02
C ALA B 379 -25.94 7.74 -22.06
N VAL B 380 -25.64 8.35 -20.92
CA VAL B 380 -24.79 7.74 -19.90
C VAL B 380 -25.54 7.78 -18.58
N MET B 381 -25.58 6.64 -17.90
CA MET B 381 -26.18 6.51 -16.58
C MET B 381 -25.42 5.44 -15.82
N ASP B 382 -25.76 5.28 -14.55
CA ASP B 382 -25.19 4.24 -13.70
C ASP B 382 -26.24 3.16 -13.45
N VAL B 383 -25.86 2.18 -12.65
CA VAL B 383 -26.77 1.10 -12.27
C VAL B 383 -27.52 1.51 -11.02
N GLY B 384 -28.84 1.33 -11.02
CA GLY B 384 -29.68 1.76 -9.93
C GLY B 384 -30.47 3.01 -10.19
N THR B 385 -30.12 3.77 -11.23
CA THR B 385 -30.86 4.96 -11.60
C THR B 385 -32.20 4.56 -12.21
N MET B 386 -33.29 4.82 -11.49
CA MET B 386 -34.62 4.40 -11.91
C MET B 386 -35.33 5.60 -12.56
N LEU B 387 -35.45 5.56 -13.87
CA LEU B 387 -36.05 6.66 -14.62
C LEU B 387 -37.57 6.62 -14.51
N THR B 388 -38.19 7.78 -14.73
CA THR B 388 -39.64 7.85 -14.83
C THR B 388 -40.07 7.47 -16.24
N LYS B 389 -41.38 7.51 -16.47
CA LYS B 389 -41.92 7.07 -17.76
C LYS B 389 -41.69 8.06 -18.88
N SER B 390 -41.21 9.27 -18.59
CA SER B 390 -41.15 10.33 -19.59
C SER B 390 -39.77 10.92 -19.81
N ALA B 391 -38.73 10.38 -19.17
CA ALA B 391 -37.41 11.00 -19.26
C ALA B 391 -36.89 11.00 -20.69
N LEU B 392 -36.93 9.84 -21.35
CA LEU B 392 -36.42 9.75 -22.71
C LEU B 392 -37.20 10.65 -23.66
N TYR B 393 -38.52 10.69 -23.50
CA TYR B 393 -39.34 11.53 -24.37
C TYR B 393 -38.94 13.00 -24.25
N HIS B 394 -38.76 13.48 -23.02
CA HIS B 394 -38.41 14.89 -22.82
C HIS B 394 -37.01 15.18 -23.35
N LEU B 395 -36.05 14.28 -23.10
CA LEU B 395 -34.70 14.51 -23.61
C LEU B 395 -34.69 14.58 -25.13
N LEU B 396 -35.32 13.60 -25.79
CA LEU B 396 -35.34 13.60 -27.25
C LEU B 396 -36.11 14.81 -27.78
N PHE B 397 -37.18 15.21 -27.09
CA PHE B 397 -37.94 16.37 -27.52
C PHE B 397 -37.10 17.64 -27.48
N ALA B 398 -36.33 17.83 -26.40
CA ALA B 398 -35.46 18.99 -26.31
C ALA B 398 -34.40 18.97 -27.40
N PHE B 399 -33.75 17.80 -27.58
CA PHE B 399 -32.69 17.69 -28.58
C PHE B 399 -33.21 18.00 -29.98
N GLU B 400 -34.41 17.50 -30.31
CA GLU B 400 -34.94 17.72 -31.65
C GLU B 400 -35.43 19.15 -31.84
N ARG B 401 -36.06 19.73 -30.82
CA ARG B 401 -36.59 21.08 -30.96
C ARG B 401 -35.48 22.13 -31.08
N ASN B 402 -34.44 22.01 -30.26
CA ASN B 402 -33.53 23.15 -30.14
C ASN B 402 -32.52 23.24 -31.28
N HIS B 403 -31.87 22.13 -31.62
CA HIS B 403 -30.85 22.01 -32.67
C HIS B 403 -29.55 22.74 -32.35
N GLN B 404 -29.44 23.37 -31.19
CA GLN B 404 -28.18 23.94 -30.74
C GLN B 404 -27.62 23.24 -29.50
N ILE B 405 -28.39 22.35 -28.89
CA ILE B 405 -27.98 21.70 -27.65
C ILE B 405 -26.92 20.65 -27.96
N GLY B 406 -25.78 20.75 -27.29
CA GLY B 406 -24.73 19.76 -27.43
C GLY B 406 -24.74 18.73 -26.34
N GLY B 407 -25.52 18.99 -25.29
CA GLY B 407 -25.62 18.06 -24.18
C GLY B 407 -26.72 18.49 -23.23
N ALA B 408 -27.24 17.50 -22.50
CA ALA B 408 -28.35 17.77 -21.58
C ALA B 408 -28.23 16.84 -20.39
N CYS B 409 -28.78 17.29 -19.26
CA CYS B 409 -28.80 16.51 -18.03
C CYS B 409 -30.18 16.63 -17.40
N GLY B 410 -30.62 15.55 -16.77
CA GLY B 410 -31.92 15.51 -16.12
C GLY B 410 -31.84 15.79 -14.63
N GLN B 411 -33.00 15.92 -14.03
CA GLN B 411 -33.10 16.17 -12.59
C GLN B 411 -32.83 14.91 -11.81
N LEU B 412 -32.15 15.06 -10.66
CA LEU B 412 -31.79 13.95 -9.80
C LEU B 412 -32.62 14.03 -8.52
N THR B 413 -33.12 12.88 -8.06
CA THR B 413 -34.04 12.85 -6.92
C THR B 413 -33.71 11.65 -6.04
N VAL B 414 -34.15 11.74 -4.79
CA VAL B 414 -34.00 10.65 -3.83
C VAL B 414 -35.28 9.83 -3.83
N ASP B 415 -35.12 8.51 -3.89
CA ASP B 415 -36.27 7.61 -3.93
C ASP B 415 -36.89 7.48 -2.54
N ASN B 416 -38.22 7.59 -2.47
CA ASN B 416 -38.99 7.53 -1.24
C ASN B 416 -38.46 8.51 -0.21
N PRO B 417 -38.60 9.82 -0.45
CA PRO B 417 -38.11 10.78 0.55
C PRO B 417 -38.99 10.87 1.79
N PHE B 418 -40.32 10.88 1.60
CA PHE B 418 -41.23 11.06 2.73
C PHE B 418 -41.25 9.81 3.61
N GLU B 419 -41.14 8.63 3.01
CA GLU B 419 -41.07 7.41 3.79
C GLU B 419 -39.81 7.41 4.65
N ASN B 420 -39.96 6.98 5.91
CA ASN B 420 -38.88 7.01 6.90
C ASN B 420 -38.31 8.41 7.04
N LEU B 421 -39.19 9.35 7.38
CA LEU B 421 -38.79 10.73 7.59
C LEU B 421 -38.01 10.92 8.90
N SER B 422 -37.99 9.91 9.76
CA SER B 422 -37.26 10.01 11.02
C SER B 422 -35.75 10.06 10.82
N ASN B 423 -35.26 9.72 9.62
CA ASN B 423 -33.83 9.74 9.34
C ASN B 423 -33.44 11.14 8.88
N TRP B 424 -32.41 11.70 9.51
CA TRP B 424 -32.01 13.08 9.25
C TRP B 424 -31.10 13.22 8.04
N VAL B 425 -30.21 12.23 7.81
CA VAL B 425 -29.27 12.33 6.70
C VAL B 425 -30.03 12.29 5.37
N ILE B 426 -31.01 11.41 5.25
CA ILE B 426 -31.78 11.31 4.01
C ILE B 426 -32.53 12.60 3.74
N SER B 427 -33.15 13.18 4.76
CA SER B 427 -33.88 14.43 4.58
C SER B 427 -32.94 15.56 4.20
N ALA B 428 -31.77 15.63 4.83
CA ALA B 428 -30.80 16.66 4.47
C ALA B 428 -30.36 16.53 3.03
N GLN B 429 -30.09 15.29 2.58
CA GLN B 429 -29.70 15.08 1.20
C GLN B 429 -30.82 15.45 0.24
N HIS B 430 -32.06 15.14 0.61
CA HIS B 430 -33.20 15.50 -0.24
C HIS B 430 -33.31 17.01 -0.40
N PHE B 431 -33.20 17.74 0.70
CA PHE B 431 -33.24 19.20 0.63
C PHE B 431 -32.09 19.74 -0.20
N GLU B 432 -30.88 19.20 0.00
CA GLU B 432 -29.74 19.67 -0.76
C GLU B 432 -29.93 19.44 -2.25
N TYR B 433 -30.42 18.26 -2.63
CA TYR B 433 -30.64 17.97 -4.04
C TYR B 433 -31.66 18.94 -4.63
N LYS B 434 -32.78 19.15 -3.95
CA LYS B 434 -33.82 20.02 -4.48
C LYS B 434 -33.30 21.44 -4.68
N ILE B 435 -32.67 22.01 -3.64
CA ILE B 435 -32.23 23.39 -3.72
C ILE B 435 -31.12 23.54 -4.76
N SER B 436 -30.15 22.62 -4.75
CA SER B 436 -29.06 22.67 -5.73
C SER B 436 -29.62 22.64 -7.14
N ASN B 437 -30.44 21.64 -7.44
CA ASN B 437 -31.07 21.56 -8.76
C ASN B 437 -31.70 22.89 -9.13
N ILE B 438 -32.71 23.32 -8.37
CA ILE B 438 -33.49 24.49 -8.75
C ILE B 438 -32.55 25.67 -8.97
N LEU B 439 -31.90 26.14 -7.91
CA LEU B 439 -31.18 27.40 -7.98
C LEU B 439 -29.98 27.30 -8.93
N ASP B 440 -29.03 26.40 -8.62
CA ASP B 440 -27.79 26.39 -9.36
C ASP B 440 -28.01 25.97 -10.81
N LYS B 441 -28.78 24.89 -11.03
CA LYS B 441 -28.97 24.42 -12.39
C LYS B 441 -29.72 25.45 -13.23
N SER B 442 -30.75 26.10 -12.67
CA SER B 442 -31.46 27.11 -13.44
C SER B 442 -30.54 28.28 -13.78
N LEU B 443 -29.77 28.76 -12.81
CA LEU B 443 -28.88 29.89 -13.07
C LEU B 443 -27.84 29.54 -14.12
N GLU B 444 -27.26 28.35 -14.06
CA GLU B 444 -26.23 27.98 -15.02
C GLU B 444 -26.80 27.67 -16.38
N SER B 445 -28.00 27.11 -16.44
CA SER B 445 -28.62 26.79 -17.73
C SER B 445 -29.19 28.01 -18.42
N CYS B 446 -29.42 29.10 -17.70
CA CYS B 446 -29.83 30.34 -18.38
C CYS B 446 -28.76 30.81 -19.36
N PHE B 447 -27.49 30.75 -18.96
CA PHE B 447 -26.40 31.21 -19.82
C PHE B 447 -25.96 30.15 -20.82
N GLY B 448 -26.34 28.90 -20.63
CA GLY B 448 -25.92 27.85 -21.54
C GLY B 448 -24.58 27.22 -21.19
N PHE B 449 -24.39 26.91 -19.92
CA PHE B 449 -23.17 26.25 -19.46
C PHE B 449 -23.47 25.58 -18.14
N ILE B 450 -23.35 24.24 -18.10
CA ILE B 450 -23.74 23.45 -16.94
C ILE B 450 -22.54 22.64 -16.48
N SER B 451 -22.30 22.65 -15.17
CA SER B 451 -21.31 21.76 -14.53
C SER B 451 -22.09 20.62 -13.91
N VAL B 452 -22.23 19.53 -14.66
CA VAL B 452 -23.07 18.41 -14.24
C VAL B 452 -22.48 17.76 -12.99
N LEU B 453 -23.34 17.46 -12.02
CA LEU B 453 -22.90 16.81 -10.80
C LEU B 453 -23.12 15.30 -10.89
N PRO B 454 -22.19 14.51 -10.37
CA PRO B 454 -22.32 13.05 -10.45
C PRO B 454 -23.33 12.52 -9.45
N GLY B 455 -23.99 11.42 -9.82
CA GLY B 455 -23.89 10.87 -11.16
C GLY B 455 -25.21 10.99 -11.87
N ALA B 456 -25.30 11.91 -12.81
CA ALA B 456 -26.57 12.21 -13.47
C ALA B 456 -26.76 11.35 -14.71
N PHE B 457 -27.99 11.36 -15.21
CA PHE B 457 -28.35 10.67 -16.45
C PHE B 457 -28.19 11.68 -17.58
N SER B 458 -27.04 11.66 -18.24
CA SER B 458 -26.66 12.75 -19.14
C SER B 458 -26.60 12.26 -20.58
N ALA B 459 -27.12 13.06 -21.50
CA ALA B 459 -27.18 12.69 -22.91
C ALA B 459 -26.40 13.71 -23.75
N TYR B 460 -25.53 13.20 -24.62
CA TYR B 460 -24.81 14.02 -25.58
C TYR B 460 -25.14 13.53 -26.98
N ARG B 461 -25.23 14.46 -27.93
CA ARG B 461 -25.40 14.07 -29.32
C ARG B 461 -24.04 13.72 -29.90
N TYR B 462 -23.97 12.60 -30.62
CA TYR B 462 -22.67 12.10 -31.08
C TYR B 462 -22.21 12.82 -32.33
N GLU B 463 -22.17 14.15 -32.27
CA GLU B 463 -21.57 14.96 -33.30
C GLU B 463 -20.69 16.07 -32.76
N ALA B 464 -20.92 16.52 -31.53
CA ALA B 464 -20.13 17.59 -30.92
C ALA B 464 -19.02 17.05 -30.03
N ILE B 465 -18.95 15.74 -29.82
CA ILE B 465 -17.96 15.14 -28.94
C ILE B 465 -17.04 14.16 -29.64
N ARG B 466 -17.17 14.01 -30.97
CA ARG B 466 -16.44 12.94 -31.65
C ARG B 466 -14.94 13.19 -31.67
N GLY B 467 -14.52 14.44 -31.86
CA GLY B 467 -13.12 14.71 -32.08
C GLY B 467 -12.33 15.13 -30.86
N ALA B 468 -11.99 16.41 -30.79
CA ALA B 468 -11.15 16.90 -29.70
C ALA B 468 -11.72 16.67 -28.30
N PRO B 469 -13.02 16.88 -28.03
CA PRO B 469 -13.51 16.68 -26.66
C PRO B 469 -13.23 15.31 -26.09
N LEU B 470 -13.40 14.24 -26.89
CA LEU B 470 -13.10 12.91 -26.39
C LEU B 470 -11.61 12.68 -26.25
N ASP B 471 -10.79 13.30 -27.10
CA ASP B 471 -9.35 13.20 -26.95
C ASP B 471 -8.91 13.81 -25.62
N ALA B 472 -9.47 14.96 -25.27
CA ALA B 472 -9.18 15.56 -23.96
C ALA B 472 -9.85 14.80 -22.82
N TYR B 473 -10.90 14.03 -23.12
CA TYR B 473 -11.56 13.25 -22.09
C TYR B 473 -10.69 12.10 -21.62
N PHE B 474 -10.09 11.36 -22.55
CA PHE B 474 -9.32 10.17 -22.26
C PHE B 474 -7.82 10.45 -22.20
N GLN B 475 -7.42 11.68 -21.95
CA GLN B 475 -6.00 12.02 -21.96
C GLN B 475 -5.24 11.28 -20.86
N THR B 476 -5.90 10.98 -19.75
CA THR B 476 -5.23 10.26 -18.67
C THR B 476 -4.89 8.84 -19.08
N LEU B 477 -5.76 8.20 -19.85
CA LEU B 477 -5.54 6.80 -20.23
C LEU B 477 -4.46 6.63 -21.29
N ASN B 478 -4.16 7.69 -22.03
CA ASN B 478 -3.18 7.59 -23.12
C ASN B 478 -1.80 8.08 -22.74
N ILE B 479 -1.68 8.88 -21.67
CA ILE B 479 -0.40 9.42 -21.23
C ILE B 479 -0.21 9.09 -19.77
N GLU B 480 0.97 8.60 -19.41
CA GLU B 480 1.27 8.26 -18.03
C GLU B 480 1.31 9.52 -17.17
N LEU B 481 0.98 9.34 -15.88
CA LEU B 481 0.83 10.48 -14.98
C LEU B 481 2.11 11.27 -14.78
N ASP B 482 3.27 10.66 -15.05
CA ASP B 482 4.53 11.36 -14.83
C ASP B 482 4.66 12.57 -15.75
N VAL B 483 4.26 12.44 -17.01
CA VAL B 483 4.37 13.55 -17.95
C VAL B 483 3.37 14.65 -17.61
N LEU B 484 2.14 14.27 -17.28
CA LEU B 484 1.09 15.26 -17.03
C LEU B 484 1.40 16.09 -15.80
N GLY B 485 1.76 15.43 -14.69
CA GLY B 485 1.96 16.10 -13.44
C GLY B 485 0.85 15.80 -12.46
N PRO B 486 0.96 16.30 -11.23
CA PRO B 486 -0.08 16.01 -10.23
C PRO B 486 -1.36 16.80 -10.45
N PHE B 487 -1.25 18.07 -10.83
CA PHE B 487 -2.44 18.91 -10.98
C PHE B 487 -3.35 18.39 -12.07
N ILE B 488 -2.78 17.99 -13.21
CA ILE B 488 -3.59 17.45 -14.29
C ILE B 488 -4.23 16.14 -13.87
N GLY B 489 -3.47 15.27 -13.21
CA GLY B 489 -3.99 13.98 -12.80
C GLY B 489 -5.12 14.07 -11.79
N ASN B 490 -5.06 15.06 -10.89
CA ASN B 490 -6.05 15.14 -9.82
C ASN B 490 -7.44 15.46 -10.34
N MET B 491 -7.55 16.26 -11.41
CA MET B 491 -8.85 16.75 -11.84
C MET B 491 -9.70 15.69 -12.52
N TYR B 492 -9.09 14.61 -13.01
CA TYR B 492 -9.82 13.61 -13.77
C TYR B 492 -10.50 12.57 -12.87
N LEU B 493 -10.48 12.76 -11.55
CA LEU B 493 -11.23 11.86 -10.68
C LEU B 493 -12.73 11.96 -10.94
N ALA B 494 -13.22 13.18 -11.11
CA ALA B 494 -14.59 13.42 -11.61
C ALA B 494 -14.43 14.08 -12.98
N GLU B 495 -14.77 13.33 -14.03
CA GLU B 495 -14.34 13.64 -15.39
C GLU B 495 -15.43 14.19 -16.29
N ASP B 496 -16.65 14.37 -15.81
CA ASP B 496 -17.74 14.85 -16.66
C ASP B 496 -17.55 16.31 -17.03
N ARG B 497 -17.11 17.13 -16.09
CA ARG B 497 -17.01 18.57 -16.32
C ARG B 497 -16.01 18.88 -17.42
N ILE B 498 -15.00 18.04 -17.59
CA ILE B 498 -14.07 18.22 -18.71
C ILE B 498 -14.80 18.11 -20.03
N LEU B 499 -15.65 17.08 -20.17
CA LEU B 499 -16.44 16.95 -21.39
C LEU B 499 -17.36 18.12 -21.58
N SER B 500 -18.02 18.57 -20.51
CA SER B 500 -18.93 19.71 -20.64
C SER B 500 -18.21 20.95 -21.15
N PHE B 501 -17.08 21.29 -20.51
CA PHE B 501 -16.35 22.48 -20.91
C PHE B 501 -15.79 22.35 -22.33
N GLU B 502 -15.30 21.17 -22.70
CA GLU B 502 -14.78 20.99 -24.05
C GLU B 502 -15.88 21.16 -25.09
N VAL B 503 -17.09 20.65 -24.80
CA VAL B 503 -18.19 20.82 -25.72
C VAL B 503 -18.56 22.30 -25.85
N VAL B 504 -18.59 23.03 -24.73
CA VAL B 504 -19.00 24.43 -24.79
C VAL B 504 -18.00 25.25 -25.59
N ALA B 505 -16.70 24.95 -25.44
CA ALA B 505 -15.64 25.76 -26.03
C ALA B 505 -14.97 25.09 -27.22
N ARG B 506 -15.70 24.27 -27.97
CA ARG B 506 -15.11 23.60 -29.11
C ARG B 506 -14.79 24.59 -30.23
N LYS B 507 -13.68 24.35 -30.92
CA LYS B 507 -13.23 25.26 -31.96
C LYS B 507 -14.13 25.18 -33.19
N ASN B 508 -14.39 26.35 -33.78
CA ASN B 508 -15.17 26.49 -35.01
C ASN B 508 -16.58 25.97 -34.90
N CYS B 509 -17.11 25.86 -33.68
CA CYS B 509 -18.48 25.43 -33.46
C CYS B 509 -19.07 26.18 -32.28
N ASN B 510 -20.39 26.27 -32.26
CA ASN B 510 -21.12 26.95 -31.18
C ASN B 510 -22.11 25.96 -30.58
N TRP B 511 -21.64 25.20 -29.59
CA TRP B 511 -22.45 24.22 -28.89
C TRP B 511 -22.74 24.73 -27.49
N THR B 512 -23.99 24.63 -27.07
CA THR B 512 -24.40 25.03 -25.72
C THR B 512 -25.15 23.87 -25.06
N MET B 513 -25.11 23.84 -23.73
CA MET B 513 -25.78 22.80 -22.97
C MET B 513 -27.12 23.31 -22.44
N HIS B 514 -27.92 22.39 -21.93
CA HIS B 514 -29.26 22.72 -21.48
C HIS B 514 -29.66 21.79 -20.35
N TYR B 515 -30.62 22.24 -19.55
CA TYR B 515 -31.12 21.51 -18.39
C TYR B 515 -32.60 21.24 -18.57
N VAL B 516 -33.01 19.99 -18.44
CA VAL B 516 -34.40 19.58 -18.58
C VAL B 516 -34.94 19.25 -17.20
N LYS B 517 -36.03 19.93 -16.82
CA LYS B 517 -36.59 19.74 -15.49
C LYS B 517 -37.38 18.44 -15.36
N ASP B 518 -38.00 17.99 -16.44
CA ASP B 518 -38.93 16.88 -16.38
C ASP B 518 -38.28 15.51 -16.51
N ALA B 519 -36.98 15.46 -16.80
CA ALA B 519 -36.27 14.18 -16.89
C ALA B 519 -35.81 13.80 -15.48
N VAL B 520 -36.74 13.19 -14.74
CA VAL B 520 -36.52 12.87 -13.34
C VAL B 520 -35.89 11.48 -13.23
N ALA B 521 -34.80 11.39 -12.49
CA ALA B 521 -34.12 10.13 -12.24
C ALA B 521 -33.97 9.95 -10.74
N ARG B 522 -34.53 8.86 -10.21
CA ARG B 522 -34.54 8.60 -8.78
C ARG B 522 -33.45 7.61 -8.42
N THR B 523 -32.60 7.99 -7.47
CA THR B 523 -31.50 7.13 -7.04
C THR B 523 -31.69 6.73 -5.59
N ASP B 524 -30.69 6.04 -5.05
CA ASP B 524 -30.68 5.62 -3.65
C ASP B 524 -29.47 6.22 -2.96
N VAL B 525 -29.68 6.73 -1.75
CA VAL B 525 -28.64 7.48 -1.05
C VAL B 525 -28.22 6.72 0.21
N PRO B 526 -26.99 6.90 0.69
CA PRO B 526 -26.57 6.20 1.91
C PRO B 526 -27.37 6.66 3.12
N HIS B 527 -27.57 5.72 4.06
CA HIS B 527 -28.37 5.97 5.25
C HIS B 527 -27.54 6.41 6.44
N ASP B 528 -26.21 6.37 6.36
CA ASP B 528 -25.35 6.68 7.48
C ASP B 528 -24.37 7.77 7.09
N LEU B 529 -23.53 8.18 8.05
CA LEU B 529 -22.60 9.27 7.82
C LEU B 529 -21.39 8.85 6.99
N VAL B 530 -20.90 7.63 7.17
CA VAL B 530 -19.59 7.25 6.62
C VAL B 530 -19.63 7.15 5.10
N GLY B 531 -20.66 6.51 4.55
CA GLY B 531 -20.78 6.43 3.11
C GLY B 531 -20.96 7.81 2.49
N LEU B 532 -21.74 8.66 3.14
CA LEU B 532 -21.89 10.04 2.70
C LEU B 532 -20.54 10.75 2.71
N ILE B 533 -19.72 10.49 3.73
CA ILE B 533 -18.41 11.13 3.83
C ILE B 533 -17.53 10.74 2.65
N SER B 534 -17.49 9.43 2.34
CA SER B 534 -16.65 8.98 1.24
C SER B 534 -17.13 9.53 -0.10
N GLN B 535 -18.45 9.46 -0.32
CA GLN B 535 -19.03 9.97 -1.56
C GLN B 535 -18.74 11.45 -1.74
N ARG B 536 -18.92 12.22 -0.66
CA ARG B 536 -18.63 13.64 -0.72
C ARG B 536 -17.14 13.90 -0.91
N LYS B 537 -16.27 13.03 -0.38
CA LYS B 537 -14.84 13.19 -0.61
C LYS B 537 -14.52 13.17 -2.09
N ARG B 538 -14.96 12.11 -2.79
CA ARG B 538 -14.64 12.04 -4.20
C ARG B 538 -15.31 13.17 -4.98
N TRP B 539 -16.57 13.49 -4.65
CA TRP B 539 -17.26 14.57 -5.33
C TRP B 539 -16.51 15.89 -5.18
N LEU B 540 -16.07 16.20 -3.96
CA LEU B 540 -15.44 17.48 -3.69
C LEU B 540 -14.08 17.58 -4.37
N ASN B 541 -13.28 16.51 -4.32
CA ASN B 541 -12.00 16.54 -5.03
C ASN B 541 -12.22 16.85 -6.51
N GLY B 542 -13.11 16.08 -7.16
CA GLY B 542 -13.34 16.30 -8.58
C GLY B 542 -13.84 17.70 -8.87
N ALA B 543 -14.81 18.17 -8.09
CA ALA B 543 -15.41 19.48 -8.34
C ALA B 543 -14.38 20.59 -8.18
N PHE B 544 -13.57 20.54 -7.12
CA PHE B 544 -12.60 21.59 -6.88
C PHE B 544 -11.59 21.68 -8.01
N PHE B 545 -11.03 20.54 -8.41
CA PHE B 545 -9.98 20.64 -9.43
C PHE B 545 -10.56 20.92 -10.82
N ALA B 546 -11.77 20.44 -11.11
CA ALA B 546 -12.40 20.80 -12.37
C ALA B 546 -12.70 22.29 -12.42
N THR B 547 -13.15 22.88 -11.31
CA THR B 547 -13.40 24.31 -11.26
C THR B 547 -12.11 25.10 -11.48
N LEU B 548 -11.02 24.67 -10.85
CA LEU B 548 -9.74 25.34 -11.07
C LEU B 548 -9.33 25.28 -12.53
N PHE B 549 -9.49 24.10 -13.16
CA PHE B 549 -9.14 23.98 -14.57
C PHE B 549 -9.98 24.90 -15.44
N SER B 550 -11.29 24.97 -15.17
CA SER B 550 -12.17 25.83 -15.96
C SER B 550 -11.79 27.30 -15.81
N ILE B 551 -11.51 27.73 -14.58
CA ILE B 551 -11.10 29.12 -14.38
C ILE B 551 -9.79 29.40 -15.09
N TRP B 552 -8.87 28.43 -15.08
CA TRP B 552 -7.60 28.61 -15.77
C TRP B 552 -7.79 28.75 -17.27
N ASN B 553 -8.66 27.95 -17.87
CA ASN B 553 -8.75 27.85 -19.33
C ASN B 553 -9.98 28.54 -19.92
N TRP B 554 -10.65 29.40 -19.14
CA TRP B 554 -11.82 30.09 -19.68
C TRP B 554 -11.53 30.90 -20.93
N GLY B 555 -10.28 31.33 -21.14
CA GLY B 555 -9.97 32.19 -22.27
C GLY B 555 -10.16 31.55 -23.63
N ARG B 556 -10.19 30.21 -23.68
CA ARG B 556 -10.32 29.51 -24.95
C ARG B 556 -11.64 29.79 -25.63
N ILE B 557 -12.66 30.20 -24.88
CA ILE B 557 -13.96 30.53 -25.49
C ILE B 557 -13.81 31.74 -26.41
N TYR B 558 -13.11 32.77 -25.96
CA TYR B 558 -12.92 33.95 -26.80
C TYR B 558 -11.82 33.74 -27.82
N SER B 559 -10.76 33.02 -27.46
CA SER B 559 -9.62 32.91 -28.37
C SER B 559 -9.92 31.99 -29.55
N GLU B 560 -10.64 30.89 -29.32
CA GLU B 560 -10.77 29.85 -30.33
C GLU B 560 -12.20 29.63 -30.82
N SER B 561 -13.18 29.64 -29.92
CA SER B 561 -14.54 29.28 -30.30
C SER B 561 -15.12 30.33 -31.25
N LYS B 562 -16.33 30.04 -31.73
CA LYS B 562 -17.06 30.93 -32.64
C LYS B 562 -18.50 31.02 -32.15
N HIS B 563 -18.76 31.96 -31.24
CA HIS B 563 -20.09 32.23 -30.71
C HIS B 563 -20.55 33.60 -31.17
N THR B 564 -21.78 33.94 -30.79
CA THR B 564 -22.28 35.29 -31.00
C THR B 564 -21.66 36.23 -29.97
N PHE B 565 -21.62 37.52 -30.31
CA PHE B 565 -21.05 38.51 -29.41
C PHE B 565 -21.83 38.57 -28.09
N VAL B 566 -23.15 38.51 -28.17
CA VAL B 566 -23.99 38.53 -26.97
C VAL B 566 -23.67 37.34 -26.08
N ARG B 567 -23.44 36.17 -26.68
CA ARG B 567 -23.06 34.99 -25.90
C ARG B 567 -21.74 35.22 -25.18
N LYS B 568 -20.77 35.85 -25.86
CA LYS B 568 -19.49 36.11 -25.21
C LYS B 568 -19.63 37.07 -24.04
N MET B 569 -20.46 38.11 -24.19
CA MET B 569 -20.68 39.02 -23.08
C MET B 569 -21.36 38.32 -21.91
N ALA B 570 -22.36 37.48 -22.20
CA ALA B 570 -23.03 36.73 -21.14
C ALA B 570 -22.06 35.80 -20.43
N PHE B 571 -21.18 35.15 -21.19
CA PHE B 571 -20.17 34.28 -20.57
C PHE B 571 -19.19 35.08 -19.72
N LEU B 572 -18.86 36.30 -20.12
CA LEU B 572 -18.01 37.14 -19.28
C LEU B 572 -18.69 37.46 -17.94
N VAL B 573 -19.97 37.82 -18.00
CA VAL B 573 -20.71 38.10 -16.77
C VAL B 573 -20.75 36.86 -15.87
N PHE B 574 -21.03 35.70 -16.46
CA PHE B 574 -21.05 34.47 -15.70
C PHE B 574 -19.68 34.15 -15.13
N TYR B 575 -18.61 34.50 -15.85
CA TYR B 575 -17.26 34.28 -15.34
C TYR B 575 -17.01 35.11 -14.09
N VAL B 576 -17.43 36.37 -14.11
CA VAL B 576 -17.27 37.22 -12.93
C VAL B 576 -18.04 36.63 -11.74
N TYR B 577 -19.29 36.23 -11.99
CA TYR B 577 -20.09 35.63 -10.92
C TYR B 577 -19.43 34.36 -10.39
N HIS B 578 -18.90 33.53 -11.29
CA HIS B 578 -18.26 32.29 -10.88
C HIS B 578 -17.05 32.54 -10.01
N LEU B 579 -16.23 33.53 -10.38
CA LEU B 579 -15.07 33.88 -9.57
C LEU B 579 -15.50 34.32 -8.17
N LEU B 580 -16.51 35.19 -8.10
CA LEU B 580 -16.95 35.67 -6.78
C LEU B 580 -17.49 34.52 -5.94
N TYR B 581 -18.28 33.64 -6.54
CA TYR B 581 -18.85 32.52 -5.80
C TYR B 581 -17.77 31.58 -5.29
N THR B 582 -16.79 31.26 -6.12
CA THR B 582 -15.70 30.38 -5.69
C THR B 582 -14.90 31.03 -4.58
N ALA B 583 -14.60 32.32 -4.70
CA ALA B 583 -13.83 33.01 -3.66
C ALA B 583 -14.58 33.01 -2.33
N PHE B 584 -15.90 33.26 -2.38
CA PHE B 584 -16.68 33.21 -1.14
C PHE B 584 -16.71 31.80 -0.55
N GLY B 585 -16.85 30.78 -1.39
CA GLY B 585 -16.91 29.41 -0.90
C GLY B 585 -15.60 28.92 -0.34
N PHE B 586 -14.48 29.50 -0.77
CA PHE B 586 -13.19 29.07 -0.23
C PHE B 586 -13.03 29.41 1.25
N PHE B 587 -13.59 30.53 1.69
CA PHE B 587 -13.43 31.03 3.06
C PHE B 587 -14.66 30.77 3.92
N LEU B 588 -15.32 29.64 3.74
CA LEU B 588 -16.60 29.42 4.41
C LEU B 588 -16.47 29.05 5.89
N PRO B 589 -15.57 28.15 6.30
CA PRO B 589 -15.49 27.83 7.73
C PRO B 589 -15.20 29.02 8.62
N ALA B 590 -14.29 29.90 8.18
CA ALA B 590 -13.98 31.08 8.96
C ALA B 590 -15.19 31.99 9.11
N ASN B 591 -15.94 32.18 8.01
CA ASN B 591 -17.13 33.03 8.07
C ASN B 591 -18.20 32.42 8.97
N LEU B 592 -18.39 31.10 8.91
CA LEU B 592 -19.35 30.46 9.80
C LEU B 592 -18.98 30.65 11.26
N TYR B 593 -17.69 30.44 11.58
CA TYR B 593 -17.24 30.62 12.94
C TYR B 593 -17.44 32.06 13.40
N LEU B 594 -17.07 33.02 12.55
CA LEU B 594 -17.20 34.43 12.91
C LEU B 594 -18.66 34.79 13.15
N ALA B 595 -19.55 34.36 12.26
CA ALA B 595 -20.96 34.71 12.40
C ALA B 595 -21.53 34.15 13.69
N LEU B 596 -21.36 32.84 13.91
CA LEU B 596 -21.87 32.24 15.14
C LEU B 596 -21.31 32.93 16.36
N PHE B 597 -19.98 33.05 16.44
CA PHE B 597 -19.33 33.65 17.58
C PHE B 597 -19.89 35.03 17.86
N PHE B 598 -19.69 35.95 16.91
CA PHE B 598 -20.16 37.33 17.08
C PHE B 598 -21.60 37.33 17.54
N ILE B 599 -22.51 36.89 16.66
CA ILE B 599 -23.93 37.08 16.94
C ILE B 599 -24.26 36.47 18.29
N VAL B 600 -24.20 35.14 18.41
CA VAL B 600 -24.77 34.50 19.58
C VAL B 600 -23.93 34.81 20.81
N PHE B 601 -22.65 34.44 20.79
CA PHE B 601 -21.91 34.45 22.04
C PHE B 601 -21.48 35.87 22.44
N GLN B 602 -21.11 36.73 21.49
CA GLN B 602 -20.82 38.09 21.92
C GLN B 602 -22.08 38.89 22.22
N GLY B 603 -23.24 38.50 21.68
CA GLY B 603 -24.47 39.11 22.15
C GLY B 603 -24.77 38.73 23.59
N PHE B 604 -24.54 37.45 23.93
CA PHE B 604 -24.73 37.04 25.31
C PHE B 604 -23.73 37.71 26.25
N GLN B 605 -22.47 37.82 25.82
CA GLN B 605 -21.45 38.36 26.70
C GLN B 605 -21.59 39.87 26.87
N GLN B 606 -21.82 40.60 25.78
CA GLN B 606 -21.84 42.05 25.82
C GLN B 606 -23.25 42.63 25.77
N ASN B 607 -24.26 41.83 26.10
CA ASN B 607 -25.64 42.27 26.24
C ASN B 607 -26.16 42.92 24.95
N ARG B 608 -26.25 42.10 23.91
CA ARG B 608 -26.87 42.51 22.66
C ARG B 608 -28.08 41.67 22.27
N LEU B 609 -28.37 40.59 23.00
CA LEU B 609 -29.63 39.89 22.81
C LEU B 609 -30.78 40.80 23.22
N GLU B 610 -31.81 40.86 22.39
CA GLU B 610 -32.88 41.83 22.60
C GLU B 610 -33.99 41.31 23.51
N PHE B 611 -34.18 40.00 23.61
CA PHE B 611 -35.26 39.45 24.41
C PHE B 611 -34.85 39.19 25.86
N ILE B 612 -33.61 39.53 26.24
CA ILE B 612 -33.16 39.37 27.61
C ILE B 612 -31.98 40.32 27.82
N ASP B 613 -31.84 40.81 29.05
CA ASP B 613 -30.76 41.73 29.40
C ASP B 613 -29.77 41.02 30.32
N THR B 614 -28.48 41.13 29.99
CA THR B 614 -27.43 40.45 30.72
C THR B 614 -26.48 41.43 31.41
N SER B 615 -26.96 42.63 31.70
CA SER B 615 -26.15 43.57 32.48
C SER B 615 -25.91 43.07 33.88
N GLU B 616 -26.73 42.14 34.37
CA GLU B 616 -26.53 41.46 35.64
C GLU B 616 -25.51 40.34 35.47
N TYR B 617 -25.48 39.42 36.45
CA TYR B 617 -24.64 38.23 36.47
C TYR B 617 -23.24 38.55 36.95
N SER B 618 -22.44 37.52 37.20
CA SER B 618 -21.24 37.62 38.02
C SER B 618 -19.98 37.96 37.23
N GLN B 619 -20.10 38.28 35.95
CA GLN B 619 -18.96 38.61 35.09
C GLN B 619 -18.10 37.37 34.86
N THR B 620 -18.45 36.27 35.52
CA THR B 620 -17.80 34.99 35.28
C THR B 620 -18.50 34.18 34.21
N VAL B 621 -19.84 34.18 34.21
CA VAL B 621 -20.59 33.47 33.18
C VAL B 621 -20.38 34.12 31.82
N LEU B 622 -20.27 35.45 31.80
CA LEU B 622 -20.14 36.19 30.54
C LEU B 622 -18.86 35.79 29.81
N ASP B 623 -17.74 35.67 30.53
CA ASP B 623 -16.52 35.19 29.91
C ASP B 623 -16.53 33.67 29.73
N CYS B 624 -17.23 32.96 30.62
CA CYS B 624 -17.27 31.50 30.55
C CYS B 624 -17.91 31.02 29.26
N ALA B 625 -18.95 31.72 28.80
CA ALA B 625 -19.59 31.33 27.55
C ALA B 625 -18.61 31.37 26.38
N VAL B 626 -17.89 32.48 26.24
CA VAL B 626 -16.94 32.63 25.14
C VAL B 626 -15.81 31.61 25.26
N TYR B 627 -15.30 31.41 26.48
CA TYR B 627 -14.21 30.46 26.65
C TYR B 627 -14.64 29.04 26.28
N ILE B 628 -15.83 28.64 26.72
CA ILE B 628 -16.34 27.31 26.39
C ILE B 628 -16.48 27.16 24.88
N TYR B 629 -17.06 28.17 24.24
CA TYR B 629 -17.25 28.10 22.79
C TYR B 629 -15.92 27.93 22.07
N ASN B 630 -14.94 28.77 22.40
CA ASN B 630 -13.65 28.72 21.70
C ASN B 630 -12.95 27.39 21.93
N PHE B 631 -12.90 26.93 23.19
CA PHE B 631 -12.19 25.69 23.47
C PHE B 631 -12.86 24.50 22.79
N SER B 632 -14.20 24.43 22.84
CA SER B 632 -14.89 23.33 22.19
C SER B 632 -14.65 23.33 20.69
N TYR B 633 -14.74 24.50 20.06
CA TYR B 633 -14.55 24.57 18.61
C TYR B 633 -13.14 24.14 18.22
N LEU B 634 -12.13 24.64 18.93
CA LEU B 634 -10.75 24.30 18.58
C LEU B 634 -10.47 22.82 18.81
N PHE B 635 -10.93 22.26 19.94
CA PHE B 635 -10.69 20.85 20.20
C PHE B 635 -11.38 19.97 19.16
N GLY B 636 -12.62 20.32 18.78
CA GLY B 636 -13.31 19.57 17.77
C GLY B 636 -12.59 19.59 16.44
N LEU B 637 -12.12 20.78 16.02
CA LEU B 637 -11.41 20.87 14.75
C LEU B 637 -10.13 20.04 14.78
N LEU B 638 -9.38 20.11 15.88
CA LEU B 638 -8.13 19.34 15.98
C LEU B 638 -8.40 17.84 15.90
N MET B 639 -9.41 17.37 16.66
CA MET B 639 -9.73 15.95 16.62
C MET B 639 -10.16 15.52 15.22
N LEU B 640 -10.99 16.34 14.57
CA LEU B 640 -11.47 15.98 13.23
C LEU B 640 -10.32 15.90 12.24
N ILE B 641 -9.39 16.87 12.28
CA ILE B 641 -8.32 16.83 11.29
C ILE B 641 -7.39 15.66 11.55
N ILE B 642 -7.12 15.36 12.83
CA ILE B 642 -6.25 14.21 13.14
C ILE B 642 -6.89 12.93 12.63
N ILE B 643 -8.17 12.72 12.93
CA ILE B 643 -8.83 11.50 12.50
C ILE B 643 -8.91 11.42 10.99
N GLY B 644 -9.27 12.52 10.32
CA GLY B 644 -9.41 12.49 8.88
C GLY B 644 -8.11 12.19 8.17
N LEU B 645 -7.01 12.80 8.61
CA LEU B 645 -5.73 12.49 7.99
C LEU B 645 -5.17 11.15 8.45
N GLY B 646 -5.70 10.60 9.55
CA GLY B 646 -5.15 9.37 10.11
C GLY B 646 -5.56 8.07 9.46
N ASN B 647 -6.85 7.73 9.52
CA ASN B 647 -7.31 6.39 9.17
C ASN B 647 -8.57 6.47 8.32
N ASN B 648 -9.01 5.30 7.86
CA ASN B 648 -10.22 5.22 7.07
C ASN B 648 -11.45 5.51 7.93
N PRO B 649 -12.41 6.28 7.41
CA PRO B 649 -13.58 6.68 8.22
C PRO B 649 -14.66 5.60 8.26
N LYS B 650 -14.28 4.41 8.70
CA LYS B 650 -15.24 3.33 8.89
C LYS B 650 -15.18 2.73 10.28
N HIS B 651 -14.00 2.66 10.88
CA HIS B 651 -13.84 2.19 12.25
C HIS B 651 -13.77 3.35 13.25
N MET B 652 -14.06 4.57 12.79
CA MET B 652 -14.13 5.74 13.66
C MET B 652 -15.54 6.31 13.67
N LYS B 653 -16.54 5.42 13.60
CA LYS B 653 -17.92 5.84 13.49
C LYS B 653 -18.38 6.63 14.70
N LEU B 654 -18.01 6.17 15.90
CA LEU B 654 -18.50 6.81 17.13
C LEU B 654 -18.01 8.25 17.25
N THR B 655 -16.74 8.49 16.92
CA THR B 655 -16.21 9.85 17.05
C THR B 655 -16.87 10.80 16.06
N TYR B 656 -17.05 10.37 14.82
CA TYR B 656 -17.73 11.21 13.84
C TYR B 656 -19.16 11.51 14.29
N TYR B 657 -19.87 10.50 14.79
CA TYR B 657 -21.22 10.73 15.27
C TYR B 657 -21.24 11.72 16.43
N PHE B 658 -20.30 11.60 17.35
CA PHE B 658 -20.25 12.50 18.50
C PHE B 658 -19.99 13.93 18.07
N VAL B 659 -19.01 14.15 17.18
CA VAL B 659 -18.71 15.49 16.71
C VAL B 659 -19.90 16.07 15.97
N GLY B 660 -20.54 15.27 15.12
CA GLY B 660 -21.72 15.73 14.41
C GLY B 660 -22.84 16.13 15.35
N ALA B 661 -23.06 15.34 16.40
CA ALA B 661 -24.10 15.67 17.36
C ALA B 661 -23.79 16.99 18.08
N VAL B 662 -22.54 17.19 18.48
CA VAL B 662 -22.17 18.43 19.15
C VAL B 662 -22.43 19.62 18.23
N PHE B 663 -21.96 19.54 16.99
CA PHE B 663 -22.14 20.64 16.06
C PHE B 663 -23.61 20.89 15.75
N GLY B 664 -24.40 19.82 15.64
CA GLY B 664 -25.82 20.00 15.39
C GLY B 664 -26.54 20.69 16.53
N LEU B 665 -26.22 20.30 17.77
CA LEU B 665 -26.83 20.98 18.91
C LEU B 665 -26.43 22.45 18.95
N MET B 666 -25.15 22.75 18.66
CA MET B 666 -24.72 24.13 18.60
C MET B 666 -25.49 24.92 17.56
N MET B 667 -25.67 24.33 16.37
CA MET B 667 -26.37 25.03 15.29
C MET B 667 -27.84 25.26 15.63
N MET B 668 -28.49 24.27 16.26
CA MET B 668 -29.89 24.45 16.64
C MET B 668 -30.04 25.54 17.69
N LEU B 669 -29.13 25.58 18.67
CA LEU B 669 -29.17 26.66 19.66
C LEU B 669 -28.99 28.02 19.00
N SER B 670 -28.04 28.12 18.07
CA SER B 670 -27.82 29.37 17.36
C SER B 670 -29.05 29.78 16.56
N SER B 671 -29.70 28.81 15.91
CA SER B 671 -30.90 29.12 15.13
C SER B 671 -32.02 29.65 16.02
N LEU B 672 -32.25 29.01 17.17
CA LEU B 672 -33.30 29.49 18.07
C LEU B 672 -32.99 30.89 18.58
N VAL B 673 -31.74 31.14 18.97
CA VAL B 673 -31.38 32.46 19.46
C VAL B 673 -31.56 33.52 18.37
N GLY B 674 -31.14 33.21 17.15
CA GLY B 674 -31.30 34.15 16.06
C GLY B 674 -32.76 34.45 15.75
N ALA B 675 -33.61 33.42 15.76
CA ALA B 675 -35.03 33.64 15.53
C ALA B 675 -35.63 34.53 16.62
N GLY B 676 -35.27 34.29 17.88
CA GLY B 676 -35.75 35.15 18.94
C GLY B 676 -35.30 36.59 18.78
N ILE B 677 -34.02 36.78 18.44
CA ILE B 677 -33.49 38.13 18.25
C ILE B 677 -34.23 38.85 17.12
N PHE B 678 -34.46 38.14 16.00
CA PHE B 678 -35.15 38.77 14.89
C PHE B 678 -36.58 39.14 15.25
N PHE B 679 -37.29 38.24 15.94
CA PHE B 679 -38.69 38.53 16.27
C PHE B 679 -38.82 39.65 17.30
N SER B 680 -37.86 39.78 18.22
CA SER B 680 -37.97 40.81 19.24
C SER B 680 -37.84 42.21 18.66
N THR B 681 -37.06 42.39 17.60
CA THR B 681 -36.81 43.72 17.05
C THR B 681 -38.09 44.30 16.47
N PRO B 682 -38.37 45.60 16.68
CA PRO B 682 -39.56 46.21 16.07
C PRO B 682 -39.53 46.25 14.55
N ALA B 683 -38.35 46.08 13.92
CA ALA B 683 -38.17 45.86 12.49
C ALA B 683 -38.06 47.16 11.72
N THR B 684 -37.45 47.09 10.53
CA THR B 684 -37.20 48.25 9.69
C THR B 684 -37.18 47.78 8.24
N VAL B 685 -37.17 48.74 7.32
CA VAL B 685 -37.13 48.40 5.90
C VAL B 685 -35.86 47.61 5.57
N HIS B 686 -34.73 48.07 6.10
CA HIS B 686 -33.47 47.37 5.87
C HIS B 686 -33.54 45.95 6.44
N SER B 687 -34.09 45.80 7.64
CA SER B 687 -34.15 44.48 8.27
C SER B 687 -34.99 43.51 7.45
N ILE B 688 -36.17 43.95 7.02
CA ILE B 688 -37.07 43.05 6.30
C ILE B 688 -36.51 42.72 4.92
N VAL B 689 -35.91 43.71 4.25
CA VAL B 689 -35.33 43.46 2.93
C VAL B 689 -34.18 42.45 3.05
N VAL B 690 -33.30 42.64 4.03
CA VAL B 690 -32.19 41.72 4.22
C VAL B 690 -32.70 40.32 4.55
N SER B 691 -33.69 40.23 5.44
CA SER B 691 -34.21 38.92 5.82
C SER B 691 -34.80 38.21 4.61
N ILE B 692 -35.59 38.92 3.81
CA ILE B 692 -36.15 38.32 2.59
C ILE B 692 -35.04 37.82 1.69
N LEU B 693 -34.18 38.72 1.23
CA LEU B 693 -33.15 38.38 0.25
C LEU B 693 -32.13 37.39 0.78
N THR B 694 -32.07 37.16 2.09
CA THR B 694 -31.14 36.18 2.62
C THR B 694 -31.78 34.81 2.80
N VAL B 695 -32.92 34.74 3.49
CA VAL B 695 -33.50 33.45 3.85
C VAL B 695 -34.68 33.08 2.96
N GLY B 696 -35.55 34.02 2.65
CA GLY B 696 -36.77 33.64 1.98
C GLY B 696 -36.65 33.38 0.49
N VAL B 697 -35.46 33.56 -0.07
CA VAL B 697 -35.26 33.24 -1.48
C VAL B 697 -35.52 31.76 -1.74
N TYR B 698 -35.12 30.90 -0.80
CA TYR B 698 -35.38 29.47 -0.94
C TYR B 698 -36.86 29.20 -1.08
N PHE B 699 -37.67 29.73 -0.16
CA PHE B 699 -39.10 29.48 -0.20
C PHE B 699 -39.76 30.10 -1.42
N ILE B 700 -39.32 31.31 -1.80
CA ILE B 700 -39.92 31.96 -2.98
C ILE B 700 -39.64 31.14 -4.23
N ALA B 701 -38.39 30.74 -4.43
CA ALA B 701 -38.05 29.95 -5.62
C ALA B 701 -38.75 28.59 -5.60
N SER B 702 -38.85 27.98 -4.42
CA SER B 702 -39.51 26.69 -4.32
C SER B 702 -40.99 26.79 -4.65
N ALA B 703 -41.65 27.86 -4.17
CA ALA B 703 -43.06 28.04 -4.48
C ALA B 703 -43.28 28.38 -5.95
N LEU B 704 -42.32 29.10 -6.57
CA LEU B 704 -42.48 29.46 -7.97
C LEU B 704 -42.53 28.22 -8.86
N HIS B 705 -41.71 27.22 -8.57
CA HIS B 705 -41.66 26.00 -9.36
C HIS B 705 -42.61 24.92 -8.87
N GLY B 706 -43.41 25.21 -7.85
CA GLY B 706 -44.42 24.27 -7.39
C GLY B 706 -43.93 23.23 -6.41
N GLU B 707 -42.64 23.20 -6.10
CA GLU B 707 -42.08 22.24 -5.15
C GLU B 707 -41.78 22.99 -3.85
N VAL B 708 -42.80 23.11 -3.00
CA VAL B 708 -42.68 23.87 -1.77
C VAL B 708 -42.77 22.98 -0.52
N HIS B 709 -43.57 21.90 -0.56
CA HIS B 709 -43.75 21.07 0.62
C HIS B 709 -42.46 20.37 1.02
N HIS B 710 -41.61 20.01 0.05
CA HIS B 710 -40.35 19.36 0.38
C HIS B 710 -39.48 20.27 1.23
N ILE B 711 -39.44 21.56 0.90
CA ILE B 711 -38.65 22.51 1.69
C ILE B 711 -39.19 22.59 3.11
N PHE B 712 -40.52 22.68 3.25
CA PHE B 712 -41.11 22.71 4.59
C PHE B 712 -40.73 21.47 5.39
N MET B 713 -40.74 20.30 4.74
CA MET B 713 -40.47 19.06 5.47
C MET B 713 -39.01 18.96 5.87
N THR B 714 -38.09 19.39 5.01
CA THR B 714 -36.68 19.08 5.21
C THR B 714 -35.81 20.27 5.64
N PHE B 715 -36.39 21.46 5.81
CA PHE B 715 -35.59 22.62 6.19
C PHE B 715 -34.95 22.43 7.55
N THR B 716 -35.72 21.95 8.53
CA THR B 716 -35.20 21.75 9.86
C THR B 716 -34.09 20.71 9.87
N HIS B 717 -34.29 19.61 9.12
CA HIS B 717 -33.28 18.56 9.07
C HIS B 717 -32.00 19.05 8.41
N TYR B 718 -32.12 19.89 7.38
CA TYR B 718 -30.91 20.40 6.73
C TYR B 718 -30.20 21.45 7.57
N THR B 719 -30.95 22.21 8.38
CA THR B 719 -30.32 23.28 9.16
C THR B 719 -29.32 22.73 10.17
N ALA B 720 -29.55 21.54 10.69
CA ALA B 720 -28.73 20.99 11.76
C ALA B 720 -27.48 20.28 11.25
N LEU B 721 -27.23 20.26 9.94
CA LEU B 721 -26.06 19.59 9.39
C LEU B 721 -25.12 20.53 8.65
N ILE B 722 -25.36 21.84 8.69
CA ILE B 722 -24.49 22.77 7.98
C ILE B 722 -23.04 22.73 8.50
N PRO B 723 -22.78 22.87 9.80
CA PRO B 723 -21.38 22.79 10.24
C PRO B 723 -20.76 21.43 9.96
N SER B 724 -21.53 20.36 10.12
CA SER B 724 -21.03 19.03 9.79
C SER B 724 -20.61 18.97 8.34
N PHE B 725 -21.52 19.35 7.43
CA PHE B 725 -21.22 19.42 6.01
C PHE B 725 -19.90 20.13 5.79
N VAL B 726 -19.86 21.42 6.12
CA VAL B 726 -18.71 22.26 5.81
C VAL B 726 -17.44 21.64 6.36
N ASN B 727 -17.34 21.57 7.69
CA ASN B 727 -16.10 21.18 8.32
C ASN B 727 -15.69 19.77 7.93
N ILE B 728 -16.53 18.78 8.25
CA ILE B 728 -16.13 17.39 8.09
C ILE B 728 -15.85 17.08 6.62
N PHE B 729 -16.78 17.41 5.73
CA PHE B 729 -16.60 17.02 4.33
C PHE B 729 -15.40 17.72 3.72
N THR B 730 -15.23 19.03 3.96
CA THR B 730 -14.09 19.72 3.35
C THR B 730 -12.78 19.18 3.88
N ILE B 731 -12.68 18.95 5.20
CA ILE B 731 -11.42 18.48 5.78
C ILE B 731 -11.08 17.09 5.25
N TYR B 732 -12.06 16.19 5.23
CA TYR B 732 -11.77 14.84 4.75
C TYR B 732 -11.45 14.83 3.26
N SER B 733 -12.11 15.68 2.48
CA SER B 733 -11.78 15.77 1.06
C SER B 733 -10.35 16.25 0.85
N PHE B 734 -9.93 17.27 1.60
CA PHE B 734 -8.59 17.81 1.39
C PHE B 734 -7.50 16.89 1.95
N CYS B 735 -7.82 16.10 2.97
CA CYS B 735 -6.79 15.27 3.59
C CYS B 735 -6.45 14.07 2.72
N ASN B 736 -7.43 13.47 2.07
CA ASN B 736 -7.24 12.24 1.30
C ASN B 736 -7.12 12.50 -0.19
N LEU B 737 -6.49 13.61 -0.58
CA LEU B 737 -6.22 13.90 -1.97
C LEU B 737 -5.17 12.94 -2.56
N GLN B 738 -4.50 12.15 -1.72
CA GLN B 738 -3.44 11.25 -2.16
C GLN B 738 -3.94 10.11 -3.01
N ASP B 739 -5.26 9.92 -3.13
CA ASP B 739 -5.80 8.72 -3.75
C ASP B 739 -5.56 8.71 -5.25
N LEU B 740 -4.29 8.50 -5.64
CA LEU B 740 -3.96 8.33 -7.04
C LEU B 740 -4.41 6.95 -7.54
N SER B 741 -4.58 6.84 -8.85
CA SER B 741 -4.95 5.60 -9.50
C SER B 741 -3.78 5.10 -10.34
N TRP B 742 -3.55 3.79 -10.28
CA TRP B 742 -2.44 3.15 -11.00
C TRP B 742 -1.09 3.69 -10.55
N GLU B 759 12.61 -12.87 -25.83
CA GLU B 759 12.07 -13.42 -27.07
C GLU B 759 13.08 -14.29 -27.82
N THR B 760 13.84 -15.11 -27.07
CA THR B 760 14.81 -16.01 -27.63
C THR B 760 14.41 -17.44 -27.30
N GLU B 761 14.36 -18.30 -28.32
CA GLU B 761 13.77 -19.62 -28.16
C GLU B 761 14.77 -20.61 -27.55
N LYS B 762 15.98 -20.69 -28.11
CA LYS B 762 16.97 -21.63 -27.56
C LYS B 762 17.77 -20.86 -26.53
N GLY B 763 19.09 -21.00 -26.54
CA GLY B 763 19.93 -20.22 -25.65
C GLY B 763 21.12 -21.00 -25.14
N ASP B 764 22.08 -20.26 -24.59
CA ASP B 764 23.17 -20.83 -23.83
C ASP B 764 23.19 -20.20 -22.44
N PHE B 765 24.18 -20.59 -21.64
CA PHE B 765 24.21 -20.23 -20.24
C PHE B 765 24.36 -18.72 -20.04
N LYS B 766 25.30 -18.11 -20.78
CA LYS B 766 25.55 -16.68 -20.62
C LYS B 766 24.33 -15.86 -20.96
N ASP B 767 23.56 -16.31 -21.96
CA ASP B 767 22.31 -15.64 -22.29
C ASP B 767 21.34 -15.69 -21.11
N VAL B 768 21.29 -16.82 -20.41
CA VAL B 768 20.43 -16.94 -19.23
C VAL B 768 20.84 -15.94 -18.16
N ILE B 769 22.15 -15.85 -17.90
CA ILE B 769 22.62 -14.92 -16.88
C ILE B 769 22.29 -13.48 -17.26
N ALA B 770 22.51 -13.12 -18.52
CA ALA B 770 22.21 -11.77 -18.97
C ALA B 770 20.72 -11.48 -18.86
N LYS B 771 19.88 -12.44 -19.21
CA LYS B 771 18.43 -12.26 -19.12
C LYS B 771 18.01 -11.99 -17.68
N ARG B 772 18.54 -12.79 -16.74
CA ARG B 772 18.17 -12.58 -15.33
C ARG B 772 18.61 -11.21 -14.84
N ARG B 773 19.84 -10.80 -15.19
CA ARG B 773 20.31 -9.49 -14.75
C ARG B 773 19.47 -8.36 -15.33
N ALA B 774 19.12 -8.46 -16.61
CA ALA B 774 18.30 -7.44 -17.24
C ALA B 774 16.93 -7.34 -16.58
N LEU B 775 16.31 -8.49 -16.29
CA LEU B 775 15.01 -8.47 -15.64
C LEU B 775 15.09 -7.81 -14.27
N GLU B 776 16.12 -8.14 -13.50
CA GLU B 776 16.27 -7.52 -12.18
C GLU B 776 16.43 -6.01 -12.30
N GLU B 777 17.26 -5.55 -13.25
CA GLU B 777 17.46 -4.11 -13.42
C GLU B 777 16.15 -3.42 -13.78
N LEU B 778 15.37 -4.00 -14.71
CA LEU B 778 14.11 -3.39 -15.10
C LEU B 778 13.15 -3.31 -13.92
N ARG B 779 13.08 -4.37 -13.12
CA ARG B 779 12.18 -4.36 -11.97
C ARG B 779 12.56 -3.25 -10.97
N ARG B 780 13.86 -3.12 -10.70
CA ARG B 780 14.29 -2.09 -9.75
C ARG B 780 13.99 -0.69 -10.28
N GLU B 781 14.21 -0.46 -11.58
CA GLU B 781 13.91 0.85 -12.15
C GLU B 781 12.41 1.16 -12.05
N GLU B 782 11.56 0.17 -12.32
CA GLU B 782 10.12 0.37 -12.21
C GLU B 782 9.73 0.75 -10.78
N LYS B 783 10.29 0.05 -9.80
CA LYS B 783 9.98 0.36 -8.41
C LYS B 783 10.40 1.79 -8.06
N GLU B 784 11.58 2.20 -8.52
CA GLU B 784 12.03 3.57 -8.26
C GLU B 784 11.07 4.60 -8.88
N ARG B 785 10.62 4.35 -10.11
CA ARG B 785 9.71 5.29 -10.76
C ARG B 785 8.40 5.41 -9.99
N VAL B 786 7.86 4.29 -9.52
CA VAL B 786 6.62 4.32 -8.74
C VAL B 786 6.81 5.13 -7.46
N GLU B 787 7.94 4.91 -6.78
CA GLU B 787 8.23 5.68 -5.57
C GLU B 787 8.24 7.17 -5.85
N ASN B 788 8.91 7.57 -6.94
CA ASN B 788 9.00 9.00 -7.27
C ASN B 788 7.61 9.59 -7.52
N ARG B 789 6.77 8.89 -8.26
CA ARG B 789 5.44 9.41 -8.55
C ARG B 789 4.63 9.61 -7.27
N LYS B 790 4.65 8.62 -6.38
CA LYS B 790 3.90 8.74 -5.13
C LYS B 790 4.42 9.89 -4.29
N LYS B 791 5.74 10.06 -4.23
CA LYS B 791 6.31 11.17 -3.47
C LYS B 791 5.80 12.51 -3.97
N ASN B 792 5.83 12.70 -5.30
CA ASN B 792 5.37 13.99 -5.85
C ASN B 792 3.91 14.24 -5.51
N PHE B 793 3.05 13.23 -5.68
CA PHE B 793 1.63 13.46 -5.41
C PHE B 793 1.38 13.81 -3.96
N GLU B 794 2.04 13.10 -3.03
CA GLU B 794 1.85 13.40 -1.61
C GLU B 794 2.31 14.81 -1.27
N ALA B 795 3.45 15.24 -1.83
CA ALA B 795 3.92 16.59 -1.55
C ALA B 795 2.93 17.63 -2.03
N PHE B 796 2.36 17.43 -3.23
CA PHE B 796 1.40 18.40 -3.74
C PHE B 796 0.18 18.50 -2.83
N ARG B 797 -0.38 17.35 -2.43
CA ARG B 797 -1.58 17.40 -1.60
C ARG B 797 -1.29 18.07 -0.26
N THR B 798 -0.13 17.79 0.33
CA THR B 798 0.21 18.40 1.61
C THR B 798 0.33 19.91 1.49
N ASN B 799 0.97 20.39 0.42
CA ASN B 799 1.09 21.84 0.24
C ASN B 799 -0.28 22.49 0.12
N VAL B 800 -1.19 21.88 -0.66
CA VAL B 800 -2.52 22.48 -0.82
C VAL B 800 -3.25 22.54 0.52
N LEU B 801 -3.22 21.43 1.28
CA LEU B 801 -3.92 21.41 2.56
C LEU B 801 -3.38 22.46 3.52
N LEU B 802 -2.05 22.58 3.60
CA LEU B 802 -1.47 23.57 4.50
C LEU B 802 -1.89 24.98 4.10
N THR B 803 -1.86 25.29 2.80
CA THR B 803 -2.27 26.61 2.35
C THR B 803 -3.70 26.91 2.77
N TRP B 804 -4.62 25.97 2.53
CA TRP B 804 -6.02 26.19 2.85
C TRP B 804 -6.21 26.45 4.35
N ALA B 805 -5.69 25.55 5.18
CA ALA B 805 -5.92 25.65 6.62
C ALA B 805 -5.33 26.93 7.19
N PHE B 806 -4.09 27.27 6.79
CA PHE B 806 -3.47 28.45 7.37
C PHE B 806 -4.10 29.73 6.87
N SER B 807 -4.57 29.76 5.61
CA SER B 807 -5.29 30.94 5.14
C SER B 807 -6.54 31.18 5.98
N ASN B 808 -7.32 30.11 6.21
CA ASN B 808 -8.54 30.27 7.01
C ASN B 808 -8.21 30.74 8.43
N LEU B 809 -7.21 30.13 9.06
CA LEU B 809 -6.88 30.49 10.43
C LEU B 809 -6.41 31.94 10.55
N ILE B 810 -5.54 32.37 9.63
CA ILE B 810 -5.01 33.72 9.70
C ILE B 810 -6.11 34.74 9.47
N PHE B 811 -6.99 34.49 8.49
CA PHE B 811 -8.10 35.41 8.27
C PHE B 811 -8.98 35.52 9.50
N ALA B 812 -9.32 34.39 10.12
CA ALA B 812 -10.18 34.42 11.30
C ALA B 812 -9.53 35.20 12.43
N LEU B 813 -8.24 34.96 12.69
CA LEU B 813 -7.56 35.65 13.78
C LEU B 813 -7.51 37.15 13.55
N PHE B 814 -7.15 37.57 12.33
CA PHE B 814 -7.06 39.00 12.06
C PHE B 814 -8.42 39.68 12.19
N VAL B 815 -9.47 39.03 11.69
CA VAL B 815 -10.79 39.65 11.78
C VAL B 815 -11.27 39.71 13.23
N VAL B 816 -10.95 38.69 14.03
CA VAL B 816 -11.37 38.72 15.44
C VAL B 816 -10.64 39.83 16.18
N TYR B 817 -9.34 40.01 15.93
CA TYR B 817 -8.57 40.94 16.74
C TYR B 817 -8.65 42.38 16.29
N PHE B 818 -8.84 42.65 15.00
CA PHE B 818 -8.79 44.01 14.48
C PHE B 818 -10.12 44.51 13.92
N ALA B 819 -11.23 43.91 14.33
CA ALA B 819 -12.53 44.34 13.83
C ALA B 819 -13.57 44.16 14.92
N SER B 820 -14.68 44.88 14.78
CA SER B 820 -15.77 44.84 15.72
C SER B 820 -16.98 44.15 15.09
N SER B 821 -17.91 43.74 15.96
CA SER B 821 -19.13 43.11 15.47
C SER B 821 -20.07 44.10 14.80
N SER B 822 -19.80 45.39 14.88
CA SER B 822 -20.62 46.40 14.22
C SER B 822 -20.06 46.87 12.90
N THR B 823 -18.79 46.58 12.61
CA THR B 823 -18.15 46.99 11.36
C THR B 823 -17.87 45.81 10.44
N TYR B 824 -18.33 44.61 10.79
CA TYR B 824 -18.09 43.42 9.98
C TYR B 824 -19.37 42.75 9.50
N MET B 825 -20.38 42.61 10.36
CA MET B 825 -21.60 41.93 9.96
C MET B 825 -22.30 42.54 8.76
N PRO B 826 -22.42 43.87 8.63
CA PRO B 826 -23.08 44.41 7.42
C PRO B 826 -22.44 43.96 6.12
N VAL B 827 -21.11 43.83 6.09
CA VAL B 827 -20.44 43.37 4.88
C VAL B 827 -20.87 41.95 4.55
N LEU B 828 -20.92 41.07 5.56
CA LEU B 828 -21.36 39.70 5.32
C LEU B 828 -22.80 39.66 4.84
N TYR B 829 -23.67 40.47 5.44
CA TYR B 829 -25.06 40.50 5.00
C TYR B 829 -25.17 40.96 3.55
N ILE B 830 -24.41 41.99 3.17
CA ILE B 830 -24.45 42.48 1.80
C ILE B 830 -23.98 41.39 0.83
N PHE B 831 -22.90 40.69 1.18
CA PHE B 831 -22.37 39.67 0.29
C PHE B 831 -23.38 38.54 0.08
N VAL B 832 -23.94 38.02 1.17
CA VAL B 832 -24.89 36.92 1.07
C VAL B 832 -26.14 37.36 0.31
N ALA B 833 -26.63 38.58 0.59
CA ALA B 833 -27.81 39.07 -0.11
C ALA B 833 -27.55 39.21 -1.61
N SER B 834 -26.37 39.69 -1.99
CA SER B 834 -26.04 39.81 -3.40
C SER B 834 -26.05 38.46 -4.09
N LEU B 835 -25.39 37.46 -3.47
CA LEU B 835 -25.33 36.15 -4.10
C LEU B 835 -26.73 35.54 -4.24
N ASN B 836 -27.54 35.63 -3.19
CA ASN B 836 -28.87 35.03 -3.27
C ASN B 836 -29.78 35.78 -4.24
N THR B 837 -29.62 37.10 -4.35
CA THR B 837 -30.39 37.84 -5.35
C THR B 837 -30.03 37.40 -6.75
N CYS B 838 -28.73 37.21 -7.03
CA CYS B 838 -28.34 36.75 -8.36
C CYS B 838 -28.92 35.37 -8.65
N ARG B 839 -28.86 34.46 -7.68
CA ARG B 839 -29.42 33.12 -7.88
C ARG B 839 -30.92 33.16 -8.12
N LEU B 840 -31.64 34.00 -7.36
CA LEU B 840 -33.09 34.11 -7.55
C LEU B 840 -33.42 34.65 -8.93
N LEU B 841 -32.68 35.66 -9.38
CA LEU B 841 -32.92 36.18 -10.72
C LEU B 841 -32.69 35.12 -11.78
N GLY B 842 -31.63 34.31 -11.62
CA GLY B 842 -31.40 33.23 -12.55
C GLY B 842 -32.53 32.23 -12.60
N SER B 843 -33.05 31.84 -11.41
CA SER B 843 -34.15 30.88 -11.37
C SER B 843 -35.39 31.45 -12.04
N ILE B 844 -35.72 32.72 -11.76
CA ILE B 844 -36.90 33.32 -12.37
C ILE B 844 -36.75 33.39 -13.88
N GLY B 845 -35.55 33.75 -14.36
CA GLY B 845 -35.32 33.78 -15.79
C GLY B 845 -35.49 32.42 -16.44
N HIS B 846 -34.99 31.37 -15.79
CA HIS B 846 -35.15 30.02 -16.35
C HIS B 846 -36.62 29.64 -16.42
N TRP B 847 -37.38 29.93 -15.36
CA TRP B 847 -38.80 29.59 -15.40
C TRP B 847 -39.53 30.35 -16.50
N VAL B 848 -39.24 31.64 -16.64
CA VAL B 848 -39.89 32.44 -17.68
C VAL B 848 -39.55 31.89 -19.05
N TYR B 849 -38.29 31.54 -19.29
CA TYR B 849 -37.90 30.98 -20.58
C TYR B 849 -38.64 29.67 -20.84
N ILE B 850 -38.66 28.76 -19.86
CA ILE B 850 -39.23 27.45 -20.12
C ILE B 850 -40.74 27.55 -20.33
N HIS B 851 -41.40 28.54 -19.73
CA HIS B 851 -42.84 28.68 -19.93
C HIS B 851 -43.21 29.60 -21.09
N THR B 852 -42.26 30.33 -21.66
CA THR B 852 -42.54 31.27 -22.74
C THR B 852 -42.08 30.81 -24.11
N GLU B 853 -40.89 30.20 -24.19
CA GLU B 853 -40.29 29.90 -25.48
C GLU B 853 -41.18 29.00 -26.31
N GLY B 854 -41.89 28.06 -25.67
CA GLY B 854 -42.74 27.16 -26.42
C GLY B 854 -43.79 27.87 -27.25
N LEU B 855 -44.31 28.99 -26.73
CA LEU B 855 -45.29 29.78 -27.46
C LEU B 855 -44.64 30.85 -28.34
N ARG B 856 -43.54 31.43 -27.89
CA ARG B 856 -42.94 32.58 -28.55
C ARG B 856 -41.86 32.22 -29.57
N GLY B 857 -41.60 30.93 -29.79
CA GLY B 857 -40.56 30.55 -30.73
C GLY B 857 -40.93 30.69 -32.20
N ARG B 858 -42.21 30.96 -32.50
CA ARG B 858 -42.61 31.11 -33.89
C ARG B 858 -41.92 32.31 -34.55
N VAL B 859 -41.83 33.43 -33.83
CA VAL B 859 -41.17 34.61 -34.37
C VAL B 859 -39.67 34.35 -34.56
N ILE B 860 -39.02 33.82 -33.53
CA ILE B 860 -37.60 33.51 -33.60
C ILE B 860 -37.36 32.11 -33.05
#